data_4G1N
#
_entry.id   4G1N
#
_cell.length_a   168.118
_cell.length_b   94.141
_cell.length_c   146.149
_cell.angle_alpha   90.000
_cell.angle_beta   99.390
_cell.angle_gamma   90.000
#
_symmetry.space_group_name_H-M   'C 1 2 1'
#
loop_
_entity.id
_entity.type
_entity.pdbx_description
1 polymer 'Pyruvate kinase isozymes M1/M2'
2 non-polymer 'OXALATE ION'
3 non-polymer 'MAGNESIUM ION'
4 non-polymer N-(4-{[4-(pyrazin-2-yl)piperazin-1-yl]carbonyl}phenyl)quinoline-8-sulfonamide
5 water water
#
_entity_poly.entity_id   1
_entity_poly.type   'polypeptide(L)'
_entity_poly.pdbx_seq_one_letter_code
;QTQQLHAAMADTFLEHMCRLDIDSPPITARNTGIICTIGPASRSVETLKEMIKSGMNVARLNFSHGTHEYHAETIKNVRT
ATESFASDPILYRPVAVALDTKGPEIRTGLIKGSGTAEVELKKGATLKITLDNAYMEKCDENILWLDYKNICKVVEVGSK
IYVDDGLISLQVKQKGADFLVTEVENGGSLGSKKGVNLPGAAVDLPAVSEKDIQDLKFGVEQDVDMVFASFIRKASDVHE
VRKVLGEKGKNIKIISKIENHEGVRRFDEILEASDGIMVARGDLGIEIPAEKVFLAQKMMIGRCNRAGKPVICATQMLES
MIKKPRPTRAEGSDVANAVLDGADCIMLSGETAKGDYPLEAVRMQHLIAREAEAAIYHLQLFEELRRLAPITSDPTEATA
VGAVEASFKCCSGAIIVLTKSGRSAHQVARYRPRAPIIAVTRNPQTARQAHLYRGIFPVLCKDPVQEAWAEDVDLRVNFA
MNVGKARGFFKKGDVVIVLTGWRPGSGFTNTMRVVPVP
;
_entity_poly.pdbx_strand_id   A,B,C,D
#
loop_
_chem_comp.id
_chem_comp.type
_chem_comp.name
_chem_comp.formula
MG non-polymer 'MAGNESIUM ION' 'Mg 2'
NZT non-polymer N-(4-{[4-(pyrazin-2-yl)piperazin-1-yl]carbonyl}phenyl)quinoline-8-sulfonamide 'C24 H22 N6 O3 S'
OXL non-polymer 'OXALATE ION' 'C2 O4 -2'
#
# COMPACT_ATOMS: atom_id res chain seq x y z
N GLN A 1 -21.58 -17.06 -4.46
CA GLN A 1 -20.09 -16.99 -4.61
C GLN A 1 -19.40 -18.14 -3.86
N THR A 2 -18.41 -18.72 -4.53
CA THR A 2 -17.68 -19.90 -4.06
C THR A 2 -16.28 -19.53 -3.52
N GLN A 3 -15.61 -20.48 -2.86
CA GLN A 3 -14.24 -20.31 -2.31
C GLN A 3 -13.87 -18.88 -1.81
N GLN A 4 -14.77 -18.27 -1.04
CA GLN A 4 -14.59 -16.91 -0.48
C GLN A 4 -14.17 -15.87 -1.55
N LEU A 5 -14.71 -16.02 -2.76
CA LEU A 5 -14.30 -15.13 -3.85
C LEU A 5 -14.87 -13.73 -3.71
N HIS A 6 -15.87 -13.59 -2.83
CA HIS A 6 -16.39 -12.30 -2.46
C HIS A 6 -15.38 -11.55 -1.57
N ALA A 7 -14.74 -12.26 -0.65
CA ALA A 7 -13.75 -11.66 0.25
C ALA A 7 -12.42 -11.40 -0.46
N ALA A 8 -12.16 -12.19 -1.51
CA ALA A 8 -10.92 -12.09 -2.30
C ALA A 8 -10.77 -10.77 -3.08
N MET A 9 -11.91 -10.13 -3.39
CA MET A 9 -11.93 -8.89 -4.18
C MET A 9 -11.80 -7.64 -3.30
N ALA A 10 -11.80 -7.79 -1.98
CA ALA A 10 -11.71 -6.66 -1.07
C ALA A 10 -10.40 -5.88 -1.17
N ASP A 11 -10.49 -4.55 -1.13
CA ASP A 11 -9.32 -3.68 -1.17
C ASP A 11 -8.63 -3.52 0.19
N THR A 12 -9.31 -3.86 1.28
CA THR A 12 -8.60 -3.86 2.56
C THR A 12 -8.65 -5.21 3.26
N PHE A 13 -7.62 -5.50 4.02
CA PHE A 13 -7.65 -6.68 4.85
C PHE A 13 -8.88 -6.73 5.76
N LEU A 14 -9.19 -5.60 6.40
CA LEU A 14 -10.35 -5.53 7.26
C LEU A 14 -11.64 -5.91 6.52
N GLU A 15 -11.87 -5.31 5.36
CA GLU A 15 -13.06 -5.66 4.60
C GLU A 15 -13.02 -7.11 4.14
N HIS A 16 -11.83 -7.62 3.84
CA HIS A 16 -11.69 -9.02 3.48
C HIS A 16 -12.19 -9.88 4.61
N MET A 17 -11.77 -9.57 5.84
CA MET A 17 -12.30 -10.29 7.01
C MET A 17 -13.83 -10.19 7.12
N CYS A 18 -14.38 -8.99 6.95
CA CYS A 18 -15.84 -8.76 7.07
C CYS A 18 -16.66 -9.56 6.07
N ARG A 19 -16.03 -9.99 4.98
CA ARG A 19 -16.74 -10.70 3.94
C ARG A 19 -16.64 -12.19 4.05
N LEU A 20 -15.87 -12.72 4.99
CA LEU A 20 -15.75 -14.19 5.08
C LEU A 20 -17.13 -14.77 5.33
N ASP A 21 -17.38 -15.93 4.74
CA ASP A 21 -18.76 -16.39 4.60
C ASP A 21 -18.80 -17.89 4.81
N ILE A 22 -19.41 -18.32 5.91
CA ILE A 22 -19.53 -19.73 6.18
C ILE A 22 -20.37 -20.51 5.15
N ASP A 23 -21.15 -19.80 4.33
CA ASP A 23 -21.99 -20.44 3.28
C ASP A 23 -21.32 -20.41 1.90
N SER A 24 -20.06 -19.99 1.84
CA SER A 24 -19.33 -19.94 0.59
C SER A 24 -18.48 -21.21 0.58
N PRO A 25 -18.98 -22.31 -0.04
CA PRO A 25 -18.23 -23.59 -0.01
C PRO A 25 -16.86 -23.51 -0.70
N PRO A 26 -15.85 -24.17 -0.12
CA PRO A 26 -14.51 -24.15 -0.72
C PRO A 26 -14.45 -25.02 -1.99
N ILE A 27 -13.35 -24.91 -2.74
CA ILE A 27 -13.09 -25.85 -3.84
C ILE A 27 -12.82 -27.21 -3.24
N THR A 28 -12.68 -28.24 -4.07
CA THR A 28 -12.43 -29.56 -3.50
C THR A 28 -10.95 -29.78 -3.15
N ALA A 29 -10.04 -29.12 -3.86
CA ALA A 29 -8.60 -29.25 -3.63
C ALA A 29 -8.18 -28.78 -2.23
N ARG A 30 -7.22 -29.49 -1.64
CA ARG A 30 -6.67 -29.08 -0.36
C ARG A 30 -5.15 -28.91 -0.51
N ASN A 31 -4.64 -27.68 -0.33
CA ASN A 31 -3.25 -27.35 -0.66
C ASN A 31 -2.17 -27.71 0.42
N THR A 32 -2.57 -27.78 1.68
CA THR A 32 -1.64 -27.88 2.77
C THR A 32 -1.33 -29.35 2.99
N GLY A 33 -0.05 -29.69 3.05
CA GLY A 33 0.34 -31.07 3.32
C GLY A 33 -0.01 -31.51 4.74
N ILE A 34 -0.38 -32.80 4.91
CA ILE A 34 -0.70 -33.37 6.19
C ILE A 34 0.30 -34.48 6.52
N ILE A 35 1.00 -34.29 7.62
CA ILE A 35 2.04 -35.18 8.06
C ILE A 35 1.52 -35.94 9.27
N CYS A 36 1.59 -37.27 9.24
CA CYS A 36 1.16 -38.08 10.39
C CYS A 36 2.28 -38.87 11.00
N THR A 37 2.35 -38.83 12.32
CA THR A 37 3.24 -39.70 13.07
C THR A 37 2.60 -41.08 13.13
N ILE A 38 3.38 -42.11 12.82
CA ILE A 38 2.86 -43.48 12.90
C ILE A 38 3.35 -44.18 14.17
N GLY A 39 2.42 -44.83 14.85
CA GLY A 39 2.71 -45.67 16.01
C GLY A 39 1.63 -46.75 16.15
N PRO A 40 1.49 -47.34 17.37
CA PRO A 40 0.56 -48.46 17.65
C PRO A 40 -0.82 -48.27 17.06
N ALA A 41 -1.38 -47.07 17.16
CA ALA A 41 -2.74 -46.82 16.68
C ALA A 41 -2.88 -46.83 15.16
N SER A 42 -1.78 -46.64 14.45
CA SER A 42 -1.85 -46.39 13.02
C SER A 42 -0.85 -47.17 12.15
N ARG A 43 -0.17 -48.16 12.70
CA ARG A 43 0.88 -48.86 11.94
C ARG A 43 0.42 -50.10 11.14
N SER A 44 -0.83 -50.52 11.32
CA SER A 44 -1.34 -51.65 10.56
C SER A 44 -1.57 -51.25 9.09
N VAL A 45 -1.40 -52.21 8.18
CA VAL A 45 -1.61 -51.95 6.75
C VAL A 45 -3.02 -51.42 6.48
N GLU A 46 -4.01 -52.09 7.05
CA GLU A 46 -5.40 -51.69 6.91
C GLU A 46 -5.74 -50.29 7.43
N THR A 47 -5.17 -49.93 8.58
CA THR A 47 -5.38 -48.57 9.12
C THR A 47 -4.68 -47.50 8.25
N LEU A 48 -3.43 -47.74 7.85
CA LEU A 48 -2.73 -46.87 6.92
C LEU A 48 -3.46 -46.57 5.63
N LYS A 49 -4.18 -47.55 5.09
CA LYS A 49 -4.98 -47.32 3.89
C LYS A 49 -6.05 -46.29 4.15
N GLU A 50 -6.64 -46.34 5.33
CA GLU A 50 -7.68 -45.36 5.62
C GLU A 50 -7.08 -43.98 5.88
N MET A 51 -5.87 -43.95 6.44
CA MET A 51 -5.12 -42.70 6.66
C MET A 51 -4.84 -42.00 5.33
N ILE A 52 -4.46 -42.80 4.33
CA ILE A 52 -4.24 -42.30 3.00
C ILE A 52 -5.55 -41.76 2.39
N LYS A 53 -6.63 -42.50 2.58
CA LYS A 53 -7.92 -42.09 2.02
C LYS A 53 -8.41 -40.82 2.71
N SER A 54 -8.12 -40.69 3.99
CA SER A 54 -8.54 -39.53 4.70
C SER A 54 -7.69 -38.26 4.41
N GLY A 55 -6.45 -38.43 3.93
CA GLY A 55 -5.66 -37.28 3.52
C GLY A 55 -4.20 -37.24 3.88
N MET A 56 -3.68 -38.26 4.57
CA MET A 56 -2.26 -38.31 4.93
C MET A 56 -1.38 -38.24 3.70
N ASN A 57 -0.36 -37.37 3.75
CA ASN A 57 0.56 -37.22 2.64
C ASN A 57 1.98 -37.68 2.99
N VAL A 58 2.36 -37.56 4.27
CA VAL A 58 3.69 -37.96 4.74
C VAL A 58 3.53 -38.77 6.02
N ALA A 59 4.28 -39.88 6.12
CA ALA A 59 4.34 -40.71 7.34
C ALA A 59 5.62 -40.39 8.13
N ARG A 60 5.46 -39.99 9.39
CA ARG A 60 6.58 -39.58 10.23
C ARG A 60 6.96 -40.68 11.20
N LEU A 61 8.23 -41.04 11.19
CA LEU A 61 8.73 -42.08 12.08
C LEU A 61 9.55 -41.42 13.15
N ASN A 62 9.14 -41.64 14.40
CA ASN A 62 9.80 -41.04 15.55
C ASN A 62 10.87 -41.97 16.12
N PHE A 63 12.13 -41.69 15.77
CA PHE A 63 13.28 -42.50 16.20
C PHE A 63 13.80 -42.14 17.61
N SER A 64 12.97 -41.44 18.38
CA SER A 64 13.19 -41.34 19.81
C SER A 64 13.07 -42.73 20.40
N HIS A 65 12.13 -43.51 19.90
CA HIS A 65 11.90 -44.87 20.42
C HIS A 65 11.80 -45.86 19.26
N GLY A 66 11.76 -47.16 19.60
CA GLY A 66 11.67 -48.25 18.63
C GLY A 66 13.02 -48.67 18.06
N THR A 67 13.15 -49.95 17.76
CA THR A 67 14.39 -50.50 17.17
C THR A 67 14.32 -50.34 15.65
N HIS A 68 15.47 -50.42 14.97
CA HIS A 68 15.54 -50.35 13.50
C HIS A 68 14.61 -51.32 12.82
N GLU A 69 14.46 -52.50 13.42
CA GLU A 69 13.66 -53.53 12.80
C GLU A 69 12.18 -53.21 12.96
N TYR A 70 11.83 -52.64 14.10
CA TYR A 70 10.48 -52.14 14.34
C TYR A 70 10.10 -51.01 13.33
N HIS A 71 11.02 -50.10 13.06
CA HIS A 71 10.74 -49.04 12.09
C HIS A 71 10.77 -49.57 10.65
N ALA A 72 11.66 -50.53 10.37
CA ALA A 72 11.71 -51.19 9.05
C ALA A 72 10.36 -51.76 8.67
N GLU A 73 9.67 -52.32 9.66
CA GLU A 73 8.34 -52.89 9.45
C GLU A 73 7.24 -51.83 9.34
N THR A 74 7.44 -50.68 10.00
CA THR A 74 6.52 -49.57 9.85
C THR A 74 6.60 -49.06 8.40
N ILE A 75 7.81 -48.91 7.90
CA ILE A 75 8.09 -48.46 6.54
C ILE A 75 7.46 -49.36 5.47
N LYS A 76 7.62 -50.66 5.66
CA LYS A 76 7.04 -51.67 4.80
C LYS A 76 5.53 -51.53 4.73
N ASN A 77 4.86 -51.52 5.88
CA ASN A 77 3.40 -51.36 5.92
C ASN A 77 2.93 -50.08 5.23
N VAL A 78 3.69 -48.99 5.41
CA VAL A 78 3.39 -47.74 4.72
C VAL A 78 3.46 -47.95 3.22
N ARG A 79 4.57 -48.53 2.74
CA ARG A 79 4.74 -48.75 1.30
C ARG A 79 3.67 -49.70 0.77
N THR A 80 3.37 -50.74 1.54
CA THR A 80 2.32 -51.73 1.18
C THR A 80 0.95 -51.07 0.98
N ALA A 81 0.46 -50.35 1.99
CA ALA A 81 -0.79 -49.58 1.86
C ALA A 81 -0.78 -48.53 0.71
N THR A 82 0.34 -47.85 0.50
CA THR A 82 0.43 -46.80 -0.53
C THR A 82 0.33 -47.45 -1.90
N GLU A 83 1.07 -48.54 -2.08
CA GLU A 83 1.11 -49.22 -3.38
C GLU A 83 -0.22 -49.92 -3.72
N SER A 84 -1.02 -50.25 -2.71
CA SER A 84 -2.30 -50.94 -2.95
C SER A 84 -3.31 -50.16 -3.83
N PHE A 85 -2.99 -48.88 -4.09
CA PHE A 85 -3.81 -47.99 -4.94
C PHE A 85 -3.14 -47.77 -6.29
N ALA A 86 -1.93 -48.27 -6.46
CA ALA A 86 -1.12 -48.00 -7.67
C ALA A 86 -1.69 -48.57 -8.97
N SER A 87 -2.60 -49.54 -8.86
CA SER A 87 -3.22 -50.16 -10.03
C SER A 87 -3.89 -49.12 -10.94
N ASP A 88 -4.48 -48.09 -10.33
CA ASP A 88 -5.04 -46.93 -11.07
C ASP A 88 -4.12 -45.70 -10.92
N PRO A 89 -3.30 -45.43 -11.95
CA PRO A 89 -2.35 -44.33 -11.84
C PRO A 89 -3.01 -42.96 -11.75
N ILE A 90 -4.22 -42.83 -12.28
CA ILE A 90 -4.96 -41.57 -12.24
C ILE A 90 -5.35 -41.22 -10.79
N LEU A 91 -5.62 -42.24 -9.99
CA LEU A 91 -6.06 -42.08 -8.61
C LEU A 91 -4.96 -42.29 -7.55
N TYR A 92 -3.76 -42.64 -7.99
CA TYR A 92 -2.68 -42.95 -7.08
C TYR A 92 -2.16 -41.71 -6.34
N ARG A 93 -1.86 -41.87 -5.06
CA ARG A 93 -1.37 -40.77 -4.26
C ARG A 93 -0.06 -41.14 -3.63
N PRO A 94 1.03 -40.50 -4.06
CA PRO A 94 2.34 -40.68 -3.44
C PRO A 94 2.27 -40.36 -1.93
N VAL A 95 3.06 -41.08 -1.13
CA VAL A 95 3.09 -40.95 0.31
C VAL A 95 4.55 -40.92 0.68
N ALA A 96 4.99 -39.78 1.24
CA ALA A 96 6.37 -39.63 1.60
C ALA A 96 6.64 -40.33 2.92
N VAL A 97 7.91 -40.64 3.16
CA VAL A 97 8.35 -41.21 4.43
C VAL A 97 9.41 -40.32 5.05
N ALA A 98 9.11 -39.83 6.25
CA ALA A 98 10.06 -39.00 7.00
C ALA A 98 10.55 -39.66 8.29
N LEU A 99 11.80 -39.40 8.62
CA LEU A 99 12.43 -39.98 9.79
C LEU A 99 12.76 -38.84 10.77
N ASP A 100 12.21 -38.90 11.97
CA ASP A 100 12.48 -37.91 13.00
C ASP A 100 13.52 -38.43 13.99
N THR A 101 14.71 -37.83 13.96
CA THR A 101 15.84 -38.26 14.77
C THR A 101 15.63 -38.01 16.25
N LYS A 102 16.31 -38.79 17.09
CA LYS A 102 16.33 -38.57 18.52
C LYS A 102 17.00 -37.22 18.82
N GLY A 103 18.12 -36.98 18.16
CA GLY A 103 18.95 -35.81 18.44
C GLY A 103 19.45 -35.78 19.87
N PRO A 104 19.97 -34.62 20.31
CA PRO A 104 20.53 -34.50 21.67
C PRO A 104 19.50 -34.51 22.82
N GLU A 105 18.70 -35.56 22.92
CA GLU A 105 17.78 -35.75 24.04
C GLU A 105 18.46 -36.11 25.35
N ILE A 106 17.83 -35.68 26.44
CA ILE A 106 18.28 -35.99 27.78
C ILE A 106 17.13 -36.71 28.47
N ARG A 107 17.40 -37.95 28.91
CA ARG A 107 16.38 -38.82 29.50
C ARG A 107 16.77 -39.30 30.90
N THR A 108 15.79 -39.43 31.80
CA THR A 108 16.07 -40.01 33.11
C THR A 108 16.25 -41.50 33.00
N GLY A 109 16.38 -42.15 34.16
CA GLY A 109 16.53 -43.60 34.24
C GLY A 109 15.28 -44.26 34.77
N LEU A 110 15.42 -45.54 35.13
CA LEU A 110 14.30 -46.36 35.58
C LEU A 110 14.01 -46.19 37.06
N ILE A 111 12.73 -46.10 37.40
CA ILE A 111 12.32 -46.00 38.81
C ILE A 111 12.14 -47.39 39.42
N LYS A 112 13.04 -47.73 40.35
CA LYS A 112 13.04 -49.03 41.03
C LYS A 112 12.87 -50.26 40.11
N GLY A 113 13.05 -50.06 38.80
CA GLY A 113 12.94 -51.11 37.78
C GLY A 113 11.68 -51.99 37.77
N SER A 114 10.54 -51.40 38.15
CA SER A 114 9.28 -52.15 38.34
C SER A 114 8.27 -52.01 37.19
N GLY A 115 8.24 -50.85 36.55
CA GLY A 115 7.31 -50.60 35.44
C GLY A 115 6.10 -49.81 35.88
N THR A 116 5.30 -50.40 36.78
CA THR A 116 4.11 -49.73 37.33
C THR A 116 4.49 -48.86 38.54
N ALA A 117 5.72 -48.34 38.52
CA ALA A 117 6.26 -47.60 39.66
C ALA A 117 6.51 -46.14 39.32
N GLU A 118 5.89 -45.26 40.10
CA GLU A 118 6.11 -43.83 40.05
C GLU A 118 6.42 -43.35 41.46
N VAL A 119 7.00 -42.18 41.59
CA VAL A 119 7.13 -41.55 42.90
C VAL A 119 6.53 -40.13 42.88
N GLU A 120 5.82 -39.78 43.94
CA GLU A 120 5.20 -38.47 44.06
C GLU A 120 6.18 -37.49 44.72
N LEU A 121 6.89 -36.74 43.88
CA LEU A 121 7.80 -35.69 44.33
C LEU A 121 7.03 -34.54 44.96
N LYS A 122 7.30 -34.22 46.22
CA LYS A 122 6.62 -33.10 46.86
C LYS A 122 7.38 -31.78 46.67
N LYS A 123 6.64 -30.76 46.23
CA LYS A 123 7.15 -29.39 46.13
C LYS A 123 7.92 -29.00 47.39
N GLY A 124 9.14 -28.52 47.22
CA GLY A 124 9.99 -28.09 48.33
C GLY A 124 10.92 -29.16 48.89
N ALA A 125 10.70 -30.42 48.52
CA ALA A 125 11.63 -31.51 48.86
C ALA A 125 12.97 -31.36 48.11
N THR A 126 14.04 -31.96 48.63
CA THR A 126 15.31 -32.00 47.88
C THR A 126 15.44 -33.30 47.09
N LEU A 127 16.11 -33.21 45.96
CA LEU A 127 16.35 -34.37 45.12
C LEU A 127 17.78 -34.31 44.61
N LYS A 128 18.51 -35.40 44.79
CA LYS A 128 19.86 -35.47 44.24
C LYS A 128 19.80 -35.99 42.81
N ILE A 129 20.57 -35.37 41.92
CA ILE A 129 20.76 -35.91 40.60
C ILE A 129 22.19 -36.40 40.46
N THR A 130 22.33 -37.69 40.18
CA THR A 130 23.63 -38.32 40.00
C THR A 130 23.79 -38.76 38.57
N LEU A 131 25.04 -38.97 38.16
CA LEU A 131 25.40 -39.46 36.84
C LEU A 131 26.08 -40.84 36.87
N ASP A 132 26.12 -41.42 38.07
CA ASP A 132 26.78 -42.71 38.31
C ASP A 132 25.85 -43.86 37.89
N ASN A 133 26.26 -44.61 36.87
CA ASN A 133 25.42 -45.64 36.25
C ASN A 133 24.90 -46.72 37.19
N ALA A 134 25.60 -46.96 38.30
CA ALA A 134 25.14 -47.91 39.32
C ALA A 134 23.74 -47.54 39.82
N TYR A 135 23.32 -46.31 39.53
CA TYR A 135 21.99 -45.85 39.92
C TYR A 135 21.04 -45.81 38.72
N MET A 136 21.58 -46.13 37.55
CA MET A 136 20.88 -46.15 36.29
C MET A 136 19.47 -46.74 36.37
N GLU A 137 19.31 -47.79 37.18
CA GLU A 137 18.00 -48.44 37.31
C GLU A 137 17.46 -48.41 38.74
N LYS A 138 17.91 -47.42 39.53
CA LYS A 138 17.49 -47.33 40.92
C LYS A 138 17.02 -45.93 41.33
N CYS A 139 16.15 -45.33 40.51
CA CYS A 139 15.64 -43.98 40.76
C CYS A 139 14.46 -43.95 41.74
N ASP A 140 14.45 -42.94 42.62
CA ASP A 140 13.39 -42.77 43.61
C ASP A 140 13.24 -41.29 44.05
N GLU A 141 12.65 -41.06 45.22
CA GLU A 141 12.37 -39.69 45.69
C GLU A 141 13.62 -38.91 46.16
N ASN A 142 14.73 -39.60 46.36
CA ASN A 142 15.95 -38.96 46.88
C ASN A 142 17.06 -38.86 45.83
N ILE A 143 17.18 -39.88 44.99
CA ILE A 143 18.22 -39.97 43.96
C ILE A 143 17.63 -40.10 42.55
N LEU A 144 18.19 -39.37 41.60
CA LEU A 144 17.70 -39.41 40.23
C LEU A 144 18.83 -39.47 39.24
N TRP A 145 18.86 -40.51 38.42
CA TRP A 145 19.90 -40.64 37.41
C TRP A 145 19.41 -40.03 36.08
N LEU A 146 20.33 -39.47 35.31
CA LEU A 146 20.09 -39.14 33.89
C LEU A 146 21.36 -39.22 33.05
N ASP A 147 21.21 -39.28 31.73
CA ASP A 147 22.26 -39.69 30.79
C ASP A 147 23.17 -38.59 30.18
N TYR A 148 23.01 -37.36 30.63
CA TYR A 148 23.80 -36.25 30.13
C TYR A 148 25.06 -36.05 30.99
N LYS A 149 26.16 -36.66 30.54
CA LYS A 149 27.40 -36.76 31.30
C LYS A 149 27.91 -35.42 31.81
N ASN A 150 27.90 -34.42 30.94
CA ASN A 150 28.46 -33.13 31.30
C ASN A 150 27.42 -32.13 31.82
N ILE A 151 26.33 -32.61 32.42
CA ILE A 151 25.26 -31.69 32.82
C ILE A 151 25.76 -30.64 33.82
N CYS A 152 26.72 -31.03 34.66
CA CYS A 152 27.29 -30.13 35.65
C CYS A 152 28.06 -28.97 35.06
N LYS A 153 28.62 -29.15 33.86
CA LYS A 153 29.37 -28.08 33.20
C LYS A 153 28.52 -26.91 32.68
N VAL A 154 27.25 -27.17 32.34
CA VAL A 154 26.42 -26.16 31.67
C VAL A 154 25.27 -25.63 32.52
N VAL A 155 25.20 -26.11 33.76
CA VAL A 155 24.17 -25.73 34.71
C VAL A 155 24.81 -24.95 35.87
N GLU A 156 24.05 -24.04 36.46
CA GLU A 156 24.53 -23.25 37.59
C GLU A 156 23.58 -23.28 38.80
N VAL A 157 24.08 -22.84 39.95
CA VAL A 157 23.22 -22.66 41.11
C VAL A 157 22.08 -21.72 40.69
N GLY A 158 20.84 -22.19 40.85
CA GLY A 158 19.67 -21.39 40.50
C GLY A 158 19.01 -21.77 39.17
N SER A 159 19.69 -22.58 38.36
CA SER A 159 19.16 -23.11 37.09
C SER A 159 17.93 -23.96 37.28
N LYS A 160 17.03 -23.94 36.29
CA LYS A 160 15.80 -24.74 36.33
C LYS A 160 15.93 -25.99 35.47
N ILE A 161 15.31 -27.10 35.89
CA ILE A 161 15.38 -28.39 35.18
C ILE A 161 13.99 -28.98 35.07
N TYR A 162 13.54 -29.24 33.85
CA TYR A 162 12.19 -29.79 33.64
C TYR A 162 12.28 -31.24 33.30
N VAL A 163 11.34 -32.00 33.85
CA VAL A 163 11.30 -33.44 33.66
C VAL A 163 9.88 -33.83 33.24
N ASP A 164 9.80 -34.78 32.30
CA ASP A 164 8.54 -35.38 31.83
C ASP A 164 7.71 -34.34 31.06
N ASP A 165 8.24 -33.95 29.91
CA ASP A 165 7.63 -32.94 29.05
C ASP A 165 7.21 -31.68 29.84
N GLY A 166 8.08 -31.27 30.78
CA GLY A 166 7.87 -30.06 31.54
C GLY A 166 6.86 -30.11 32.68
N LEU A 167 6.39 -31.31 33.03
CA LEU A 167 5.36 -31.41 34.07
C LEU A 167 5.95 -31.17 35.46
N ILE A 168 7.15 -31.71 35.68
CA ILE A 168 7.88 -31.46 36.92
C ILE A 168 8.99 -30.44 36.68
N SER A 169 9.23 -29.58 37.66
CA SER A 169 10.39 -28.72 37.60
C SER A 169 11.23 -28.79 38.88
N LEU A 170 12.55 -28.65 38.72
CA LEU A 170 13.52 -28.66 39.81
C LEU A 170 14.42 -27.44 39.68
N GLN A 171 14.94 -26.95 40.80
CA GLN A 171 15.87 -25.82 40.79
C GLN A 171 17.14 -26.27 41.49
N VAL A 172 18.30 -26.02 40.88
CA VAL A 172 19.57 -26.52 41.45
C VAL A 172 20.08 -25.63 42.60
N LYS A 173 20.34 -26.28 43.73
CA LYS A 173 20.81 -25.62 44.95
C LYS A 173 22.33 -25.78 45.11
N GLN A 174 22.84 -26.99 44.85
CA GLN A 174 24.29 -27.27 44.97
C GLN A 174 24.83 -28.03 43.77
N LYS A 175 26.06 -27.72 43.38
CA LYS A 175 26.80 -28.54 42.43
C LYS A 175 27.95 -29.25 43.12
N GLY A 176 28.05 -30.56 42.90
CA GLY A 176 29.26 -31.33 43.18
C GLY A 176 29.99 -31.49 41.85
N ALA A 177 31.20 -32.05 41.89
CA ALA A 177 31.95 -32.31 40.66
C ALA A 177 31.07 -33.02 39.60
N ASP A 178 30.34 -34.05 40.02
CA ASP A 178 29.54 -34.88 39.10
C ASP A 178 28.17 -35.25 39.70
N PHE A 179 27.58 -34.32 40.44
CA PHE A 179 26.19 -34.49 40.86
C PHE A 179 25.56 -33.13 41.08
N LEU A 180 24.25 -33.12 41.19
CA LEU A 180 23.47 -31.91 41.43
C LEU A 180 22.57 -32.18 42.61
N VAL A 181 22.40 -31.19 43.48
CA VAL A 181 21.43 -31.27 44.55
C VAL A 181 20.37 -30.22 44.22
N THR A 182 19.13 -30.67 44.07
CA THR A 182 18.04 -29.81 43.60
C THR A 182 16.92 -29.66 44.63
N GLU A 183 16.10 -28.63 44.46
CA GLU A 183 14.86 -28.52 45.20
C GLU A 183 13.67 -28.61 44.24
N VAL A 184 12.72 -29.50 44.54
CA VAL A 184 11.47 -29.59 43.80
C VAL A 184 10.69 -28.28 43.86
N GLU A 185 10.36 -27.76 42.67
CA GLU A 185 9.64 -26.50 42.50
C GLU A 185 8.19 -26.74 42.08
N ASN A 186 8.01 -27.64 41.10
CA ASN A 186 6.69 -28.14 40.76
C ASN A 186 6.61 -29.63 40.96
N GLY A 187 5.80 -30.01 41.94
CA GLY A 187 5.64 -31.40 42.34
C GLY A 187 4.88 -32.20 41.32
N GLY A 188 5.14 -33.50 41.28
CA GLY A 188 4.44 -34.40 40.38
C GLY A 188 4.78 -35.85 40.62
N SER A 189 4.10 -36.71 39.88
CA SER A 189 4.35 -38.14 39.92
C SER A 189 5.27 -38.50 38.75
N LEU A 190 6.48 -38.94 39.09
CA LEU A 190 7.53 -39.15 38.09
C LEU A 190 7.68 -40.62 37.71
N GLY A 191 7.52 -40.92 36.43
CA GLY A 191 7.70 -42.26 35.89
C GLY A 191 9.14 -42.53 35.49
N SER A 192 9.33 -43.31 34.44
CA SER A 192 10.66 -43.76 34.03
C SER A 192 11.08 -43.20 32.69
N LYS A 193 12.40 -43.10 32.51
CA LYS A 193 13.04 -42.65 31.26
C LYS A 193 12.40 -41.40 30.60
N LYS A 194 12.03 -40.44 31.43
CA LYS A 194 11.33 -39.24 30.96
C LYS A 194 12.28 -38.17 30.42
N GLY A 195 11.74 -37.28 29.58
CA GLY A 195 12.51 -36.24 28.91
C GLY A 195 12.86 -35.10 29.84
N VAL A 196 14.05 -34.56 29.64
CA VAL A 196 14.57 -33.47 30.46
C VAL A 196 14.89 -32.27 29.60
N ASN A 197 14.42 -31.11 30.02
CA ASN A 197 14.76 -29.89 29.33
C ASN A 197 15.52 -28.99 30.26
N LEU A 198 16.59 -28.39 29.75
CA LEU A 198 17.31 -27.38 30.50
C LEU A 198 17.25 -26.02 29.77
N PRO A 199 16.16 -25.25 30.01
CA PRO A 199 16.02 -23.96 29.35
C PRO A 199 17.16 -23.00 29.68
N GLY A 200 17.69 -22.36 28.65
CA GLY A 200 18.76 -21.37 28.83
C GLY A 200 20.14 -21.95 29.13
N ALA A 201 20.25 -23.28 29.16
CA ALA A 201 21.55 -23.91 29.30
C ALA A 201 22.17 -24.18 27.93
N ALA A 202 23.44 -23.81 27.80
CA ALA A 202 24.26 -24.05 26.62
C ALA A 202 24.60 -25.54 26.50
N VAL A 203 23.62 -26.36 26.12
CA VAL A 203 23.78 -27.81 26.10
C VAL A 203 24.84 -28.24 25.08
N ASP A 204 25.83 -29.02 25.52
CA ASP A 204 26.98 -29.33 24.66
C ASP A 204 27.01 -30.78 24.15
N LEU A 205 25.85 -31.41 24.08
CA LEU A 205 25.72 -32.71 23.40
C LEU A 205 25.97 -32.57 21.89
N PRO A 206 26.41 -33.65 21.22
CA PRO A 206 26.64 -33.50 19.78
C PRO A 206 25.33 -33.33 18.99
N ALA A 207 25.40 -32.53 17.93
CA ALA A 207 24.30 -32.41 16.97
C ALA A 207 23.82 -33.79 16.49
N VAL A 208 24.77 -34.61 16.07
CA VAL A 208 24.47 -35.97 15.64
C VAL A 208 25.22 -36.93 16.55
N SER A 209 24.51 -37.54 17.50
CA SER A 209 25.08 -38.55 18.39
C SER A 209 25.53 -39.76 17.55
N GLU A 210 26.19 -40.72 18.20
CA GLU A 210 26.55 -41.97 17.53
C GLU A 210 25.27 -42.67 17.04
N LYS A 211 24.25 -42.74 17.91
CA LYS A 211 22.99 -43.36 17.57
C LYS A 211 22.32 -42.72 16.35
N ASP A 212 22.29 -41.38 16.31
CA ASP A 212 21.79 -40.64 15.15
C ASP A 212 22.55 -41.00 13.87
N ILE A 213 23.87 -41.10 13.97
CA ILE A 213 24.72 -41.54 12.85
C ILE A 213 24.20 -42.85 12.26
N GLN A 214 23.92 -43.81 13.13
CA GLN A 214 23.35 -45.09 12.73
C GLN A 214 21.97 -44.89 12.14
N ASP A 215 21.17 -44.10 12.83
CA ASP A 215 19.78 -43.84 12.41
C ASP A 215 19.66 -43.20 11.03
N LEU A 216 20.52 -42.23 10.75
CA LEU A 216 20.57 -41.57 9.45
C LEU A 216 21.00 -42.53 8.32
N LYS A 217 21.94 -43.43 8.63
CA LYS A 217 22.46 -44.44 7.69
C LYS A 217 21.37 -45.46 7.37
N PHE A 218 20.60 -45.80 8.38
CA PHE A 218 19.46 -46.68 8.23
C PHE A 218 18.42 -46.05 7.30
N GLY A 219 18.23 -44.73 7.43
CA GLY A 219 17.26 -43.99 6.62
C GLY A 219 17.64 -43.96 5.17
N VAL A 220 18.93 -43.75 4.91
CA VAL A 220 19.47 -43.79 3.55
C VAL A 220 19.18 -45.13 2.87
N GLU A 221 19.43 -46.23 3.59
CA GLU A 221 19.25 -47.58 3.04
C GLU A 221 17.78 -47.93 2.83
N GLN A 222 16.91 -47.35 3.65
CA GLN A 222 15.46 -47.55 3.49
C GLN A 222 14.82 -46.55 2.51
N ASP A 223 15.60 -45.67 1.90
CA ASP A 223 15.11 -44.71 0.90
C ASP A 223 14.07 -43.70 1.49
N VAL A 224 14.38 -43.06 2.61
CA VAL A 224 13.44 -42.12 3.19
C VAL A 224 13.50 -40.82 2.39
N ASP A 225 12.39 -40.10 2.35
CA ASP A 225 12.33 -38.90 1.54
C ASP A 225 12.87 -37.70 2.25
N MET A 226 12.81 -37.70 3.57
CA MET A 226 13.19 -36.52 4.34
C MET A 226 13.53 -36.87 5.78
N VAL A 227 14.36 -36.03 6.34
CA VAL A 227 14.81 -36.15 7.70
C VAL A 227 14.38 -34.91 8.51
N PHE A 228 13.74 -35.13 9.65
CA PHE A 228 13.39 -34.09 10.58
C PHE A 228 14.44 -34.18 11.66
N ALA A 229 15.38 -33.25 11.64
CA ALA A 229 16.52 -33.28 12.52
C ALA A 229 16.21 -32.48 13.80
N SER A 230 16.11 -33.18 14.92
CA SER A 230 15.73 -32.58 16.18
C SER A 230 16.81 -31.70 16.76
N PHE A 231 16.36 -30.70 17.51
CA PHE A 231 17.23 -29.80 18.30
C PHE A 231 18.32 -29.03 17.59
N ILE A 232 18.03 -28.59 16.36
CA ILE A 232 19.03 -27.86 15.60
C ILE A 232 19.23 -26.51 16.25
N ARG A 233 20.48 -26.21 16.60
CA ARG A 233 20.86 -24.97 17.31
C ARG A 233 21.62 -24.00 16.42
N LYS A 234 22.27 -24.51 15.38
CA LYS A 234 23.09 -23.67 14.49
C LYS A 234 23.29 -24.30 13.13
N ALA A 235 23.76 -23.48 12.20
CA ALA A 235 23.99 -23.93 10.82
C ALA A 235 24.92 -25.13 10.76
N SER A 236 25.97 -25.15 11.60
CA SER A 236 26.95 -26.24 11.62
C SER A 236 26.31 -27.61 11.93
N ASP A 237 25.28 -27.63 12.78
CA ASP A 237 24.50 -28.86 13.03
C ASP A 237 23.86 -29.43 11.75
N VAL A 238 23.35 -28.54 10.91
CA VAL A 238 22.68 -28.94 9.68
C VAL A 238 23.72 -29.59 8.74
N HIS A 239 24.85 -28.89 8.57
CA HIS A 239 26.00 -29.37 7.78
C HIS A 239 26.53 -30.71 8.24
N GLU A 240 26.51 -30.94 9.54
CA GLU A 240 26.78 -32.26 10.09
C GLU A 240 25.77 -33.28 9.60
N VAL A 241 24.47 -32.98 9.71
CA VAL A 241 23.46 -33.93 9.23
C VAL A 241 23.68 -34.18 7.73
N ARG A 242 23.86 -33.10 6.95
CA ARG A 242 24.13 -33.15 5.51
C ARG A 242 25.33 -34.05 5.15
N LYS A 243 26.41 -33.94 5.93
CA LYS A 243 27.61 -34.71 5.70
C LYS A 243 27.40 -36.20 6.02
N VAL A 244 26.63 -36.52 7.06
CA VAL A 244 26.37 -37.92 7.36
C VAL A 244 25.62 -38.57 6.22
N LEU A 245 24.53 -37.97 5.80
CA LEU A 245 23.71 -38.53 4.72
C LEU A 245 24.59 -38.72 3.50
N GLY A 246 25.44 -37.72 3.27
CA GLY A 246 26.50 -37.81 2.28
C GLY A 246 26.00 -37.85 0.85
N GLU A 247 26.81 -38.48 0.01
CA GLU A 247 26.53 -38.58 -1.41
C GLU A 247 25.32 -39.47 -1.65
N LYS A 248 25.22 -40.56 -0.90
CA LYS A 248 24.17 -41.54 -1.12
C LYS A 248 22.80 -40.95 -0.82
N GLY A 249 22.75 -40.07 0.19
CA GLY A 249 21.51 -39.41 0.59
C GLY A 249 21.51 -37.93 0.29
N LYS A 250 22.03 -37.54 -0.87
CA LYS A 250 22.12 -36.13 -1.22
C LYS A 250 20.76 -35.47 -1.53
N ASN A 251 19.82 -36.27 -2.04
CA ASN A 251 18.50 -35.79 -2.48
C ASN A 251 17.45 -35.89 -1.35
N ILE A 252 17.83 -36.47 -0.22
CA ILE A 252 16.98 -36.42 0.96
C ILE A 252 16.91 -34.99 1.51
N LYS A 253 15.70 -34.49 1.69
CA LYS A 253 15.50 -33.16 2.25
C LYS A 253 15.75 -33.19 3.76
N ILE A 254 16.50 -32.21 4.25
CA ILE A 254 16.74 -32.03 5.68
C ILE A 254 15.84 -30.89 6.21
N ILE A 255 14.97 -31.25 7.15
CA ILE A 255 14.06 -30.28 7.76
C ILE A 255 14.54 -30.04 9.20
N SER A 256 15.06 -28.84 9.48
CA SER A 256 15.53 -28.51 10.84
C SER A 256 14.37 -28.23 11.79
N LYS A 257 14.36 -28.91 12.93
CA LYS A 257 13.35 -28.66 13.94
C LYS A 257 13.87 -27.59 14.86
N ILE A 258 13.12 -26.52 15.01
CA ILE A 258 13.53 -25.46 15.89
C ILE A 258 12.74 -25.69 17.16
N GLU A 259 13.45 -26.03 18.23
CA GLU A 259 12.75 -26.37 19.47
C GLU A 259 13.37 -25.78 20.72
N ASN A 260 14.23 -24.79 20.55
CA ASN A 260 14.76 -24.05 21.68
C ASN A 260 15.17 -22.66 21.30
N HIS A 261 15.61 -21.93 22.32
CA HIS A 261 15.96 -20.51 22.20
C HIS A 261 17.07 -20.24 21.18
N GLU A 262 18.10 -21.09 21.22
CA GLU A 262 19.25 -21.01 20.32
C GLU A 262 18.83 -21.13 18.87
N GLY A 263 18.06 -22.16 18.55
CA GLY A 263 17.52 -22.34 17.21
C GLY A 263 16.75 -21.12 16.73
N VAL A 264 16.00 -20.50 17.66
CA VAL A 264 15.23 -19.31 17.34
C VAL A 264 16.17 -18.13 17.08
N ARG A 265 17.17 -17.92 17.95
CA ARG A 265 18.13 -16.82 17.74
C ARG A 265 18.99 -17.01 16.48
N ARG A 266 19.32 -18.26 16.16
CA ARG A 266 20.20 -18.53 15.04
C ARG A 266 19.39 -18.89 13.80
N PHE A 267 18.11 -18.55 13.83
CA PHE A 267 17.20 -19.08 12.85
C PHE A 267 17.61 -18.80 11.40
N ASP A 268 18.14 -17.60 11.12
CA ASP A 268 18.46 -17.24 9.73
C ASP A 268 19.52 -18.14 9.08
N GLU A 269 20.52 -18.51 9.88
CA GLU A 269 21.62 -19.31 9.35
C GLU A 269 21.21 -20.79 9.23
N ILE A 270 20.29 -21.20 10.09
CA ILE A 270 19.73 -22.54 10.03
C ILE A 270 18.87 -22.69 8.78
N LEU A 271 18.03 -21.69 8.53
CA LEU A 271 17.21 -21.67 7.33
C LEU A 271 18.04 -21.69 6.04
N GLU A 272 19.12 -20.91 6.00
CA GLU A 272 19.95 -20.82 4.80
C GLU A 272 20.54 -22.19 4.50
N ALA A 273 20.86 -22.94 5.55
CA ALA A 273 21.52 -24.25 5.43
C ALA A 273 20.58 -25.44 5.22
N SER A 274 19.29 -25.30 5.57
CA SER A 274 18.36 -26.45 5.53
C SER A 274 17.52 -26.41 4.27
N ASP A 275 16.82 -27.50 3.98
CA ASP A 275 15.81 -27.48 2.93
C ASP A 275 14.48 -26.97 3.45
N GLY A 276 14.22 -27.13 4.75
CA GLY A 276 12.96 -26.71 5.39
C GLY A 276 13.02 -26.63 6.91
N ILE A 277 11.92 -26.22 7.53
CA ILE A 277 11.91 -25.90 8.97
C ILE A 277 10.68 -26.55 9.56
N MET A 278 10.82 -27.16 10.72
CA MET A 278 9.64 -27.56 11.45
C MET A 278 9.56 -26.71 12.72
N VAL A 279 8.43 -26.03 12.92
CA VAL A 279 8.20 -25.37 14.21
C VAL A 279 7.77 -26.46 15.20
N ALA A 280 8.70 -26.88 16.06
CA ALA A 280 8.42 -27.95 17.01
C ALA A 280 7.87 -27.42 18.35
N ARG A 281 6.56 -27.20 18.42
CA ARG A 281 5.98 -26.41 19.52
C ARG A 281 6.06 -27.09 20.89
N GLY A 282 6.19 -28.41 20.88
CA GLY A 282 6.29 -29.20 22.11
C GLY A 282 7.44 -28.76 23.00
N ASP A 283 8.65 -29.11 22.57
CA ASP A 283 9.85 -28.70 23.28
C ASP A 283 10.02 -27.20 23.38
N LEU A 284 9.64 -26.48 22.32
CA LEU A 284 9.85 -25.04 22.26
C LEU A 284 9.07 -24.33 23.34
N GLY A 285 7.86 -24.82 23.57
CA GLY A 285 7.01 -24.22 24.60
C GLY A 285 7.53 -24.54 26.00
N ILE A 286 8.45 -25.49 26.11
CA ILE A 286 9.08 -25.76 27.38
C ILE A 286 10.33 -24.88 27.53
N GLU A 287 11.09 -24.79 26.46
CA GLU A 287 12.35 -24.04 26.45
C GLU A 287 12.21 -22.52 26.50
N ILE A 288 11.07 -22.00 26.07
CA ILE A 288 10.79 -20.58 26.14
C ILE A 288 9.40 -20.51 26.70
N PRO A 289 9.01 -19.36 27.28
CA PRO A 289 7.67 -19.25 27.85
C PRO A 289 6.55 -19.56 26.84
N ALA A 290 5.61 -20.40 27.27
CA ALA A 290 4.47 -20.79 26.46
C ALA A 290 3.75 -19.59 25.81
N GLU A 291 3.60 -18.48 26.52
CA GLU A 291 2.92 -17.33 25.93
C GLU A 291 3.66 -16.68 24.75
N LYS A 292 4.93 -17.03 24.53
CA LYS A 292 5.74 -16.48 23.44
C LYS A 292 5.82 -17.39 22.18
N VAL A 293 5.30 -18.60 22.27
CA VAL A 293 5.41 -19.56 21.15
C VAL A 293 4.81 -19.07 19.84
N PHE A 294 3.65 -18.42 19.94
CA PHE A 294 2.97 -17.96 18.74
C PHE A 294 3.84 -16.98 17.99
N LEU A 295 4.65 -16.20 18.69
CA LEU A 295 5.55 -15.23 18.04
C LEU A 295 6.64 -15.93 17.21
N ALA A 296 7.21 -16.98 17.80
CA ALA A 296 8.24 -17.75 17.13
C ALA A 296 7.67 -18.43 15.90
N GLN A 297 6.49 -19.03 16.08
CA GLN A 297 5.77 -19.71 15.02
C GLN A 297 5.54 -18.74 13.85
N LYS A 298 4.95 -17.59 14.14
CA LYS A 298 4.69 -16.59 13.08
C LYS A 298 5.95 -16.07 12.41
N MET A 299 7.00 -15.89 13.20
CA MET A 299 8.25 -15.32 12.71
C MET A 299 8.85 -16.36 11.75
N MET A 300 8.88 -17.61 12.17
CA MET A 300 9.51 -18.66 11.34
C MET A 300 8.74 -18.95 10.07
N ILE A 301 7.41 -18.93 10.17
CA ILE A 301 6.61 -19.16 9.00
C ILE A 301 6.79 -17.96 8.05
N GLY A 302 6.75 -16.75 8.59
CA GLY A 302 7.05 -15.59 7.76
C GLY A 302 8.38 -15.70 6.97
N ARG A 303 9.47 -15.98 7.68
CA ARG A 303 10.79 -16.05 7.04
C ARG A 303 10.90 -17.17 6.01
N CYS A 304 10.26 -18.31 6.28
CA CYS A 304 10.28 -19.38 5.29
C CYS A 304 9.50 -19.00 4.05
N ASN A 305 8.33 -18.38 4.25
CA ASN A 305 7.52 -17.91 3.13
C ASN A 305 8.39 -16.96 2.29
N ARG A 306 9.02 -16.00 2.98
CA ARG A 306 9.96 -15.05 2.36
C ARG A 306 11.09 -15.74 1.61
N ALA A 307 11.70 -16.75 2.23
CA ALA A 307 12.81 -17.42 1.60
C ALA A 307 12.38 -18.39 0.51
N GLY A 308 11.13 -18.83 0.52
CA GLY A 308 10.67 -19.83 -0.45
C GLY A 308 10.94 -21.27 -0.04
N LYS A 309 11.09 -21.50 1.27
CA LYS A 309 11.33 -22.87 1.74
C LYS A 309 10.19 -23.35 2.62
N PRO A 310 9.86 -24.65 2.54
CA PRO A 310 8.74 -25.23 3.26
C PRO A 310 8.86 -25.14 4.76
N VAL A 311 7.73 -24.96 5.44
CA VAL A 311 7.72 -24.87 6.89
C VAL A 311 6.54 -25.66 7.41
N ILE A 312 6.77 -26.48 8.43
CA ILE A 312 5.78 -27.38 8.97
C ILE A 312 5.43 -26.87 10.36
N CYS A 313 4.14 -26.68 10.64
CA CYS A 313 3.66 -26.36 11.99
C CYS A 313 3.32 -27.65 12.73
N ALA A 314 3.94 -27.89 13.88
CA ALA A 314 3.81 -29.18 14.57
C ALA A 314 3.39 -29.05 16.03
N THR A 315 2.71 -30.10 16.51
CA THR A 315 2.60 -30.48 17.92
C THR A 315 1.39 -29.89 18.64
N GLN A 316 0.55 -30.80 19.17
CA GLN A 316 -0.62 -30.45 19.97
C GLN A 316 -1.71 -29.72 19.17
N MET A 317 -1.70 -29.88 17.86
CA MET A 317 -2.68 -29.18 17.02
C MET A 317 -4.14 -29.59 17.30
N LEU A 318 -4.38 -30.89 17.44
CA LEU A 318 -5.71 -31.37 17.73
C LEU A 318 -5.60 -32.32 18.92
N GLU A 319 -4.76 -31.93 19.87
CA GLU A 319 -4.39 -32.71 21.07
C GLU A 319 -5.50 -33.51 21.76
N SER A 320 -6.62 -32.85 22.05
CA SER A 320 -7.76 -33.48 22.75
C SER A 320 -8.42 -34.63 21.96
N MET A 321 -8.10 -34.74 20.67
CA MET A 321 -8.59 -35.84 19.82
C MET A 321 -7.83 -37.16 20.03
N ILE A 322 -6.81 -37.15 20.87
CA ILE A 322 -6.21 -38.38 21.32
C ILE A 322 -7.26 -39.20 22.09
N LYS A 323 -8.20 -38.52 22.74
CA LYS A 323 -9.23 -39.18 23.56
C LYS A 323 -10.65 -38.97 23.04
N LYS A 324 -10.83 -37.98 22.18
CA LYS A 324 -12.18 -37.55 21.82
C LYS A 324 -12.35 -37.52 20.32
N PRO A 325 -13.57 -37.79 19.84
CA PRO A 325 -13.77 -37.87 18.38
C PRO A 325 -13.92 -36.51 17.68
N ARG A 326 -14.00 -35.43 18.46
CA ARG A 326 -14.10 -34.04 17.92
C ARG A 326 -13.06 -33.18 18.64
N PRO A 327 -12.57 -32.10 18.00
CA PRO A 327 -11.55 -31.28 18.64
C PRO A 327 -12.14 -30.09 19.42
N THR A 328 -11.34 -29.43 20.24
CA THR A 328 -11.82 -28.23 20.92
C THR A 328 -11.93 -27.09 19.93
N ARG A 329 -12.59 -26.01 20.34
CA ARG A 329 -12.68 -24.85 19.48
C ARG A 329 -11.32 -24.23 19.32
N ALA A 330 -10.48 -24.31 20.34
CA ALA A 330 -9.12 -23.72 20.26
C ALA A 330 -8.26 -24.48 19.27
N GLU A 331 -8.53 -25.76 19.14
CA GLU A 331 -7.78 -26.61 18.19
C GLU A 331 -8.20 -26.37 16.77
N GLY A 332 -9.50 -26.26 16.52
CA GLY A 332 -10.01 -25.86 15.21
C GLY A 332 -9.37 -24.55 14.77
N SER A 333 -9.29 -23.62 15.71
CA SER A 333 -8.71 -22.32 15.48
C SER A 333 -7.20 -22.34 15.20
N ASP A 334 -6.48 -23.22 15.89
CA ASP A 334 -5.02 -23.31 15.74
C ASP A 334 -4.57 -23.90 14.39
N VAL A 335 -5.29 -24.91 13.93
CA VAL A 335 -5.04 -25.41 12.57
C VAL A 335 -5.29 -24.35 11.50
N ALA A 336 -6.45 -23.69 11.54
CA ALA A 336 -6.78 -22.68 10.53
C ALA A 336 -5.75 -21.59 10.53
N ASN A 337 -5.38 -21.14 11.73
CA ASN A 337 -4.44 -20.05 11.87
C ASN A 337 -3.01 -20.41 11.43
N ALA A 338 -2.66 -21.69 11.51
CA ALA A 338 -1.34 -22.12 10.99
C ALA A 338 -1.33 -21.98 9.49
N VAL A 339 -2.47 -22.28 8.87
CA VAL A 339 -2.61 -22.13 7.42
C VAL A 339 -2.57 -20.67 6.99
N LEU A 340 -3.37 -19.84 7.65
CA LEU A 340 -3.40 -18.44 7.34
C LEU A 340 -2.04 -17.82 7.60
N ASP A 341 -1.34 -18.32 8.60
CA ASP A 341 0.02 -17.88 8.88
C ASP A 341 0.91 -18.11 7.66
N GLY A 342 0.67 -19.21 6.96
CA GLY A 342 1.49 -19.56 5.80
C GLY A 342 2.14 -20.93 5.87
N ALA A 343 1.78 -21.78 6.86
CA ALA A 343 2.41 -23.08 6.95
C ALA A 343 2.19 -23.91 5.68
N ASP A 344 3.28 -24.49 5.18
CA ASP A 344 3.20 -25.41 4.07
C ASP A 344 2.49 -26.68 4.48
N CYS A 345 2.80 -27.18 5.69
CA CYS A 345 2.21 -28.41 6.23
C CYS A 345 1.82 -28.30 7.69
N ILE A 346 0.90 -29.18 8.09
CA ILE A 346 0.51 -29.31 9.48
C ILE A 346 0.71 -30.75 9.92
N MET A 347 0.87 -30.98 11.21
CA MET A 347 1.35 -32.29 11.65
C MET A 347 0.52 -32.80 12.79
N LEU A 348 0.35 -34.12 12.81
CA LEU A 348 -0.23 -34.83 13.92
C LEU A 348 0.81 -35.75 14.53
N SER A 349 0.83 -35.76 15.86
CA SER A 349 1.74 -36.59 16.64
C SER A 349 0.98 -37.69 17.36
N GLY A 350 0.82 -37.55 18.68
CA GLY A 350 0.03 -38.51 19.45
C GLY A 350 -1.37 -38.78 18.91
N GLU A 351 -1.97 -37.78 18.25
CA GLU A 351 -3.30 -37.94 17.65
C GLU A 351 -3.38 -39.11 16.68
N THR A 352 -2.30 -39.36 15.95
CA THR A 352 -2.26 -40.44 14.97
C THR A 352 -1.42 -41.61 15.49
N ALA A 353 -0.37 -41.29 16.25
CA ALA A 353 0.57 -42.31 16.71
C ALA A 353 0.04 -43.28 17.80
N LYS A 354 -0.86 -42.83 18.67
CA LYS A 354 -1.31 -43.66 19.81
C LYS A 354 -2.76 -43.46 20.24
N GLY A 355 -3.40 -42.40 19.77
CA GLY A 355 -4.73 -42.07 20.22
C GLY A 355 -5.80 -43.01 19.71
N ASP A 356 -7.02 -42.71 20.10
CA ASP A 356 -8.19 -43.53 19.82
C ASP A 356 -8.96 -43.06 18.60
N TYR A 357 -8.56 -41.97 17.98
CA TYR A 357 -9.29 -41.50 16.80
C TYR A 357 -8.37 -40.99 15.68
N PRO A 358 -7.40 -41.83 15.25
CA PRO A 358 -6.41 -41.37 14.30
C PRO A 358 -7.05 -40.90 13.00
N LEU A 359 -8.10 -41.58 12.55
CA LEU A 359 -8.68 -41.24 11.26
C LEU A 359 -9.48 -39.95 11.31
N GLU A 360 -10.29 -39.81 12.36
CA GLU A 360 -11.05 -38.54 12.58
C GLU A 360 -10.15 -37.29 12.71
N ALA A 361 -8.96 -37.47 13.25
CA ALA A 361 -7.97 -36.39 13.37
C ALA A 361 -7.44 -35.95 12.00
N VAL A 362 -7.10 -36.94 11.17
CA VAL A 362 -6.62 -36.67 9.83
C VAL A 362 -7.72 -35.94 9.07
N ARG A 363 -8.95 -36.46 9.17
CA ARG A 363 -10.09 -35.91 8.45
C ARG A 363 -10.34 -34.46 8.79
N MET A 364 -10.20 -34.15 10.08
CA MET A 364 -10.48 -32.83 10.60
C MET A 364 -9.42 -31.84 10.07
N GLN A 365 -8.15 -32.25 10.09
CA GLN A 365 -7.07 -31.47 9.49
C GLN A 365 -7.33 -31.12 8.02
N HIS A 366 -7.79 -32.10 7.26
CA HIS A 366 -8.11 -31.91 5.86
C HIS A 366 -9.26 -30.92 5.70
N LEU A 367 -10.31 -31.08 6.50
CA LEU A 367 -11.48 -30.18 6.43
C LEU A 367 -11.12 -28.76 6.84
N ILE A 368 -10.35 -28.59 7.91
CA ILE A 368 -10.04 -27.21 8.35
C ILE A 368 -9.16 -26.47 7.37
N ALA A 369 -8.13 -27.15 6.89
CA ALA A 369 -7.13 -26.56 6.00
C ALA A 369 -7.76 -26.06 4.72
N ARG A 370 -8.68 -26.87 4.23
CA ARG A 370 -9.43 -26.54 3.04
C ARG A 370 -10.23 -25.25 3.21
N GLU A 371 -10.92 -25.11 4.34
CA GLU A 371 -11.64 -23.89 4.66
C GLU A 371 -10.70 -22.71 4.72
N ALA A 372 -9.54 -22.92 5.34
CA ALA A 372 -8.63 -21.82 5.59
C ALA A 372 -7.97 -21.32 4.33
N GLU A 373 -7.64 -22.24 3.41
CA GLU A 373 -7.09 -21.83 2.11
C GLU A 373 -8.07 -20.97 1.34
N ALA A 374 -9.36 -21.23 1.47
CA ALA A 374 -10.28 -20.37 0.78
C ALA A 374 -10.24 -18.94 1.37
N ALA A 375 -9.90 -18.81 2.65
CA ALA A 375 -10.03 -17.53 3.36
C ALA A 375 -8.77 -16.67 3.24
N ILE A 376 -7.74 -17.21 2.60
CA ILE A 376 -6.51 -16.48 2.44
C ILE A 376 -6.78 -15.21 1.61
N TYR A 377 -6.14 -14.11 1.98
CA TYR A 377 -6.29 -12.85 1.26
C TYR A 377 -5.22 -12.77 0.19
N HIS A 378 -5.44 -13.50 -0.90
CA HIS A 378 -4.42 -13.66 -1.97
C HIS A 378 -3.90 -12.36 -2.55
N LEU A 379 -4.79 -11.37 -2.67
CA LEU A 379 -4.47 -10.09 -3.26
C LEU A 379 -3.30 -9.45 -2.54
N GLN A 380 -3.36 -9.39 -1.22
CA GLN A 380 -2.23 -8.84 -0.48
C GLN A 380 -1.02 -9.78 -0.39
N LEU A 381 -1.28 -11.07 -0.26
CA LEU A 381 -0.21 -12.03 -0.12
C LEU A 381 0.62 -12.07 -1.40
N PHE A 382 -0.05 -12.12 -2.53
CA PHE A 382 0.66 -12.06 -3.79
C PHE A 382 1.43 -10.73 -3.96
N GLU A 383 0.81 -9.57 -3.68
CA GLU A 383 1.55 -8.31 -3.80
C GLU A 383 2.81 -8.31 -2.95
N GLU A 384 2.76 -8.89 -1.75
CA GLU A 384 3.88 -8.80 -0.81
C GLU A 384 5.02 -9.76 -1.15
N LEU A 385 4.68 -10.99 -1.53
CA LEU A 385 5.72 -11.99 -1.81
C LEU A 385 6.56 -11.57 -3.00
N ARG A 386 5.92 -10.92 -3.98
CA ARG A 386 6.61 -10.33 -5.09
C ARG A 386 7.58 -9.26 -4.59
N ARG A 387 7.03 -8.19 -4.03
CA ARG A 387 7.86 -7.09 -3.52
C ARG A 387 9.08 -7.55 -2.71
N LEU A 388 8.96 -8.67 -2.01
CA LEU A 388 10.06 -9.12 -1.17
C LEU A 388 10.97 -10.16 -1.86
N ALA A 389 10.62 -10.55 -3.08
CA ALA A 389 11.46 -11.48 -3.83
C ALA A 389 12.32 -10.70 -4.84
N PRO A 390 13.61 -11.07 -4.95
CA PRO A 390 14.62 -10.37 -5.79
C PRO A 390 14.39 -10.45 -7.31
N ILE A 391 15.00 -9.50 -8.04
CA ILE A 391 15.13 -9.58 -9.50
C ILE A 391 16.13 -10.68 -9.80
N THR A 392 15.73 -11.61 -10.67
CA THR A 392 16.54 -12.76 -11.04
C THR A 392 16.75 -12.78 -12.54
N SER A 393 17.71 -13.56 -13.02
CA SER A 393 17.80 -13.84 -14.45
C SER A 393 17.51 -15.32 -14.70
N ASP A 394 17.01 -15.99 -13.66
CA ASP A 394 16.59 -17.37 -13.81
C ASP A 394 15.23 -17.38 -14.57
N PRO A 395 15.19 -18.07 -15.74
CA PRO A 395 13.99 -17.99 -16.57
C PRO A 395 12.82 -18.77 -16.01
N THR A 396 13.10 -19.83 -15.27
CA THR A 396 11.99 -20.61 -14.76
C THR A 396 11.31 -19.86 -13.63
N GLU A 397 12.06 -19.00 -12.93
CA GLU A 397 11.53 -18.21 -11.82
C GLU A 397 10.58 -17.13 -12.36
N ALA A 398 11.04 -16.39 -13.36
CA ALA A 398 10.18 -15.45 -14.08
C ALA A 398 8.92 -16.14 -14.62
N THR A 399 9.10 -17.32 -15.19
CA THR A 399 7.98 -18.05 -15.73
C THR A 399 6.99 -18.37 -14.63
N ALA A 400 7.50 -18.72 -13.45
CA ALA A 400 6.65 -19.26 -12.39
C ALA A 400 5.74 -18.14 -11.90
N VAL A 401 6.31 -16.95 -11.70
CA VAL A 401 5.54 -15.81 -11.21
C VAL A 401 4.57 -15.31 -12.27
N GLY A 402 4.97 -15.37 -13.55
CA GLY A 402 4.06 -15.02 -14.66
C GLY A 402 2.83 -15.93 -14.67
N ALA A 403 3.05 -17.20 -14.33
CA ALA A 403 1.98 -18.18 -14.31
C ALA A 403 0.99 -17.97 -13.12
N VAL A 404 1.50 -17.53 -11.98
CA VAL A 404 0.64 -17.27 -10.82
C VAL A 404 -0.22 -16.02 -11.08
N GLU A 405 0.43 -14.96 -11.54
CA GLU A 405 -0.27 -13.80 -12.07
C GLU A 405 -1.36 -14.19 -13.05
N ALA A 406 -1.01 -14.94 -14.09
CA ALA A 406 -1.99 -15.42 -15.04
C ALA A 406 -3.09 -16.26 -14.39
N SER A 407 -2.76 -17.10 -13.41
CA SER A 407 -3.81 -17.91 -12.76
C SER A 407 -4.81 -17.07 -11.95
N PHE A 408 -4.37 -15.98 -11.35
CA PHE A 408 -5.31 -15.07 -10.69
C PHE A 408 -6.19 -14.32 -11.69
N LYS A 409 -5.64 -13.98 -12.86
CA LYS A 409 -6.36 -13.19 -13.88
C LYS A 409 -7.48 -13.96 -14.60
N CYS A 410 -7.26 -15.23 -14.91
CA CYS A 410 -8.31 -16.06 -15.51
C CYS A 410 -8.94 -17.03 -14.53
N CYS A 411 -8.58 -16.91 -13.25
CA CYS A 411 -9.18 -17.74 -12.20
C CYS A 411 -9.11 -19.22 -12.62
N SER A 412 -7.91 -19.73 -12.86
CA SER A 412 -7.78 -21.00 -13.55
C SER A 412 -8.04 -22.15 -12.61
N GLY A 413 -8.42 -23.29 -13.16
CA GLY A 413 -8.69 -24.48 -12.37
C GLY A 413 -7.43 -25.11 -11.77
N ALA A 414 -6.30 -24.99 -12.47
CA ALA A 414 -5.05 -25.53 -11.93
C ALA A 414 -3.87 -24.88 -12.58
N ILE A 415 -2.71 -25.09 -11.98
CA ILE A 415 -1.43 -24.87 -12.63
C ILE A 415 -0.76 -26.24 -12.77
N ILE A 416 -0.74 -26.74 -14.01
CA ILE A 416 -0.09 -28.00 -14.35
C ILE A 416 1.39 -27.75 -14.60
N VAL A 417 2.26 -28.43 -13.85
CA VAL A 417 3.70 -28.20 -14.01
C VAL A 417 4.40 -29.53 -14.30
N LEU A 418 5.16 -29.57 -15.39
CA LEU A 418 5.99 -30.75 -15.72
C LEU A 418 7.36 -30.56 -15.07
N THR A 419 7.77 -31.50 -14.22
CA THR A 419 9.00 -31.30 -13.45
C THR A 419 9.71 -32.62 -13.17
N LYS A 420 11.04 -32.59 -13.18
CA LYS A 420 11.83 -33.79 -12.99
C LYS A 420 12.30 -33.84 -11.55
N SER A 421 12.99 -32.79 -11.15
CA SER A 421 13.50 -32.64 -9.79
C SER A 421 12.46 -31.99 -8.84
N GLY A 422 11.39 -31.43 -9.40
CA GLY A 422 10.35 -30.80 -8.57
C GLY A 422 10.56 -29.31 -8.40
N ARG A 423 11.75 -28.82 -8.72
CA ARG A 423 12.10 -27.43 -8.49
C ARG A 423 11.11 -26.42 -9.10
N SER A 424 10.75 -26.62 -10.37
CA SER A 424 9.79 -25.75 -11.09
C SER A 424 8.45 -25.63 -10.39
N ALA A 425 7.95 -26.74 -9.87
CA ALA A 425 6.76 -26.74 -9.06
C ALA A 425 6.97 -25.99 -7.76
N HIS A 426 8.16 -26.10 -7.17
CA HIS A 426 8.41 -25.41 -5.89
C HIS A 426 8.42 -23.92 -6.11
N GLN A 427 9.05 -23.50 -7.19
CA GLN A 427 9.09 -22.10 -7.54
C GLN A 427 7.71 -21.51 -7.84
N VAL A 428 6.76 -22.35 -8.26
CA VAL A 428 5.41 -21.88 -8.43
C VAL A 428 4.74 -21.73 -7.03
N ALA A 429 4.90 -22.74 -6.19
CA ALA A 429 4.28 -22.79 -4.87
C ALA A 429 4.66 -21.62 -3.96
N ARG A 430 5.91 -21.18 -4.06
CA ARG A 430 6.35 -20.07 -3.22
C ARG A 430 5.55 -18.76 -3.45
N TYR A 431 4.84 -18.64 -4.57
CA TYR A 431 4.06 -17.43 -4.86
C TYR A 431 2.59 -17.61 -4.49
N ARG A 432 2.27 -18.78 -3.95
CA ARG A 432 0.99 -19.01 -3.31
C ARG A 432 -0.22 -18.76 -4.21
N PRO A 433 -0.30 -19.46 -5.36
CA PRO A 433 -1.53 -19.27 -6.14
C PRO A 433 -2.67 -19.88 -5.38
N ARG A 434 -3.88 -19.55 -5.79
CA ARG A 434 -5.12 -20.17 -5.26
C ARG A 434 -5.37 -21.52 -5.95
N ALA A 435 -5.12 -21.59 -7.26
CA ALA A 435 -5.27 -22.85 -8.02
C ALA A 435 -4.29 -23.91 -7.53
N PRO A 436 -4.74 -25.16 -7.39
CA PRO A 436 -3.88 -26.29 -7.04
C PRO A 436 -2.78 -26.45 -8.08
N ILE A 437 -1.61 -26.90 -7.65
CA ILE A 437 -0.47 -27.04 -8.55
C ILE A 437 -0.25 -28.53 -8.79
N ILE A 438 -0.58 -28.99 -9.99
CA ILE A 438 -0.49 -30.41 -10.32
C ILE A 438 0.85 -30.64 -10.95
N ALA A 439 1.78 -31.19 -10.17
CA ALA A 439 3.15 -31.44 -10.61
C ALA A 439 3.27 -32.85 -11.17
N VAL A 440 3.36 -32.94 -12.49
CA VAL A 440 3.50 -34.25 -13.18
C VAL A 440 4.96 -34.61 -13.28
N THR A 441 5.32 -35.76 -12.72
CA THR A 441 6.72 -36.18 -12.68
C THR A 441 6.84 -37.69 -12.93
N ARG A 442 8.03 -38.14 -13.28
CA ARG A 442 8.31 -39.57 -13.44
C ARG A 442 9.22 -40.05 -12.32
N ASN A 443 9.81 -39.09 -11.62
CA ASN A 443 10.73 -39.40 -10.55
C ASN A 443 9.93 -39.60 -9.26
N PRO A 444 9.82 -40.87 -8.80
CA PRO A 444 8.93 -41.25 -7.70
C PRO A 444 9.29 -40.47 -6.43
N GLN A 445 10.56 -40.13 -6.31
CA GLN A 445 11.00 -39.47 -5.11
C GLN A 445 10.54 -38.00 -5.10
N THR A 446 10.67 -37.34 -6.24
CA THR A 446 10.28 -35.95 -6.34
C THR A 446 8.77 -35.81 -6.10
N ALA A 447 8.02 -36.84 -6.52
CA ALA A 447 6.61 -36.95 -6.26
C ALA A 447 6.31 -36.99 -4.76
N ARG A 448 7.13 -37.69 -3.99
CA ARG A 448 6.85 -37.80 -2.57
C ARG A 448 7.26 -36.53 -1.86
N GLN A 449 8.35 -35.92 -2.32
CA GLN A 449 8.91 -34.77 -1.66
C GLN A 449 8.12 -33.48 -1.93
N ALA A 450 7.29 -33.50 -2.97
CA ALA A 450 6.46 -32.37 -3.33
C ALA A 450 5.36 -32.08 -2.29
N HIS A 451 5.05 -33.07 -1.45
CA HIS A 451 4.05 -32.86 -0.39
C HIS A 451 4.43 -31.79 0.62
N LEU A 452 5.70 -31.40 0.63
CA LEU A 452 6.19 -30.42 1.57
C LEU A 452 5.81 -28.98 1.18
N TYR A 453 5.29 -28.80 -0.04
CA TYR A 453 5.10 -27.48 -0.61
C TYR A 453 3.62 -27.18 -0.79
N ARG A 454 3.16 -26.12 -0.14
CA ARG A 454 1.76 -25.73 -0.21
C ARG A 454 1.32 -25.74 -1.66
N GLY A 455 0.26 -26.48 -1.96
CA GLY A 455 -0.42 -26.34 -3.24
C GLY A 455 -0.13 -27.44 -4.22
N ILE A 456 0.95 -28.14 -3.98
CA ILE A 456 1.35 -29.18 -4.90
C ILE A 456 0.58 -30.46 -4.67
N PHE A 457 -0.22 -30.82 -5.66
CA PHE A 457 -0.80 -32.12 -5.78
C PHE A 457 0.10 -32.94 -6.75
N PRO A 458 0.98 -33.79 -6.19
CA PRO A 458 1.97 -34.49 -7.01
C PRO A 458 1.39 -35.73 -7.66
N VAL A 459 1.87 -36.01 -8.85
CA VAL A 459 1.28 -37.01 -9.71
C VAL A 459 2.40 -37.76 -10.45
N LEU A 460 2.36 -39.10 -10.38
CA LEU A 460 3.44 -39.93 -10.88
C LEU A 460 3.08 -40.55 -12.23
N CYS A 461 3.69 -40.05 -13.31
CA CYS A 461 3.47 -40.63 -14.63
C CYS A 461 4.22 -41.96 -14.70
N LYS A 462 3.53 -43.05 -14.99
CA LYS A 462 4.16 -44.39 -15.06
C LYS A 462 4.55 -44.78 -16.48
N ASP A 463 4.02 -44.04 -17.46
CA ASP A 463 4.28 -44.27 -18.89
C ASP A 463 5.75 -44.07 -19.25
N PRO A 464 6.30 -44.97 -20.09
CA PRO A 464 7.69 -44.82 -20.53
C PRO A 464 7.87 -43.58 -21.42
N VAL A 465 9.08 -43.05 -21.42
CA VAL A 465 9.37 -41.87 -22.20
C VAL A 465 9.13 -42.15 -23.68
N GLN A 466 8.36 -41.28 -24.33
CA GLN A 466 8.22 -41.29 -25.77
C GLN A 466 9.42 -40.51 -26.32
N GLU A 467 9.92 -40.93 -27.47
CA GLU A 467 11.11 -40.30 -28.04
C GLU A 467 10.81 -38.92 -28.61
N ALA A 468 9.62 -38.77 -29.20
CA ALA A 468 9.21 -37.48 -29.69
C ALA A 468 8.82 -36.59 -28.48
N TRP A 469 9.69 -35.64 -28.16
CA TRP A 469 9.51 -34.67 -27.05
C TRP A 469 8.11 -34.06 -26.98
N ALA A 470 7.70 -33.40 -28.07
CA ALA A 470 6.37 -32.81 -28.19
C ALA A 470 5.25 -33.76 -27.75
N GLU A 471 5.35 -35.03 -28.16
CA GLU A 471 4.34 -36.03 -27.82
C GLU A 471 4.38 -36.43 -26.36
N ASP A 472 5.58 -36.53 -25.81
CA ASP A 472 5.80 -36.93 -24.42
C ASP A 472 5.29 -35.87 -23.41
N VAL A 473 5.46 -34.60 -23.80
CA VAL A 473 4.89 -33.48 -23.06
C VAL A 473 3.38 -33.65 -23.06
N ASP A 474 2.81 -33.82 -24.26
CA ASP A 474 1.37 -33.97 -24.41
C ASP A 474 0.79 -35.08 -23.56
N LEU A 475 1.53 -36.17 -23.47
CA LEU A 475 1.10 -37.32 -22.70
C LEU A 475 0.96 -36.94 -21.22
N ARG A 476 2.00 -36.28 -20.71
CA ARG A 476 2.09 -35.86 -19.34
C ARG A 476 1.05 -34.75 -19.03
N VAL A 477 0.90 -33.77 -19.93
CA VAL A 477 -0.15 -32.74 -19.79
C VAL A 477 -1.57 -33.33 -19.77
N ASN A 478 -1.85 -34.22 -20.71
CA ASN A 478 -3.15 -34.87 -20.77
C ASN A 478 -3.43 -35.75 -19.55
N PHE A 479 -2.38 -36.35 -19.01
CA PHE A 479 -2.51 -37.14 -17.78
C PHE A 479 -2.96 -36.21 -16.62
N ALA A 480 -2.38 -35.00 -16.57
CA ALA A 480 -2.76 -34.02 -15.53
C ALA A 480 -4.22 -33.62 -15.64
N MET A 481 -4.70 -33.42 -16.87
CA MET A 481 -6.09 -33.09 -17.14
C MET A 481 -6.98 -34.21 -16.62
N ASN A 482 -6.52 -35.44 -16.78
CA ASN A 482 -7.34 -36.60 -16.45
C ASN A 482 -7.41 -36.78 -14.97
N VAL A 483 -6.28 -36.58 -14.29
CA VAL A 483 -6.21 -36.53 -12.83
C VAL A 483 -7.12 -35.43 -12.27
N GLY A 484 -7.03 -34.23 -12.84
CA GLY A 484 -7.85 -33.13 -12.39
C GLY A 484 -9.33 -33.39 -12.49
N LYS A 485 -9.76 -33.91 -13.64
CA LYS A 485 -11.20 -34.16 -13.84
C LYS A 485 -11.70 -35.22 -12.88
N ALA A 486 -10.90 -36.28 -12.70
CA ALA A 486 -11.21 -37.35 -11.77
C ALA A 486 -11.36 -36.87 -10.31
N ARG A 487 -10.44 -36.02 -9.83
CA ARG A 487 -10.51 -35.53 -8.45
C ARG A 487 -11.45 -34.34 -8.29
N GLY A 488 -12.02 -33.89 -9.40
CA GLY A 488 -12.92 -32.73 -9.38
C GLY A 488 -12.26 -31.36 -9.15
N PHE A 489 -11.04 -31.17 -9.65
CA PHE A 489 -10.43 -29.84 -9.61
C PHE A 489 -11.02 -28.93 -10.68
N PHE A 490 -11.48 -29.56 -11.77
CA PHE A 490 -11.95 -28.84 -12.93
C PHE A 490 -12.60 -29.82 -13.88
N LYS A 491 -13.29 -29.30 -14.88
CA LYS A 491 -13.97 -30.13 -15.86
C LYS A 491 -13.75 -29.56 -17.26
N LYS A 492 -14.10 -30.36 -18.28
CA LYS A 492 -14.01 -29.95 -19.69
C LYS A 492 -14.52 -28.51 -19.90
N GLY A 493 -13.78 -27.74 -20.68
CA GLY A 493 -14.17 -26.35 -20.97
C GLY A 493 -13.57 -25.33 -20.01
N ASP A 494 -13.04 -25.80 -18.88
CA ASP A 494 -12.35 -24.91 -17.94
C ASP A 494 -10.97 -24.51 -18.47
N VAL A 495 -10.38 -23.47 -17.88
CA VAL A 495 -9.09 -22.96 -18.33
C VAL A 495 -8.00 -23.31 -17.33
N VAL A 496 -6.92 -23.91 -17.81
CA VAL A 496 -5.81 -24.21 -16.94
C VAL A 496 -4.51 -23.60 -17.47
N ILE A 497 -3.54 -23.44 -16.57
CA ILE A 497 -2.22 -22.98 -16.93
C ILE A 497 -1.34 -24.21 -16.95
N VAL A 498 -0.54 -24.34 -18.00
CA VAL A 498 0.37 -25.49 -18.16
C VAL A 498 1.75 -24.92 -18.32
N LEU A 499 2.71 -25.45 -17.56
CA LEU A 499 4.10 -24.99 -17.60
C LEU A 499 5.04 -26.12 -18.02
N THR A 500 5.84 -25.86 -19.05
CA THR A 500 6.69 -26.87 -19.66
C THR A 500 8.01 -26.26 -20.12
N GLY A 501 9.02 -27.08 -20.35
CA GLY A 501 10.27 -26.63 -20.95
C GLY A 501 10.04 -26.42 -22.45
N TRP A 502 10.79 -25.50 -23.05
CA TRP A 502 10.63 -25.18 -24.48
C TRP A 502 11.38 -26.19 -25.38
N ARG A 503 12.63 -26.44 -25.02
CA ARG A 503 13.52 -27.33 -25.74
C ARG A 503 13.61 -28.67 -25.01
N PRO A 504 13.64 -29.80 -25.76
CA PRO A 504 14.04 -31.08 -25.18
C PRO A 504 15.33 -30.89 -24.38
N GLY A 505 15.38 -31.48 -23.20
CA GLY A 505 16.56 -31.38 -22.32
C GLY A 505 17.17 -30.00 -22.14
N SER A 506 16.33 -29.01 -21.86
CA SER A 506 16.84 -27.66 -21.54
C SER A 506 17.13 -27.54 -20.05
N GLY A 507 16.38 -28.26 -19.21
CA GLY A 507 16.45 -28.07 -17.76
C GLY A 507 15.75 -26.80 -17.27
N PHE A 508 15.11 -26.07 -18.20
CA PHE A 508 14.32 -24.91 -17.85
C PHE A 508 12.85 -25.27 -17.94
N THR A 509 12.04 -24.68 -17.07
CA THR A 509 10.60 -24.69 -17.27
C THR A 509 10.22 -23.25 -17.58
N ASN A 510 10.25 -22.92 -18.87
CA ASN A 510 10.24 -21.52 -19.30
C ASN A 510 9.12 -21.21 -20.29
N THR A 511 8.11 -22.07 -20.30
CA THR A 511 7.03 -21.95 -21.23
C THR A 511 5.72 -22.08 -20.48
N MET A 512 4.86 -21.09 -20.69
CA MET A 512 3.52 -21.10 -20.10
C MET A 512 2.45 -21.00 -21.18
N ARG A 513 1.44 -21.85 -21.06
CA ARG A 513 0.30 -21.83 -21.96
C ARG A 513 -1.01 -21.79 -21.17
N VAL A 514 -1.95 -21.01 -21.68
CA VAL A 514 -3.27 -20.94 -21.10
C VAL A 514 -4.11 -21.75 -22.05
N VAL A 515 -4.81 -22.73 -21.51
CA VAL A 515 -5.30 -23.90 -22.26
C VAL A 515 -6.66 -24.37 -21.72
N PRO A 516 -7.68 -24.54 -22.60
CA PRO A 516 -8.93 -25.11 -22.12
C PRO A 516 -8.76 -26.61 -21.83
N VAL A 517 -9.47 -27.10 -20.83
CA VAL A 517 -9.47 -28.49 -20.46
C VAL A 517 -10.27 -29.26 -21.53
N PRO A 518 -9.62 -30.27 -22.16
CA PRO A 518 -10.24 -31.09 -23.22
C PRO A 518 -11.31 -32.03 -22.68
N GLN B 1 15.31 -3.70 21.14
CA GLN B 1 14.02 -2.97 21.13
C GLN B 1 13.02 -3.59 22.10
N THR B 2 11.84 -2.98 22.18
CA THR B 2 10.84 -3.36 23.16
C THR B 2 9.45 -3.37 22.47
N GLN B 3 8.50 -4.10 23.07
CA GLN B 3 7.12 -4.22 22.54
C GLN B 3 6.96 -4.40 21.00
N GLN B 4 7.83 -5.21 20.39
CA GLN B 4 7.82 -5.48 18.95
C GLN B 4 7.87 -4.22 18.10
N LEU B 5 8.55 -3.18 18.60
CA LEU B 5 8.60 -1.90 17.87
C LEU B 5 9.37 -2.02 16.54
N HIS B 6 10.25 -3.03 16.46
CA HIS B 6 10.94 -3.32 15.21
C HIS B 6 9.93 -3.83 14.18
N ALA B 7 9.09 -4.79 14.57
CA ALA B 7 8.03 -5.25 13.65
C ALA B 7 6.98 -4.16 13.32
N ALA B 8 6.76 -3.24 14.27
CA ALA B 8 5.81 -2.13 14.12
C ALA B 8 6.17 -1.22 12.95
N MET B 9 7.48 -1.07 12.71
CA MET B 9 7.97 -0.22 11.62
C MET B 9 7.98 -0.85 10.21
N ALA B 10 7.55 -2.12 10.08
CA ALA B 10 7.64 -2.81 8.79
C ALA B 10 6.66 -2.30 7.72
N ASP B 11 7.11 -2.29 6.46
CA ASP B 11 6.27 -1.77 5.37
C ASP B 11 5.25 -2.74 4.85
N THR B 12 5.40 -4.02 5.14
CA THR B 12 4.39 -4.99 4.71
C THR B 12 4.05 -5.91 5.86
N PHE B 13 2.86 -6.52 5.79
CA PHE B 13 2.41 -7.48 6.80
C PHE B 13 3.38 -8.67 6.89
N LEU B 14 3.82 -9.21 5.75
CA LEU B 14 4.84 -10.28 5.74
C LEU B 14 6.11 -9.89 6.49
N GLU B 15 6.71 -8.77 6.11
CA GLU B 15 7.90 -8.32 6.77
C GLU B 15 7.64 -8.12 8.25
N HIS B 16 6.43 -7.68 8.61
CA HIS B 16 6.11 -7.49 10.03
C HIS B 16 6.15 -8.83 10.77
N MET B 17 5.62 -9.90 10.15
CA MET B 17 5.65 -11.24 10.74
CA MET B 17 5.66 -11.23 10.74
C MET B 17 7.10 -11.69 10.94
N CYS B 18 7.91 -11.50 9.89
CA CYS B 18 9.33 -11.82 9.93
C CYS B 18 10.10 -11.19 11.09
N ARG B 19 9.60 -10.08 11.62
CA ARG B 19 10.34 -9.36 12.65
C ARG B 19 9.88 -9.63 14.07
N LEU B 20 8.83 -10.42 14.24
CA LEU B 20 8.32 -10.66 15.59
C LEU B 20 9.41 -11.35 16.38
N ASP B 21 9.59 -10.96 17.64
CA ASP B 21 10.79 -11.32 18.36
C ASP B 21 10.44 -11.70 19.80
N ILE B 22 10.68 -12.95 20.14
CA ILE B 22 10.44 -13.45 21.50
C ILE B 22 11.33 -12.79 22.56
N ASP B 23 12.38 -12.07 22.17
CA ASP B 23 13.22 -11.34 23.14
C ASP B 23 12.86 -9.84 23.18
N SER B 24 11.69 -9.48 22.68
CA SER B 24 11.24 -8.10 22.76
C SER B 24 10.06 -8.08 23.70
N PRO B 25 10.27 -7.67 24.96
CA PRO B 25 9.24 -7.86 25.98
C PRO B 25 8.10 -6.87 25.85
N PRO B 26 6.89 -7.30 26.21
CA PRO B 26 5.71 -6.42 26.10
C PRO B 26 5.73 -5.30 27.14
N ILE B 27 4.93 -4.26 26.91
CA ILE B 27 4.67 -3.26 27.98
C ILE B 27 3.91 -3.93 29.11
N THR B 28 3.77 -3.26 30.25
CA THR B 28 3.06 -3.87 31.37
C THR B 28 1.52 -3.79 31.22
N ALA B 29 1.02 -2.73 30.61
CA ALA B 29 -0.42 -2.65 30.37
C ALA B 29 -0.97 -3.81 29.50
N ARG B 30 -2.21 -4.21 29.76
CA ARG B 30 -2.90 -5.28 29.05
C ARG B 30 -4.24 -4.75 28.54
N ASN B 31 -4.35 -4.50 27.24
CA ASN B 31 -5.57 -3.92 26.63
C ASN B 31 -6.84 -4.82 26.56
N THR B 32 -6.66 -6.12 26.37
CA THR B 32 -7.80 -7.03 26.21
C THR B 32 -8.51 -7.37 27.53
N GLY B 33 -9.80 -7.08 27.62
CA GLY B 33 -10.57 -7.46 28.79
C GLY B 33 -10.62 -8.97 28.97
N ILE B 34 -10.68 -9.42 30.23
CA ILE B 34 -10.82 -10.83 30.59
C ILE B 34 -12.14 -11.04 31.39
N ILE B 35 -13.01 -11.90 30.88
CA ILE B 35 -14.29 -12.17 31.51
C ILE B 35 -14.21 -13.58 32.05
N CYS B 36 -14.54 -13.78 33.33
CA CYS B 36 -14.42 -15.09 33.96
C CYS B 36 -15.78 -15.60 34.40
N THR B 37 -16.09 -16.83 34.06
CA THR B 37 -17.30 -17.46 34.57
C THR B 37 -17.08 -17.88 36.03
N ILE B 38 -17.90 -17.40 36.94
CA ILE B 38 -17.74 -17.74 38.35
C ILE B 38 -18.64 -18.91 38.70
N GLY B 39 -18.06 -19.94 39.30
CA GLY B 39 -18.83 -21.09 39.80
C GLY B 39 -18.13 -21.75 40.99
N PRO B 40 -18.44 -23.03 41.27
CA PRO B 40 -17.94 -23.73 42.46
C PRO B 40 -16.46 -23.51 42.74
N ALA B 41 -15.60 -23.49 41.71
CA ALA B 41 -14.18 -23.40 41.99
C ALA B 41 -13.70 -21.99 42.29
N SER B 42 -14.54 -20.97 42.08
CA SER B 42 -14.06 -19.59 42.17
C SER B 42 -14.99 -18.59 42.86
N ARG B 43 -16.08 -19.06 43.44
CA ARG B 43 -17.04 -18.12 44.02
C ARG B 43 -16.81 -17.69 45.49
N SER B 44 -15.72 -18.14 46.12
CA SER B 44 -15.38 -17.68 47.47
C SER B 44 -14.75 -16.27 47.40
N VAL B 45 -14.99 -15.48 48.44
CA VAL B 45 -14.47 -14.11 48.56
C VAL B 45 -12.95 -14.14 48.49
N GLU B 46 -12.34 -15.16 49.09
CA GLU B 46 -10.88 -15.31 49.03
C GLU B 46 -10.31 -15.61 47.63
N THR B 47 -10.90 -16.57 46.93
CA THR B 47 -10.51 -16.88 45.55
C THR B 47 -10.75 -15.68 44.60
N LEU B 48 -11.93 -15.08 44.69
CA LEU B 48 -12.27 -13.88 43.92
C LEU B 48 -11.25 -12.75 43.99
N LYS B 49 -10.73 -12.48 45.18
CA LYS B 49 -9.74 -11.43 45.39
C LYS B 49 -8.51 -11.72 44.56
N GLU B 50 -8.16 -13.00 44.49
CA GLU B 50 -7.03 -13.46 43.71
C GLU B 50 -7.32 -13.35 42.20
N MET B 51 -8.57 -13.62 41.82
CA MET B 51 -9.05 -13.51 40.46
C MET B 51 -8.88 -12.05 40.02
N ILE B 52 -9.28 -11.13 40.88
CA ILE B 52 -9.14 -9.71 40.55
C ILE B 52 -7.65 -9.40 40.39
N LYS B 53 -6.83 -9.91 41.30
CA LYS B 53 -5.39 -9.64 41.26
C LYS B 53 -4.70 -10.28 40.06
N SER B 54 -5.21 -11.44 39.66
CA SER B 54 -4.69 -12.12 38.48
C SER B 54 -5.06 -11.41 37.17
N GLY B 55 -6.18 -10.68 37.16
CA GLY B 55 -6.55 -9.83 36.04
C GLY B 55 -8.00 -9.84 35.57
N MET B 56 -8.86 -10.60 36.26
CA MET B 56 -10.30 -10.64 35.95
C MET B 56 -10.98 -9.26 35.89
N ASN B 57 -11.68 -8.96 34.80
CA ASN B 57 -12.35 -7.68 34.68
C ASN B 57 -13.87 -7.77 34.77
N VAL B 58 -14.42 -8.91 34.35
CA VAL B 58 -15.85 -9.10 34.31
C VAL B 58 -16.12 -10.45 34.91
N ALA B 59 -17.05 -10.52 35.87
CA ALA B 59 -17.54 -11.82 36.40
C ALA B 59 -18.84 -12.24 35.69
N ARG B 60 -18.80 -13.35 34.95
CA ARG B 60 -19.97 -13.85 34.29
C ARG B 60 -20.68 -14.86 35.18
N LEU B 61 -22.00 -14.74 35.26
CA LEU B 61 -22.83 -15.76 35.91
C LEU B 61 -23.70 -16.40 34.87
N ASN B 62 -23.60 -17.73 34.85
CA ASN B 62 -24.31 -18.55 33.91
C ASN B 62 -25.63 -19.01 34.49
N PHE B 63 -26.73 -18.48 33.97
CA PHE B 63 -28.07 -18.79 34.49
C PHE B 63 -28.73 -20.04 33.90
N SER B 64 -27.92 -20.87 33.27
CA SER B 64 -28.36 -22.16 32.80
C SER B 64 -28.60 -23.06 34.03
N HIS B 65 -27.84 -22.79 35.09
CA HIS B 65 -27.92 -23.54 36.33
C HIS B 65 -27.99 -22.58 37.50
N GLY B 66 -28.60 -23.05 38.59
CA GLY B 66 -28.61 -22.30 39.84
C GLY B 66 -29.90 -21.57 40.13
N THR B 67 -30.13 -21.37 41.43
CA THR B 67 -31.27 -20.60 41.92
C THR B 67 -30.89 -19.14 41.92
N HIS B 68 -31.91 -18.29 41.97
CA HIS B 68 -31.75 -16.87 42.30
C HIS B 68 -30.99 -16.59 43.61
N GLU B 69 -31.10 -17.50 44.57
CA GLU B 69 -30.47 -17.26 45.86
C GLU B 69 -28.98 -17.55 45.75
N TYR B 70 -28.67 -18.62 45.01
CA TYR B 70 -27.29 -19.00 44.75
C TYR B 70 -26.51 -17.86 44.07
N HIS B 71 -27.16 -17.20 43.10
CA HIS B 71 -26.52 -16.19 42.26
C HIS B 71 -26.34 -14.87 42.99
N ALA B 72 -27.28 -14.57 43.89
CA ALA B 72 -27.22 -13.36 44.68
C ALA B 72 -26.05 -13.45 45.62
N GLU B 73 -25.84 -14.63 46.19
CA GLU B 73 -24.67 -14.88 47.00
C GLU B 73 -23.39 -14.61 46.19
N THR B 74 -23.25 -15.26 45.02
CA THR B 74 -22.09 -15.01 44.14
C THR B 74 -21.89 -13.52 43.83
N ILE B 75 -22.97 -12.82 43.47
CA ILE B 75 -22.89 -11.40 43.19
C ILE B 75 -22.34 -10.66 44.42
N LYS B 76 -22.93 -10.98 45.58
CA LYS B 76 -22.54 -10.45 46.88
C LYS B 76 -21.05 -10.59 47.10
N ASN B 77 -20.56 -11.81 46.88
CA ASN B 77 -19.13 -12.14 47.05
C ASN B 77 -18.24 -11.40 46.06
N VAL B 78 -18.70 -11.27 44.81
CA VAL B 78 -17.93 -10.53 43.82
C VAL B 78 -17.81 -9.06 44.25
N ARG B 79 -18.90 -8.50 44.74
CA ARG B 79 -18.86 -7.14 45.26
C ARG B 79 -17.97 -7.02 46.49
N THR B 80 -18.09 -7.96 47.42
CA THR B 80 -17.26 -7.91 48.63
C THR B 80 -15.77 -7.95 48.27
N ALA B 81 -15.40 -8.90 47.42
CA ALA B 81 -14.01 -8.99 46.94
C ALA B 81 -13.55 -7.73 46.21
N THR B 82 -14.39 -7.20 45.33
CA THR B 82 -14.07 -5.98 44.59
C THR B 82 -13.88 -4.77 45.53
N GLU B 83 -14.84 -4.59 46.43
CA GLU B 83 -14.79 -3.46 47.38
C GLU B 83 -13.67 -3.60 48.41
N SER B 84 -13.14 -4.81 48.60
CA SER B 84 -12.00 -5.01 49.50
C SER B 84 -10.74 -4.18 49.12
N PHE B 85 -10.70 -3.68 47.87
CA PHE B 85 -9.57 -2.87 47.36
C PHE B 85 -9.91 -1.37 47.32
N ALA B 86 -11.12 -1.01 47.72
CA ALA B 86 -11.58 0.36 47.60
C ALA B 86 -10.86 1.37 48.53
N SER B 87 -10.19 0.88 49.58
CA SER B 87 -9.49 1.75 50.55
C SER B 87 -8.43 2.67 49.92
N ASP B 88 -7.72 2.15 48.90
CA ASP B 88 -6.80 2.95 48.11
C ASP B 88 -7.37 3.09 46.71
N PRO B 89 -7.98 4.26 46.41
CA PRO B 89 -8.73 4.48 45.17
C PRO B 89 -7.82 4.51 43.98
N ILE B 90 -6.53 4.55 44.26
CA ILE B 90 -5.52 4.49 43.22
C ILE B 90 -5.32 3.03 42.78
N LEU B 91 -5.70 2.08 43.63
CA LEU B 91 -5.50 0.65 43.38
C LEU B 91 -6.81 -0.12 43.13
N TYR B 92 -7.94 0.56 43.27
CA TYR B 92 -9.24 -0.05 43.07
C TYR B 92 -9.45 -0.41 41.60
N ARG B 93 -9.81 -1.67 41.36
CA ARG B 93 -10.20 -2.10 40.01
C ARG B 93 -11.70 -2.37 39.93
N PRO B 94 -12.40 -1.59 39.08
CA PRO B 94 -13.83 -1.84 38.91
C PRO B 94 -13.99 -3.25 38.33
N VAL B 95 -15.02 -3.99 38.76
CA VAL B 95 -15.28 -5.33 38.25
C VAL B 95 -16.74 -5.41 37.79
N ALA B 96 -16.97 -5.69 36.52
CA ALA B 96 -18.33 -5.73 36.03
C ALA B 96 -18.95 -7.07 36.40
N VAL B 97 -20.27 -7.09 36.44
CA VAL B 97 -21.02 -8.32 36.67
C VAL B 97 -21.86 -8.54 35.43
N ALA B 98 -21.76 -9.73 34.86
CA ALA B 98 -22.54 -10.05 33.67
C ALA B 98 -23.50 -11.20 33.94
N LEU B 99 -24.68 -11.12 33.35
CA LEU B 99 -25.67 -12.17 33.51
C LEU B 99 -25.87 -12.88 32.16
N ASP B 100 -25.58 -14.17 32.13
CA ASP B 100 -25.68 -14.97 30.91
C ASP B 100 -26.95 -15.81 31.02
N THR B 101 -27.96 -15.45 30.23
CA THR B 101 -29.25 -16.13 30.17
C THR B 101 -29.11 -17.56 29.68
N LYS B 102 -29.99 -18.43 30.19
CA LYS B 102 -30.10 -19.80 29.72
C LYS B 102 -30.56 -19.85 28.28
N GLY B 103 -31.63 -19.09 27.96
CA GLY B 103 -32.14 -19.02 26.58
C GLY B 103 -32.79 -20.33 26.13
N PRO B 104 -32.98 -20.53 24.81
CA PRO B 104 -33.68 -21.76 24.41
C PRO B 104 -32.79 -23.00 24.39
N GLU B 105 -32.37 -23.45 25.57
CA GLU B 105 -31.64 -24.71 25.72
C GLU B 105 -32.51 -25.96 25.53
N ILE B 106 -31.86 -27.08 25.24
CA ILE B 106 -32.45 -28.42 25.24
C ILE B 106 -31.45 -29.30 25.98
N ARG B 107 -31.86 -29.91 27.10
CA ARG B 107 -30.91 -30.65 27.95
C ARG B 107 -31.44 -32.04 28.32
N THR B 108 -30.57 -32.83 28.96
CA THR B 108 -30.87 -34.22 29.41
C THR B 108 -31.00 -34.35 30.94
N GLY B 109 -31.15 -35.59 31.42
CA GLY B 109 -31.43 -35.85 32.82
C GLY B 109 -30.32 -36.58 33.58
N LEU B 110 -30.72 -37.33 34.61
CA LEU B 110 -29.78 -38.01 35.52
C LEU B 110 -29.35 -39.43 35.06
N ILE B 111 -28.92 -40.29 35.99
CA ILE B 111 -28.32 -41.60 35.65
C ILE B 111 -28.85 -42.83 36.41
N LYS B 112 -29.39 -43.79 35.65
CA LYS B 112 -29.75 -45.16 36.09
C LYS B 112 -30.77 -45.36 37.22
N GLY B 113 -30.44 -44.88 38.42
CA GLY B 113 -31.28 -45.09 39.61
C GLY B 113 -30.49 -45.49 40.85
N SER B 114 -29.51 -46.38 40.66
CA SER B 114 -28.61 -46.82 41.75
C SER B 114 -27.58 -45.73 42.08
N GLY B 115 -27.27 -44.91 41.09
CA GLY B 115 -26.37 -43.76 41.26
C GLY B 115 -26.57 -42.77 40.11
N THR B 116 -27.22 -41.64 40.42
CA THR B 116 -27.48 -40.59 39.43
C THR B 116 -26.28 -39.65 39.24
N ALA B 117 -25.15 -40.25 38.86
CA ALA B 117 -23.86 -39.55 38.79
C ALA B 117 -23.25 -39.52 37.38
N GLU B 118 -22.68 -40.65 36.94
CA GLU B 118 -21.92 -40.72 35.68
C GLU B 118 -21.82 -42.16 35.13
N VAL B 119 -22.29 -42.36 33.89
CA VAL B 119 -22.22 -43.68 33.23
C VAL B 119 -21.67 -43.57 31.79
N GLU B 120 -22.10 -44.46 30.89
CA GLU B 120 -21.54 -44.53 29.52
C GLU B 120 -22.44 -45.28 28.52
N LEU B 121 -22.20 -45.06 27.23
CA LEU B 121 -22.72 -45.92 26.16
C LEU B 121 -21.62 -46.29 25.16
N LYS B 122 -21.76 -47.47 24.55
CA LYS B 122 -20.77 -48.04 23.64
C LYS B 122 -20.89 -47.46 22.22
N LYS B 123 -19.88 -47.71 21.40
CA LYS B 123 -19.79 -47.21 20.01
C LYS B 123 -20.72 -47.98 19.07
N GLY B 124 -21.28 -47.27 18.08
CA GLY B 124 -22.17 -47.85 17.08
C GLY B 124 -23.49 -48.35 17.64
N ALA B 125 -23.70 -48.15 18.94
CA ALA B 125 -24.86 -48.69 19.65
C ALA B 125 -26.17 -48.01 19.24
N THR B 126 -27.30 -48.54 19.73
CA THR B 126 -28.63 -47.94 19.50
C THR B 126 -29.22 -47.38 20.81
N LEU B 127 -30.19 -46.48 20.70
CA LEU B 127 -30.62 -45.68 21.86
C LEU B 127 -32.05 -45.15 21.78
N LYS B 128 -32.88 -45.54 22.75
CA LYS B 128 -34.26 -45.06 22.86
C LYS B 128 -34.30 -43.68 23.54
N ILE B 129 -34.95 -42.72 22.89
CA ILE B 129 -35.12 -41.36 23.46
C ILE B 129 -36.59 -40.96 23.50
N THR B 130 -36.99 -40.28 24.58
CA THR B 130 -38.40 -40.15 24.94
C THR B 130 -39.06 -38.78 24.75
N LEU B 131 -40.31 -38.79 24.31
CA LEU B 131 -41.20 -37.62 24.37
C LEU B 131 -42.29 -37.77 25.43
N ASP B 132 -42.03 -38.63 26.41
CA ASP B 132 -42.80 -38.66 27.65
C ASP B 132 -41.85 -38.38 28.83
N ASN B 133 -42.41 -37.95 29.96
CA ASN B 133 -41.62 -37.28 31.00
C ASN B 133 -41.54 -37.99 32.36
N ALA B 134 -41.42 -39.31 32.34
CA ALA B 134 -41.38 -40.09 33.59
C ALA B 134 -39.97 -40.60 33.93
N TYR B 135 -39.05 -40.52 32.98
CA TYR B 135 -37.81 -41.30 33.03
C TYR B 135 -36.57 -40.46 33.30
N MET B 136 -36.76 -39.27 33.88
CA MET B 136 -35.67 -38.30 34.10
C MET B 136 -34.63 -38.70 35.15
N GLU B 137 -35.06 -39.51 36.12
CA GLU B 137 -34.20 -39.94 37.24
C GLU B 137 -33.23 -41.04 36.82
N LYS B 138 -33.64 -41.82 35.83
CA LYS B 138 -33.04 -43.12 35.56
C LYS B 138 -32.43 -43.25 34.16
N CYS B 139 -32.00 -42.13 33.59
CA CYS B 139 -31.48 -42.10 32.22
C CYS B 139 -30.12 -42.78 32.08
N ASP B 140 -30.08 -43.94 31.44
CA ASP B 140 -28.81 -44.61 31.17
C ASP B 140 -28.56 -44.89 29.68
N GLU B 141 -27.59 -45.76 29.39
CA GLU B 141 -27.18 -46.14 28.04
C GLU B 141 -28.28 -46.78 27.14
N ASN B 142 -29.52 -46.87 27.65
CA ASN B 142 -30.61 -47.49 26.90
C ASN B 142 -31.72 -46.51 26.50
N ILE B 143 -32.26 -45.80 27.49
CA ILE B 143 -33.44 -44.94 27.30
C ILE B 143 -33.23 -43.56 27.94
N LEU B 144 -33.15 -42.52 27.09
CA LEU B 144 -32.70 -41.17 27.48
C LEU B 144 -33.76 -40.05 27.36
N TRP B 145 -33.57 -38.98 28.14
CA TRP B 145 -34.57 -37.92 28.33
C TRP B 145 -34.19 -36.53 27.76
N LEU B 146 -35.14 -35.92 27.06
CA LEU B 146 -35.01 -34.56 26.54
C LEU B 146 -36.09 -33.65 27.11
N ASP B 147 -36.06 -32.37 26.78
CA ASP B 147 -37.05 -31.42 27.30
C ASP B 147 -37.75 -30.56 26.26
N TYR B 148 -37.86 -31.06 25.03
CA TYR B 148 -38.42 -30.28 23.94
C TYR B 148 -39.70 -30.90 23.37
N LYS B 149 -40.76 -30.11 23.34
CA LYS B 149 -42.09 -30.58 22.92
C LYS B 149 -42.22 -30.70 21.40
N ASN B 150 -42.53 -29.59 20.75
CA ASN B 150 -42.74 -29.55 19.29
C ASN B 150 -41.51 -29.96 18.48
N ILE B 151 -40.79 -30.98 18.96
CA ILE B 151 -39.54 -31.41 18.35
C ILE B 151 -39.74 -31.83 16.89
N CYS B 152 -40.61 -32.81 16.70
CA CYS B 152 -40.82 -33.41 15.38
C CYS B 152 -41.66 -32.52 14.45
N LYS B 153 -42.01 -31.33 14.91
CA LYS B 153 -42.54 -30.28 14.03
C LYS B 153 -41.44 -29.73 13.12
N VAL B 154 -40.19 -29.77 13.60
CA VAL B 154 -39.04 -29.20 12.89
C VAL B 154 -37.92 -30.22 12.56
N VAL B 155 -38.14 -31.49 12.90
CA VAL B 155 -37.12 -32.56 12.80
C VAL B 155 -37.37 -33.50 11.61
N GLU B 156 -36.39 -34.39 11.32
CA GLU B 156 -36.51 -35.44 10.28
C GLU B 156 -35.97 -36.81 10.74
N VAL B 157 -36.19 -37.85 9.93
CA VAL B 157 -35.61 -39.19 10.14
C VAL B 157 -34.22 -39.23 9.46
N GLY B 158 -33.24 -39.83 10.13
CA GLY B 158 -31.86 -39.82 9.64
C GLY B 158 -31.16 -38.50 9.85
N SER B 159 -31.82 -37.61 10.60
CA SER B 159 -31.30 -36.27 10.87
C SER B 159 -30.33 -36.33 12.03
N LYS B 160 -29.38 -35.42 12.05
CA LYS B 160 -28.39 -35.39 13.10
C LYS B 160 -28.89 -34.63 14.33
N ILE B 161 -28.62 -35.23 15.49
CA ILE B 161 -28.88 -34.65 16.79
C ILE B 161 -27.60 -34.86 17.57
N TYR B 162 -27.16 -33.81 18.27
CA TYR B 162 -25.94 -33.91 19.05
C TYR B 162 -26.21 -33.81 20.54
N VAL B 163 -25.28 -34.32 21.34
CA VAL B 163 -25.40 -34.38 22.79
C VAL B 163 -24.07 -34.12 23.49
N ASP B 164 -24.15 -33.33 24.58
CA ASP B 164 -23.01 -33.09 25.49
C ASP B 164 -21.85 -32.45 24.74
N ASP B 165 -21.95 -31.15 24.53
CA ASP B 165 -20.95 -30.41 23.77
C ASP B 165 -20.73 -31.07 22.41
N GLY B 166 -21.76 -31.77 21.94
CA GLY B 166 -21.71 -32.53 20.68
C GLY B 166 -20.59 -33.56 20.59
N LEU B 167 -20.14 -34.05 21.75
CA LEU B 167 -19.12 -35.11 21.82
C LEU B 167 -19.77 -36.45 21.50
N ILE B 168 -21.07 -36.51 21.71
CA ILE B 168 -21.88 -37.65 21.33
C ILE B 168 -22.67 -37.34 20.06
N SER B 169 -22.40 -38.11 19.01
CA SER B 169 -23.10 -37.98 17.73
C SER B 169 -24.12 -39.10 17.60
N LEU B 170 -25.34 -38.74 17.16
CA LEU B 170 -26.39 -39.71 16.88
C LEU B 170 -27.24 -39.29 15.70
N GLN B 171 -27.56 -40.28 14.87
CA GLN B 171 -28.48 -40.11 13.76
C GLN B 171 -29.71 -40.94 14.07
N VAL B 172 -30.87 -40.34 13.89
CA VAL B 172 -32.13 -41.02 14.17
C VAL B 172 -32.35 -42.11 13.12
N LYS B 173 -32.33 -43.37 13.55
CA LYS B 173 -32.65 -44.47 12.63
C LYS B 173 -34.10 -44.43 12.17
N GLN B 174 -35.03 -44.28 13.13
CA GLN B 174 -36.45 -44.02 12.84
C GLN B 174 -37.13 -43.25 13.99
N LYS B 175 -38.28 -42.64 13.70
CA LYS B 175 -38.94 -41.73 14.65
C LYS B 175 -40.34 -42.21 15.07
N GLY B 176 -41.32 -42.02 14.19
CA GLY B 176 -42.73 -42.33 14.48
C GLY B 176 -43.63 -41.12 14.30
N ALA B 177 -44.47 -40.86 15.32
CA ALA B 177 -45.31 -39.66 15.35
C ALA B 177 -44.67 -38.53 16.16
N ASP B 178 -44.07 -38.90 17.30
CA ASP B 178 -43.37 -37.96 18.19
C ASP B 178 -42.58 -38.67 19.32
N PHE B 179 -41.52 -39.39 18.93
CA PHE B 179 -40.63 -40.13 19.84
C PHE B 179 -39.38 -40.61 19.07
N LEU B 180 -38.34 -41.04 19.77
CA LEU B 180 -37.03 -41.25 19.10
C LEU B 180 -36.23 -42.53 19.41
N VAL B 181 -35.88 -43.25 18.34
CA VAL B 181 -34.89 -44.33 18.39
C VAL B 181 -33.80 -43.98 17.37
N THR B 182 -32.54 -44.23 17.72
CA THR B 182 -31.42 -43.72 16.93
C THR B 182 -30.27 -44.72 16.89
N GLU B 183 -29.12 -44.28 16.34
CA GLU B 183 -27.90 -45.05 16.44
C GLU B 183 -26.65 -44.20 16.65
N VAL B 184 -25.90 -44.58 17.69
CA VAL B 184 -24.61 -43.98 18.04
C VAL B 184 -23.62 -44.07 16.90
N GLU B 185 -22.85 -42.99 16.71
CA GLU B 185 -21.74 -42.93 15.76
C GLU B 185 -20.45 -42.61 16.50
N ASN B 186 -20.44 -41.46 17.18
CA ASN B 186 -19.34 -41.10 18.08
C ASN B 186 -19.65 -41.50 19.52
N GLY B 187 -19.29 -42.73 19.88
CA GLY B 187 -19.53 -43.26 21.24
C GLY B 187 -18.51 -42.73 22.22
N GLY B 188 -18.98 -42.42 23.43
CA GLY B 188 -18.11 -41.87 24.48
C GLY B 188 -18.66 -42.09 25.87
N SER B 189 -18.31 -41.18 26.78
CA SER B 189 -18.77 -41.22 28.17
C SER B 189 -19.99 -40.32 28.37
N LEU B 190 -21.16 -40.91 28.63
CA LEU B 190 -22.39 -40.14 28.85
C LEU B 190 -22.57 -39.69 30.31
N GLY B 191 -22.86 -38.40 30.48
CA GLY B 191 -23.07 -37.81 31.81
C GLY B 191 -24.48 -37.31 32.09
N SER B 192 -24.60 -36.41 33.07
CA SER B 192 -25.88 -35.88 33.55
C SER B 192 -26.16 -34.47 33.04
N LYS B 193 -27.42 -34.20 32.68
CA LYS B 193 -27.94 -32.87 32.37
C LYS B 193 -27.19 -32.20 31.20
N LYS B 194 -26.90 -33.00 30.16
CA LYS B 194 -26.07 -32.55 29.05
C LYS B 194 -26.89 -31.89 27.94
N GLY B 195 -26.30 -30.86 27.31
CA GLY B 195 -26.96 -30.10 26.23
C GLY B 195 -27.22 -30.86 24.93
N VAL B 196 -28.27 -30.45 24.22
CA VAL B 196 -28.63 -31.05 22.93
C VAL B 196 -28.78 -30.03 21.78
N ASN B 197 -28.15 -30.32 20.65
CA ASN B 197 -28.27 -29.43 19.49
C ASN B 197 -28.88 -30.11 18.28
N LEU B 198 -29.68 -29.34 17.53
CA LEU B 198 -30.31 -29.82 16.30
C LEU B 198 -29.86 -28.98 15.12
N PRO B 199 -28.65 -29.27 14.60
CA PRO B 199 -28.20 -28.50 13.44
C PRO B 199 -29.20 -28.63 12.30
N GLY B 200 -29.70 -27.50 11.82
CA GLY B 200 -30.57 -27.47 10.63
C GLY B 200 -31.99 -26.99 10.88
N ALA B 201 -32.52 -27.29 12.06
CA ALA B 201 -33.89 -26.93 12.41
C ALA B 201 -34.00 -25.45 12.77
N ALA B 202 -35.00 -24.79 12.22
CA ALA B 202 -35.35 -23.44 12.69
C ALA B 202 -36.29 -23.60 13.90
N VAL B 203 -35.70 -24.06 15.00
CA VAL B 203 -36.37 -24.37 16.27
C VAL B 203 -37.37 -23.29 16.68
N ASP B 204 -38.51 -23.72 17.24
CA ASP B 204 -39.63 -22.81 17.55
C ASP B 204 -39.67 -22.23 18.99
N LEU B 205 -38.70 -22.61 19.81
CA LEU B 205 -38.59 -22.06 21.16
C LEU B 205 -38.47 -20.53 21.16
N PRO B 206 -39.01 -19.89 22.21
CA PRO B 206 -38.90 -18.41 22.26
C PRO B 206 -37.49 -17.90 22.58
N ALA B 207 -37.18 -16.71 22.07
CA ALA B 207 -35.90 -16.04 22.35
C ALA B 207 -35.76 -15.79 23.85
N VAL B 208 -36.79 -15.16 24.41
CA VAL B 208 -36.86 -14.88 25.83
C VAL B 208 -37.96 -15.73 26.46
N SER B 209 -37.57 -16.85 27.05
CA SER B 209 -38.53 -17.69 27.72
C SER B 209 -39.07 -17.02 28.99
N GLU B 210 -40.09 -17.66 29.57
CA GLU B 210 -40.66 -17.27 30.86
C GLU B 210 -39.58 -17.21 31.96
N LYS B 211 -38.75 -18.25 32.05
CA LYS B 211 -37.61 -18.25 33.00
C LYS B 211 -36.62 -17.10 32.74
N ASP B 212 -36.27 -16.88 31.48
CA ASP B 212 -35.44 -15.73 31.12
C ASP B 212 -36.02 -14.43 31.68
N ILE B 213 -37.35 -14.29 31.63
CA ILE B 213 -38.01 -13.05 32.09
C ILE B 213 -37.75 -12.81 33.56
N GLN B 214 -37.82 -13.90 34.34
CA GLN B 214 -37.53 -13.86 35.77
C GLN B 214 -36.06 -13.55 36.03
N ASP B 215 -35.18 -14.08 35.19
CA ASP B 215 -33.75 -13.90 35.38
C ASP B 215 -33.33 -12.48 35.04
N LEU B 216 -33.84 -11.98 33.92
CA LEU B 216 -33.57 -10.61 33.54
C LEU B 216 -34.05 -9.61 34.61
N LYS B 217 -35.23 -9.85 35.18
CA LYS B 217 -35.79 -8.97 36.22
C LYS B 217 -34.96 -9.04 37.50
N PHE B 218 -34.55 -10.25 37.88
CA PHE B 218 -33.55 -10.45 38.91
C PHE B 218 -32.29 -9.61 38.60
N GLY B 219 -31.83 -9.71 37.35
CA GLY B 219 -30.69 -8.94 36.89
C GLY B 219 -30.80 -7.44 37.09
N VAL B 220 -31.96 -6.88 36.78
CA VAL B 220 -32.21 -5.47 37.09
C VAL B 220 -32.14 -5.21 38.60
N GLU B 221 -32.91 -5.96 39.38
CA GLU B 221 -32.90 -5.85 40.85
C GLU B 221 -31.46 -5.84 41.39
N GLN B 222 -30.59 -6.67 40.80
CA GLN B 222 -29.24 -6.81 41.30
C GLN B 222 -28.25 -5.76 40.79
N ASP B 223 -28.68 -4.90 39.87
CA ASP B 223 -27.82 -3.81 39.36
C ASP B 223 -26.68 -4.32 38.42
N VAL B 224 -26.90 -5.42 37.72
CA VAL B 224 -25.90 -5.98 36.78
C VAL B 224 -25.52 -4.99 35.69
N ASP B 225 -24.29 -5.12 35.22
CA ASP B 225 -23.76 -4.21 34.25
C ASP B 225 -24.15 -4.60 32.85
N MET B 226 -24.33 -5.90 32.61
CA MET B 226 -24.58 -6.34 31.23
C MET B 226 -25.32 -7.67 31.17
N VAL B 227 -25.96 -7.90 30.04
CA VAL B 227 -26.61 -9.18 29.80
C VAL B 227 -26.01 -9.87 28.56
N PHE B 228 -25.59 -11.11 28.73
CA PHE B 228 -25.24 -11.94 27.58
C PHE B 228 -26.49 -12.76 27.16
N ALA B 229 -27.15 -12.36 26.07
CA ALA B 229 -28.39 -13.01 25.60
C ALA B 229 -28.07 -14.23 24.75
N SER B 230 -28.49 -15.41 25.20
CA SER B 230 -28.19 -16.63 24.48
C SER B 230 -29.02 -16.82 23.22
N PHE B 231 -28.40 -17.46 22.21
CA PHE B 231 -29.10 -17.89 20.99
C PHE B 231 -29.85 -16.81 20.21
N ILE B 232 -29.32 -15.60 20.17
CA ILE B 232 -29.95 -14.54 19.39
C ILE B 232 -29.93 -14.85 17.89
N ARG B 233 -31.13 -14.89 17.31
CA ARG B 233 -31.29 -15.25 15.89
C ARG B 233 -31.64 -14.06 15.02
N LYS B 234 -32.07 -12.96 15.62
CA LYS B 234 -32.47 -11.76 14.87
C LYS B 234 -32.65 -10.55 15.77
N ALA B 235 -32.84 -9.39 15.13
CA ALA B 235 -32.90 -8.14 15.82
C ALA B 235 -34.10 -8.05 16.74
N SER B 236 -35.24 -8.63 16.34
CA SER B 236 -36.41 -8.55 17.23
C SER B 236 -36.20 -9.38 18.51
N ASP B 237 -35.27 -10.35 18.48
CA ASP B 237 -34.88 -11.02 19.73
C ASP B 237 -34.20 -10.05 20.72
N VAL B 238 -33.35 -9.16 20.19
CA VAL B 238 -32.61 -8.22 21.02
C VAL B 238 -33.60 -7.20 21.60
N HIS B 239 -34.48 -6.70 20.76
CA HIS B 239 -35.48 -5.75 21.21
C HIS B 239 -36.38 -6.31 22.30
N GLU B 240 -36.65 -7.61 22.25
CA GLU B 240 -37.46 -8.22 23.32
C GLU B 240 -36.69 -8.41 24.62
N VAL B 241 -35.36 -8.51 24.53
CA VAL B 241 -34.53 -8.48 25.73
C VAL B 241 -34.53 -7.06 26.29
N ARG B 242 -34.42 -6.08 25.41
CA ARG B 242 -34.43 -4.68 25.80
C ARG B 242 -35.76 -4.27 26.46
N LYS B 243 -36.87 -4.72 25.88
CA LYS B 243 -38.22 -4.48 26.41
C LYS B 243 -38.45 -5.11 27.80
N VAL B 244 -37.94 -6.32 28.02
CA VAL B 244 -38.07 -6.94 29.33
C VAL B 244 -37.26 -6.20 30.41
N LEU B 245 -36.10 -5.68 30.06
CA LEU B 245 -35.31 -4.84 30.96
C LEU B 245 -35.99 -3.49 31.22
N GLY B 246 -36.59 -2.93 30.18
CA GLY B 246 -37.47 -1.77 30.28
C GLY B 246 -36.77 -0.51 30.78
N GLU B 247 -37.58 0.44 31.23
CA GLU B 247 -37.10 1.74 31.72
C GLU B 247 -36.02 1.61 32.78
N LYS B 248 -36.26 0.69 33.72
CA LYS B 248 -35.39 0.55 34.88
C LYS B 248 -34.01 0.07 34.47
N GLY B 249 -33.94 -0.94 33.60
CA GLY B 249 -32.67 -1.47 33.14
C GLY B 249 -32.22 -0.95 31.78
N LYS B 250 -32.51 0.31 31.49
CA LYS B 250 -32.20 0.87 30.18
C LYS B 250 -30.71 1.18 29.93
N ASN B 251 -29.90 1.20 30.99
CA ASN B 251 -28.46 1.47 30.88
C ASN B 251 -27.66 0.17 30.89
N ILE B 252 -28.36 -0.95 31.06
CA ILE B 252 -27.70 -2.25 30.98
C ILE B 252 -27.34 -2.59 29.53
N LYS B 253 -26.06 -2.89 29.31
CA LYS B 253 -25.58 -3.28 27.98
C LYS B 253 -26.13 -4.64 27.56
N ILE B 254 -26.69 -4.71 26.36
CA ILE B 254 -27.07 -6.02 25.83
C ILE B 254 -26.03 -6.56 24.85
N ILE B 255 -25.49 -7.70 25.21
CA ILE B 255 -24.50 -8.39 24.39
C ILE B 255 -25.14 -9.63 23.78
N SER B 256 -25.37 -9.62 22.47
CA SER B 256 -26.01 -10.73 21.80
C SER B 256 -25.01 -11.87 21.59
N LYS B 257 -25.40 -13.08 21.94
CA LYS B 257 -24.53 -14.24 21.68
C LYS B 257 -24.98 -14.88 20.39
N ILE B 258 -23.99 -15.03 19.49
CA ILE B 258 -24.21 -15.60 18.19
C ILE B 258 -23.71 -17.03 18.26
N GLU B 259 -24.64 -17.96 18.21
CA GLU B 259 -24.32 -19.36 18.43
C GLU B 259 -25.10 -20.34 17.59
N ASN B 260 -25.70 -19.88 16.50
CA ASN B 260 -26.28 -20.77 15.51
C ASN B 260 -26.26 -20.13 14.14
N HIS B 261 -26.66 -20.90 13.13
CA HIS B 261 -26.54 -20.50 11.74
C HIS B 261 -27.28 -19.20 11.40
N GLU B 262 -28.46 -19.03 11.98
CA GLU B 262 -29.33 -17.87 11.71
C GLU B 262 -28.67 -16.58 12.23
N GLY B 263 -28.15 -16.64 13.44
CA GLY B 263 -27.45 -15.50 14.07
C GLY B 263 -26.28 -15.04 13.21
N VAL B 264 -25.52 -16.00 12.66
CA VAL B 264 -24.46 -15.69 11.73
C VAL B 264 -25.03 -15.00 10.50
N ARG B 265 -26.11 -15.55 9.93
CA ARG B 265 -26.63 -15.04 8.67
C ARG B 265 -27.30 -13.69 8.84
N ARG B 266 -27.83 -13.44 10.03
CA ARG B 266 -28.49 -12.18 10.26
C ARG B 266 -27.62 -11.27 11.11
N PHE B 267 -26.31 -11.49 11.03
CA PHE B 267 -25.41 -10.80 11.92
C PHE B 267 -25.57 -9.28 11.85
N ASP B 268 -25.75 -8.74 10.66
CA ASP B 268 -25.80 -7.27 10.54
C ASP B 268 -26.94 -6.58 11.34
N GLU B 269 -28.16 -7.07 11.16
CA GLU B 269 -29.32 -6.53 11.90
C GLU B 269 -29.16 -6.76 13.40
N ILE B 270 -28.49 -7.85 13.78
CA ILE B 270 -28.28 -8.13 15.20
C ILE B 270 -27.27 -7.17 15.81
N LEU B 271 -26.17 -6.94 15.09
CA LEU B 271 -25.13 -6.02 15.54
C LEU B 271 -25.72 -4.62 15.70
N GLU B 272 -26.43 -4.15 14.68
CA GLU B 272 -27.01 -2.83 14.72
C GLU B 272 -27.87 -2.67 15.97
N ALA B 273 -28.55 -3.73 16.39
CA ALA B 273 -29.50 -3.63 17.50
C ALA B 273 -28.89 -3.84 18.87
N SER B 274 -27.67 -4.37 18.92
CA SER B 274 -27.03 -4.78 20.18
C SER B 274 -26.05 -3.75 20.68
N ASP B 275 -25.56 -3.96 21.88
CA ASP B 275 -24.52 -3.09 22.41
C ASP B 275 -23.16 -3.71 22.11
N GLY B 276 -23.15 -5.01 21.79
CA GLY B 276 -21.93 -5.69 21.43
C GLY B 276 -22.25 -7.14 21.14
N ILE B 277 -21.21 -7.94 20.91
CA ILE B 277 -21.39 -9.29 20.38
C ILE B 277 -20.54 -10.29 21.14
N MET B 278 -21.08 -11.47 21.41
CA MET B 278 -20.23 -12.56 21.85
C MET B 278 -20.20 -13.65 20.75
N VAL B 279 -18.99 -14.06 20.38
CA VAL B 279 -18.83 -15.21 19.51
C VAL B 279 -18.83 -16.43 20.42
N ALA B 280 -19.98 -17.06 20.53
CA ALA B 280 -20.15 -18.14 21.48
C ALA B 280 -19.81 -19.46 20.80
N ARG B 281 -18.53 -19.80 20.78
CA ARG B 281 -18.04 -20.90 19.92
C ARG B 281 -18.47 -22.31 20.31
N GLY B 282 -18.92 -22.48 21.55
CA GLY B 282 -19.27 -23.82 22.06
C GLY B 282 -20.43 -24.37 21.26
N ASP B 283 -21.58 -23.70 21.35
CA ASP B 283 -22.71 -24.05 20.54
C ASP B 283 -22.51 -23.77 19.07
N LEU B 284 -21.73 -22.75 18.71
CA LEU B 284 -21.61 -22.39 17.31
C LEU B 284 -20.91 -23.52 16.53
N GLY B 285 -19.90 -24.13 17.14
CA GLY B 285 -19.20 -25.28 16.57
C GLY B 285 -19.96 -26.60 16.54
N ILE B 286 -21.20 -26.59 16.99
CA ILE B 286 -22.05 -27.77 16.91
C ILE B 286 -23.12 -27.47 15.88
N GLU B 287 -23.67 -26.26 15.96
CA GLU B 287 -24.70 -25.78 15.05
C GLU B 287 -24.20 -25.61 13.62
N ILE B 288 -22.95 -25.21 13.46
CA ILE B 288 -22.32 -25.18 12.12
C ILE B 288 -21.10 -26.10 12.18
N PRO B 289 -20.63 -26.58 11.00
CA PRO B 289 -19.48 -27.47 11.01
C PRO B 289 -18.23 -26.84 11.66
N ALA B 290 -17.57 -27.64 12.50
CA ALA B 290 -16.50 -27.22 13.37
C ALA B 290 -15.41 -26.48 12.62
N GLU B 291 -15.17 -26.93 11.38
CA GLU B 291 -14.11 -26.38 10.57
C GLU B 291 -14.44 -24.98 10.05
N LYS B 292 -15.70 -24.55 10.21
CA LYS B 292 -16.16 -23.23 9.72
C LYS B 292 -16.17 -22.12 10.78
N VAL B 293 -15.96 -22.48 12.04
CA VAL B 293 -16.10 -21.53 13.15
C VAL B 293 -15.17 -20.33 13.05
N PHE B 294 -13.92 -20.60 12.68
CA PHE B 294 -12.92 -19.56 12.65
C PHE B 294 -13.31 -18.48 11.66
N LEU B 295 -14.01 -18.87 10.58
CA LEU B 295 -14.51 -17.92 9.58
C LEU B 295 -15.62 -17.05 10.15
N ALA B 296 -16.46 -17.65 10.96
CA ALA B 296 -17.58 -16.93 11.56
C ALA B 296 -17.01 -15.99 12.64
N GLN B 297 -16.06 -16.49 13.41
CA GLN B 297 -15.31 -15.68 14.37
C GLN B 297 -14.60 -14.48 13.72
N LYS B 298 -13.84 -14.71 12.64
CA LYS B 298 -13.10 -13.56 12.05
C LYS B 298 -14.03 -12.59 11.34
N MET B 299 -15.12 -13.08 10.75
CA MET B 299 -16.11 -12.18 10.16
C MET B 299 -16.74 -11.26 11.23
N MET B 300 -17.15 -11.86 12.33
CA MET B 300 -17.84 -11.09 13.38
C MET B 300 -16.97 -10.06 14.11
N ILE B 301 -15.74 -10.46 14.40
CA ILE B 301 -14.78 -9.53 14.97
C ILE B 301 -14.50 -8.40 13.98
N GLY B 302 -14.26 -8.75 12.71
CA GLY B 302 -14.06 -7.76 11.64
C GLY B 302 -15.17 -6.70 11.62
N ARG B 303 -16.42 -7.15 11.62
CA ARG B 303 -17.57 -6.27 11.45
C ARG B 303 -17.84 -5.46 12.73
N CYS B 304 -17.52 -6.07 13.86
CA CYS B 304 -17.62 -5.34 15.09
C CYS B 304 -16.56 -4.25 15.15
N ASN B 305 -15.32 -4.59 14.78
CA ASN B 305 -14.23 -3.61 14.75
C ASN B 305 -14.62 -2.45 13.82
N ARG B 306 -15.17 -2.81 12.67
CA ARG B 306 -15.61 -1.81 11.71
C ARG B 306 -16.75 -0.95 12.27
N ALA B 307 -17.66 -1.55 13.06
CA ALA B 307 -18.81 -0.80 13.56
C ALA B 307 -18.47 -0.07 14.85
N GLY B 308 -17.39 -0.44 15.52
CA GLY B 308 -17.00 0.18 16.79
C GLY B 308 -17.71 -0.43 17.99
N LYS B 309 -18.24 -1.63 17.83
CA LYS B 309 -18.89 -2.26 18.97
C LYS B 309 -18.04 -3.39 19.50
N PRO B 310 -18.07 -3.60 20.81
CA PRO B 310 -17.33 -4.61 21.58
C PRO B 310 -17.64 -5.99 21.09
N VAL B 311 -16.62 -6.81 20.95
CA VAL B 311 -16.81 -8.21 20.58
C VAL B 311 -16.01 -9.09 21.53
N ILE B 312 -16.67 -10.12 22.06
CA ILE B 312 -16.08 -11.06 22.99
C ILE B 312 -15.82 -12.39 22.29
N CYS B 313 -14.60 -12.93 22.38
CA CYS B 313 -14.37 -14.29 21.89
C CYS B 313 -14.48 -15.25 23.06
N ALA B 314 -15.27 -16.30 22.90
CA ALA B 314 -15.58 -17.15 24.06
C ALA B 314 -15.52 -18.64 23.76
N THR B 315 -15.24 -19.41 24.81
CA THR B 315 -15.46 -20.86 24.90
C THR B 315 -14.33 -21.69 24.41
N GLN B 316 -13.84 -22.52 25.34
CA GLN B 316 -12.80 -23.51 25.13
C GLN B 316 -11.49 -22.86 24.77
N MET B 317 -11.28 -21.62 25.17
CA MET B 317 -10.00 -20.99 24.86
C MET B 317 -8.83 -21.64 25.60
N LEU B 318 -9.04 -22.02 26.86
CA LEU B 318 -8.00 -22.72 27.63
C LEU B 318 -8.52 -24.03 28.24
N GLU B 319 -9.38 -24.72 27.48
CA GLU B 319 -10.11 -25.91 27.96
C GLU B 319 -9.29 -26.91 28.77
N SER B 320 -8.08 -27.25 28.32
CA SER B 320 -7.33 -28.32 28.95
C SER B 320 -6.84 -27.90 30.36
N MET B 321 -6.95 -26.62 30.65
CA MET B 321 -6.54 -26.09 31.95
C MET B 321 -7.60 -26.37 33.00
N ILE B 322 -8.75 -26.90 32.58
CA ILE B 322 -9.72 -27.37 33.56
C ILE B 322 -9.03 -28.43 34.47
N LYS B 323 -8.10 -29.20 33.92
CA LYS B 323 -7.45 -30.31 34.64
C LYS B 323 -5.94 -30.18 34.80
N LYS B 324 -5.34 -29.25 34.07
CA LYS B 324 -3.87 -29.16 34.05
C LYS B 324 -3.47 -27.73 34.37
N PRO B 325 -2.26 -27.55 34.93
CA PRO B 325 -1.77 -26.21 35.24
C PRO B 325 -1.16 -25.45 34.04
N ARG B 326 -0.83 -26.13 32.93
CA ARG B 326 -0.37 -25.46 31.71
C ARG B 326 -1.39 -25.70 30.55
N PRO B 327 -1.54 -24.73 29.63
CA PRO B 327 -2.42 -24.96 28.47
C PRO B 327 -1.70 -25.78 27.40
N THR B 328 -2.43 -26.33 26.43
CA THR B 328 -1.75 -26.90 25.23
C THR B 328 -1.17 -25.80 24.31
N ARG B 329 -0.38 -26.19 23.31
CA ARG B 329 0.11 -25.17 22.37
C ARG B 329 -1.00 -24.57 21.49
N ALA B 330 -2.07 -25.36 21.20
CA ALA B 330 -3.16 -24.86 20.40
C ALA B 330 -3.94 -23.82 21.19
N GLU B 331 -4.02 -24.01 22.49
CA GLU B 331 -4.68 -23.04 23.34
C GLU B 331 -3.89 -21.73 23.43
N GLY B 332 -2.57 -21.83 23.49
CA GLY B 332 -1.73 -20.64 23.46
C GLY B 332 -2.03 -19.83 22.21
N SER B 333 -1.98 -20.52 21.08
CA SER B 333 -2.27 -19.95 19.77
C SER B 333 -3.65 -19.29 19.66
N ASP B 334 -4.67 -19.97 20.16
CA ASP B 334 -6.04 -19.51 20.07
C ASP B 334 -6.26 -18.16 20.75
N VAL B 335 -5.79 -18.04 21.99
CA VAL B 335 -5.92 -16.79 22.72
C VAL B 335 -5.21 -15.72 21.95
N ALA B 336 -4.03 -16.04 21.46
CA ALA B 336 -3.22 -15.04 20.81
C ALA B 336 -3.90 -14.57 19.53
N ASN B 337 -4.52 -15.51 18.82
CA ASN B 337 -5.11 -15.19 17.56
C ASN B 337 -6.44 -14.46 17.71
N ALA B 338 -7.18 -14.73 18.78
CA ALA B 338 -8.39 -13.94 19.07
C ALA B 338 -8.02 -12.48 19.25
N VAL B 339 -6.92 -12.22 19.93
CA VAL B 339 -6.46 -10.85 20.11
C VAL B 339 -5.99 -10.24 18.80
N LEU B 340 -5.20 -10.97 18.01
CA LEU B 340 -4.78 -10.46 16.73
C LEU B 340 -5.98 -10.27 15.84
N ASP B 341 -7.01 -11.12 16.01
CA ASP B 341 -8.24 -10.95 15.22
C ASP B 341 -8.86 -9.59 15.40
N GLY B 342 -8.84 -9.09 16.65
CA GLY B 342 -9.42 -7.80 16.98
C GLY B 342 -10.38 -7.88 18.16
N ALA B 343 -10.42 -9.03 18.85
CA ALA B 343 -11.40 -9.22 19.91
C ALA B 343 -11.17 -8.22 21.04
N ASP B 344 -12.24 -7.55 21.47
CA ASP B 344 -12.16 -6.66 22.66
C ASP B 344 -11.91 -7.44 23.97
N CYS B 345 -12.58 -8.58 24.15
CA CYS B 345 -12.45 -9.37 25.34
C CYS B 345 -12.33 -10.85 24.98
N ILE B 346 -11.63 -11.59 25.83
CA ILE B 346 -11.59 -13.06 25.76
C ILE B 346 -12.24 -13.60 27.04
N MET B 347 -12.78 -14.80 26.99
CA MET B 347 -13.59 -15.31 28.07
C MET B 347 -13.10 -16.68 28.49
N LEU B 348 -13.31 -16.97 29.77
CA LEU B 348 -13.07 -18.26 30.36
C LEU B 348 -14.39 -18.73 30.93
N SER B 349 -14.67 -20.03 30.77
CA SER B 349 -15.88 -20.67 31.30
C SER B 349 -15.52 -21.77 32.30
N GLY B 350 -15.60 -23.03 31.88
CA GLY B 350 -15.19 -24.16 32.75
C GLY B 350 -13.86 -23.91 33.44
N GLU B 351 -12.94 -23.32 32.72
CA GLU B 351 -11.59 -23.06 33.23
C GLU B 351 -11.60 -22.32 34.60
N THR B 352 -12.59 -21.46 34.82
CA THR B 352 -12.67 -20.72 36.08
C THR B 352 -13.85 -21.11 36.93
N ALA B 353 -14.94 -21.53 36.29
CA ALA B 353 -16.12 -21.95 37.02
C ALA B 353 -15.90 -23.22 37.87
N LYS B 354 -15.27 -24.25 37.32
CA LYS B 354 -15.29 -25.57 37.96
C LYS B 354 -13.96 -26.34 37.93
N GLY B 355 -12.94 -25.76 37.30
CA GLY B 355 -11.67 -26.45 37.08
C GLY B 355 -10.73 -26.38 38.25
N ASP B 356 -9.60 -27.06 38.13
CA ASP B 356 -8.66 -27.17 39.24
C ASP B 356 -7.61 -26.08 39.26
N TYR B 357 -7.62 -25.21 38.26
CA TYR B 357 -6.61 -24.15 38.22
C TYR B 357 -7.14 -22.80 37.74
N PRO B 358 -8.20 -22.31 38.38
CA PRO B 358 -8.81 -21.09 37.88
C PRO B 358 -7.84 -19.93 37.83
N LEU B 359 -7.01 -19.80 38.86
CA LEU B 359 -6.06 -18.68 38.91
C LEU B 359 -4.99 -18.74 37.80
N GLU B 360 -4.47 -19.95 37.56
CA GLU B 360 -3.53 -20.19 36.45
C GLU B 360 -4.12 -19.77 35.07
N ALA B 361 -5.36 -20.17 34.83
CA ALA B 361 -6.09 -19.80 33.61
C ALA B 361 -6.13 -18.28 33.40
N VAL B 362 -6.67 -17.57 34.39
CA VAL B 362 -6.75 -16.11 34.30
C VAL B 362 -5.37 -15.54 34.03
N ARG B 363 -4.35 -16.10 34.68
CA ARG B 363 -2.99 -15.56 34.54
C ARG B 363 -2.41 -15.86 33.20
N MET B 364 -2.79 -16.99 32.62
CA MET B 364 -2.26 -17.36 31.31
C MET B 364 -2.87 -16.44 30.23
N GLN B 365 -4.17 -16.16 30.36
CA GLN B 365 -4.83 -15.24 29.45
C GLN B 365 -4.21 -13.86 29.52
N HIS B 366 -3.87 -13.45 30.74
CA HIS B 366 -3.24 -12.16 30.96
C HIS B 366 -1.91 -12.09 30.23
N LEU B 367 -1.07 -13.10 30.39
CA LEU B 367 0.24 -13.10 29.73
C LEU B 367 0.16 -13.15 28.21
N ILE B 368 -0.80 -13.89 27.67
CA ILE B 368 -0.83 -14.10 26.22
C ILE B 368 -1.35 -12.82 25.57
N ALA B 369 -2.43 -12.29 26.14
CA ALA B 369 -3.01 -11.07 25.59
C ALA B 369 -1.95 -10.01 25.42
N ARG B 370 -1.20 -9.77 26.48
CA ARG B 370 -0.14 -8.77 26.45
C ARG B 370 0.88 -8.99 25.32
N GLU B 371 1.36 -10.21 25.15
CA GLU B 371 2.29 -10.54 24.06
C GLU B 371 1.62 -10.31 22.73
N ALA B 372 0.35 -10.73 22.60
CA ALA B 372 -0.35 -10.60 21.34
C ALA B 372 -0.58 -9.15 20.94
N GLU B 373 -0.92 -8.30 21.93
CA GLU B 373 -1.19 -6.86 21.68
C GLU B 373 0.04 -6.15 21.12
N ALA B 374 1.21 -6.53 21.60
CA ALA B 374 2.45 -6.00 21.02
C ALA B 374 2.67 -6.47 19.56
N ALA B 375 2.11 -7.61 19.19
CA ALA B 375 2.43 -8.18 17.88
C ALA B 375 1.46 -7.68 16.80
N ILE B 376 0.52 -6.81 17.19
CA ILE B 376 -0.46 -6.24 16.28
C ILE B 376 0.24 -5.30 15.31
N TYR B 377 -0.16 -5.34 14.04
CA TYR B 377 0.45 -4.51 13.00
C TYR B 377 -0.33 -3.22 12.91
N HIS B 378 -0.08 -2.30 13.85
CA HIS B 378 -0.92 -1.11 14.02
C HIS B 378 -0.91 -0.22 12.79
N LEU B 379 0.25 -0.14 12.15
CA LEU B 379 0.39 0.64 10.94
C LEU B 379 -0.72 0.37 9.94
N GLN B 380 -1.00 -0.90 9.68
CA GLN B 380 -2.04 -1.23 8.71
C GLN B 380 -3.44 -1.13 9.32
N LEU B 381 -3.57 -1.53 10.57
CA LEU B 381 -4.87 -1.49 11.22
C LEU B 381 -5.41 -0.05 11.28
N PHE B 382 -4.58 0.86 11.79
CA PHE B 382 -4.96 2.26 11.89
C PHE B 382 -5.25 2.88 10.52
N GLU B 383 -4.38 2.64 9.54
CA GLU B 383 -4.69 3.07 8.17
C GLU B 383 -6.07 2.60 7.68
N GLU B 384 -6.44 1.35 7.94
CA GLU B 384 -7.69 0.83 7.35
C GLU B 384 -8.92 1.30 8.07
N LEU B 385 -8.84 1.40 9.40
CA LEU B 385 -9.95 1.96 10.16
C LEU B 385 -10.20 3.41 9.73
N ARG B 386 -9.13 4.15 9.45
CA ARG B 386 -9.27 5.53 8.98
C ARG B 386 -9.87 5.62 7.59
N ARG B 387 -9.49 4.72 6.69
CA ARG B 387 -10.06 4.71 5.36
C ARG B 387 -11.52 4.24 5.38
N LEU B 388 -11.81 3.22 6.18
CA LEU B 388 -13.17 2.67 6.29
C LEU B 388 -13.98 3.38 7.34
N ALA B 389 -13.62 4.64 7.59
CA ALA B 389 -14.34 5.51 8.52
C ALA B 389 -15.16 6.48 7.70
N PRO B 390 -16.50 6.44 7.85
CA PRO B 390 -17.31 7.48 7.20
C PRO B 390 -16.93 8.83 7.79
N ILE B 391 -16.53 9.80 6.94
CA ILE B 391 -16.21 11.17 7.39
C ILE B 391 -17.44 11.82 7.98
N THR B 392 -17.25 12.56 9.06
CA THR B 392 -18.34 13.16 9.83
C THR B 392 -17.92 14.57 10.16
N SER B 393 -18.89 15.40 10.53
CA SER B 393 -18.58 16.73 11.06
C SER B 393 -18.39 16.67 12.58
N ASP B 394 -18.61 15.49 13.16
CA ASP B 394 -18.58 15.29 14.62
C ASP B 394 -17.20 15.64 15.21
N PRO B 395 -17.14 16.75 15.97
CA PRO B 395 -15.93 17.30 16.58
C PRO B 395 -15.25 16.33 17.52
N THR B 396 -16.03 15.59 18.29
CA THR B 396 -15.50 14.58 19.23
C THR B 396 -14.77 13.44 18.49
N GLU B 397 -15.21 13.12 17.29
CA GLU B 397 -14.59 12.08 16.50
C GLU B 397 -13.23 12.54 15.98
N ALA B 398 -13.18 13.80 15.54
CA ALA B 398 -11.96 14.40 15.05
C ALA B 398 -10.88 14.47 16.15
N THR B 399 -11.28 14.81 17.37
CA THR B 399 -10.34 14.91 18.47
C THR B 399 -9.81 13.52 18.79
N ALA B 400 -10.69 12.52 18.67
CA ALA B 400 -10.33 11.16 19.06
C ALA B 400 -9.31 10.53 18.09
N VAL B 401 -9.51 10.69 16.78
CA VAL B 401 -8.51 10.13 15.85
C VAL B 401 -7.21 10.96 15.94
N GLY B 402 -7.35 12.25 16.23
CA GLY B 402 -6.23 13.16 16.47
C GLY B 402 -5.38 12.61 17.58
N ALA B 403 -6.06 12.19 18.64
CA ALA B 403 -5.38 11.67 19.83
C ALA B 403 -4.63 10.38 19.56
N VAL B 404 -5.26 9.48 18.82
CA VAL B 404 -4.64 8.20 18.48
C VAL B 404 -3.43 8.39 17.57
N GLU B 405 -3.59 9.25 16.56
CA GLU B 405 -2.48 9.62 15.72
C GLU B 405 -1.31 10.18 16.55
N ALA B 406 -1.62 11.11 17.46
CA ALA B 406 -0.62 11.72 18.30
C ALA B 406 0.07 10.66 19.16
N SER B 407 -0.69 9.71 19.70
CA SER B 407 -0.10 8.68 20.57
C SER B 407 0.86 7.74 19.83
N PHE B 408 0.62 7.49 18.56
CA PHE B 408 1.61 6.74 17.77
C PHE B 408 2.88 7.58 17.54
N LYS B 409 2.71 8.83 17.13
CA LYS B 409 3.82 9.70 16.76
C LYS B 409 4.87 9.87 17.86
N CYS B 410 4.41 9.98 19.09
CA CYS B 410 5.28 10.14 20.23
C CYS B 410 5.31 8.89 21.14
N CYS B 411 4.86 7.74 20.62
CA CYS B 411 4.86 6.48 21.39
C CYS B 411 4.48 6.67 22.88
N SER B 412 3.31 7.27 23.13
CA SER B 412 2.97 7.73 24.48
C SER B 412 2.64 6.61 25.45
N GLY B 413 2.74 6.90 26.75
CA GLY B 413 2.46 5.91 27.78
C GLY B 413 0.97 5.63 28.00
N ALA B 414 0.10 6.54 27.56
CA ALA B 414 -1.33 6.35 27.72
C ALA B 414 -2.08 7.43 27.01
N ILE B 415 -3.36 7.16 26.81
CA ILE B 415 -4.29 8.20 26.44
C ILE B 415 -5.23 8.33 27.65
N ILE B 416 -5.26 9.51 28.24
CA ILE B 416 -6.05 9.74 29.43
C ILE B 416 -7.30 10.41 28.91
N VAL B 417 -8.47 9.88 29.27
CA VAL B 417 -9.72 10.43 28.77
C VAL B 417 -10.68 10.64 29.94
N LEU B 418 -11.29 11.81 29.99
CA LEU B 418 -12.26 12.10 31.03
C LEU B 418 -13.64 11.78 30.50
N THR B 419 -14.37 10.89 31.15
CA THR B 419 -15.65 10.53 30.57
C THR B 419 -16.76 10.27 31.56
N LYS B 420 -17.94 10.77 31.27
CA LYS B 420 -19.10 10.51 32.10
C LYS B 420 -19.83 9.24 31.62
N SER B 421 -20.24 9.18 30.36
CA SER B 421 -20.98 8.02 29.83
C SER B 421 -20.04 6.93 29.31
N GLY B 422 -18.78 7.29 29.15
CA GLY B 422 -17.83 6.37 28.54
C GLY B 422 -17.66 6.69 27.06
N ARG B 423 -18.62 7.37 26.44
CA ARG B 423 -18.60 7.49 24.99
C ARG B 423 -17.24 7.93 24.46
N SER B 424 -16.68 8.96 25.08
CA SER B 424 -15.40 9.52 24.67
C SER B 424 -14.31 8.47 24.66
N ALA B 425 -14.27 7.63 25.68
CA ALA B 425 -13.26 6.58 25.75
C ALA B 425 -13.52 5.55 24.62
N HIS B 426 -14.80 5.24 24.38
CA HIS B 426 -15.18 4.28 23.34
C HIS B 426 -14.74 4.76 21.97
N GLN B 427 -14.87 6.06 21.73
CA GLN B 427 -14.42 6.66 20.46
C GLN B 427 -12.91 6.54 20.25
N VAL B 428 -12.13 6.57 21.32
CA VAL B 428 -10.71 6.40 21.17
C VAL B 428 -10.42 4.93 20.94
N ALA B 429 -11.01 4.05 21.77
CA ALA B 429 -10.76 2.59 21.64
C ALA B 429 -11.02 2.00 20.23
N ARG B 430 -11.96 2.56 19.49
CA ARG B 430 -12.34 1.94 18.21
C ARG B 430 -11.29 2.14 17.11
N TYR B 431 -10.35 3.08 17.32
CA TYR B 431 -9.21 3.31 16.48
C TYR B 431 -8.00 2.51 16.97
N ARG B 432 -8.18 1.71 18.03
CA ARG B 432 -7.18 0.71 18.43
C ARG B 432 -5.78 1.23 18.69
N PRO B 433 -5.64 2.19 19.64
CA PRO B 433 -4.29 2.69 19.92
C PRO B 433 -3.48 1.57 20.51
N ARG B 434 -2.16 1.72 20.49
CA ARG B 434 -1.28 0.76 21.13
CA ARG B 434 -1.24 0.79 21.12
C ARG B 434 -1.22 1.08 22.62
N ALA B 435 -1.21 2.37 22.94
CA ALA B 435 -1.17 2.82 24.33
C ALA B 435 -2.48 2.56 25.09
N PRO B 436 -2.40 2.12 26.35
CA PRO B 436 -3.61 1.90 27.13
C PRO B 436 -4.40 3.19 27.30
N ILE B 437 -5.70 3.03 27.50
CA ILE B 437 -6.60 4.17 27.60
C ILE B 437 -7.05 4.24 29.06
N ILE B 438 -6.60 5.26 29.78
CA ILE B 438 -7.08 5.39 31.16
C ILE B 438 -8.31 6.28 31.11
N ALA B 439 -9.50 5.66 31.25
CA ALA B 439 -10.79 6.39 31.19
C ALA B 439 -11.21 6.80 32.60
N VAL B 440 -11.16 8.08 32.91
CA VAL B 440 -11.40 8.49 34.27
C VAL B 440 -12.85 8.87 34.35
N THR B 441 -13.60 8.23 35.24
CA THR B 441 -15.03 8.54 35.37
C THR B 441 -15.48 8.68 36.84
N ARG B 442 -16.55 9.44 37.07
CA ARG B 442 -17.20 9.45 38.41
C ARG B 442 -18.37 8.49 38.45
N ASN B 443 -18.81 8.05 37.28
CA ASN B 443 -19.91 7.10 37.23
C ASN B 443 -19.45 5.64 37.38
N PRO B 444 -19.84 4.97 38.48
CA PRO B 444 -19.33 3.63 38.75
C PRO B 444 -19.76 2.63 37.67
N GLN B 445 -20.92 2.87 37.07
CA GLN B 445 -21.47 1.93 36.12
C GLN B 445 -20.72 2.02 34.79
N THR B 446 -20.45 3.22 34.32
CA THR B 446 -19.64 3.31 33.12
C THR B 446 -18.22 2.79 33.33
N ALA B 447 -17.67 2.98 34.52
CA ALA B 447 -16.38 2.40 34.85
C ALA B 447 -16.42 0.87 34.70
N ARG B 448 -17.53 0.25 35.10
CA ARG B 448 -17.61 -1.19 34.96
C ARG B 448 -17.88 -1.63 33.51
N GLN B 449 -18.68 -0.87 32.79
CA GLN B 449 -19.07 -1.25 31.44
C GLN B 449 -17.95 -1.05 30.42
N ALA B 450 -16.97 -0.23 30.78
CA ALA B 450 -15.87 0.11 29.88
C ALA B 450 -14.90 -1.05 29.64
N HIS B 451 -14.93 -2.04 30.51
CA HIS B 451 -14.11 -3.24 30.37
C HIS B 451 -14.34 -3.98 29.06
N LEU B 452 -15.45 -3.64 28.40
CA LEU B 452 -15.85 -4.29 27.16
C LEU B 452 -15.04 -3.79 25.96
N TYR B 453 -14.35 -2.67 26.14
CA TYR B 453 -13.65 -2.04 25.05
C TYR B 453 -12.18 -2.28 25.18
N ARG B 454 -11.60 -2.89 24.14
CA ARG B 454 -10.16 -3.13 24.06
C ARG B 454 -9.40 -1.84 24.42
N GLY B 455 -8.46 -1.96 25.33
CA GLY B 455 -7.58 -0.86 25.64
C GLY B 455 -7.99 -0.02 26.83
N ILE B 456 -9.24 -0.14 27.27
CA ILE B 456 -9.72 0.74 28.34
C ILE B 456 -9.42 0.22 29.73
N PHE B 457 -8.62 0.99 30.44
CA PHE B 457 -8.36 0.75 31.82
C PHE B 457 -9.24 1.78 32.56
N PRO B 458 -10.37 1.34 33.12
CA PRO B 458 -11.27 2.32 33.75
C PRO B 458 -10.86 2.63 35.17
N VAL B 459 -10.93 3.91 35.53
CA VAL B 459 -10.64 4.31 36.91
C VAL B 459 -11.77 5.15 37.50
N LEU B 460 -12.13 4.79 38.73
CA LEU B 460 -13.28 5.42 39.35
C LEU B 460 -12.81 6.53 40.31
N CYS B 461 -13.04 7.77 39.90
CA CYS B 461 -12.69 8.90 40.75
C CYS B 461 -13.79 9.12 41.76
N LYS B 462 -13.46 8.99 43.04
CA LYS B 462 -14.45 9.09 44.11
C LYS B 462 -14.56 10.47 44.76
N ASP B 463 -13.68 11.39 44.38
CA ASP B 463 -13.69 12.73 44.95
C ASP B 463 -14.79 13.67 44.42
N PRO B 464 -15.39 14.47 45.33
CA PRO B 464 -16.42 15.45 44.99
C PRO B 464 -16.06 16.34 43.82
N VAL B 465 -17.05 16.64 42.99
CA VAL B 465 -16.89 17.62 41.91
C VAL B 465 -16.47 18.97 42.49
N GLN B 466 -15.60 19.67 41.77
CA GLN B 466 -15.14 20.99 42.18
C GLN B 466 -15.79 22.01 41.27
N GLU B 467 -15.97 23.22 41.81
CA GLU B 467 -16.78 24.25 41.15
C GLU B 467 -16.12 24.76 39.90
N ALA B 468 -14.84 25.10 39.98
CA ALA B 468 -14.08 25.52 38.80
C ALA B 468 -13.82 24.30 37.91
N TRP B 469 -14.06 24.46 36.62
CA TRP B 469 -13.95 23.38 35.64
C TRP B 469 -12.50 22.93 35.57
N ALA B 470 -11.65 23.88 35.19
CA ALA B 470 -10.22 23.71 35.10
C ALA B 470 -9.58 22.92 36.24
N GLU B 471 -10.03 23.14 37.47
CA GLU B 471 -9.39 22.50 38.62
C GLU B 471 -9.93 21.10 38.82
N ASP B 472 -11.19 20.91 38.49
CA ASP B 472 -11.81 19.62 38.62
C ASP B 472 -11.22 18.70 37.54
N VAL B 473 -11.13 19.20 36.30
CA VAL B 473 -10.38 18.56 35.21
C VAL B 473 -8.97 18.16 35.64
N ASP B 474 -8.19 19.11 36.17
CA ASP B 474 -6.82 18.81 36.62
C ASP B 474 -6.74 17.80 37.76
N LEU B 475 -7.77 17.70 38.59
CA LEU B 475 -7.75 16.71 39.67
C LEU B 475 -8.01 15.29 39.15
N ARG B 476 -8.82 15.19 38.10
CA ARG B 476 -9.10 13.90 37.50
C ARG B 476 -7.91 13.46 36.65
N VAL B 477 -7.32 14.39 35.92
CA VAL B 477 -6.07 14.11 35.19
C VAL B 477 -4.98 13.60 36.13
N ASN B 478 -4.82 14.28 37.25
CA ASN B 478 -3.78 13.91 38.17
C ASN B 478 -4.00 12.56 38.80
N PHE B 479 -5.27 12.26 39.06
CA PHE B 479 -5.65 10.95 39.54
C PHE B 479 -5.20 9.86 38.54
N ALA B 480 -5.40 10.14 37.25
CA ALA B 480 -5.02 9.19 36.19
C ALA B 480 -3.50 9.03 36.10
N MET B 481 -2.79 10.16 36.15
CA MET B 481 -1.33 10.15 36.33
C MET B 481 -0.86 9.25 37.47
N ASN B 482 -1.55 9.31 38.62
CA ASN B 482 -1.13 8.53 39.79
C ASN B 482 -1.43 7.04 39.67
N VAL B 483 -2.55 6.72 39.05
CA VAL B 483 -2.90 5.32 38.78
C VAL B 483 -1.89 4.69 37.82
N GLY B 484 -1.55 5.42 36.77
CA GLY B 484 -0.63 4.92 35.75
C GLY B 484 0.76 4.68 36.31
N LYS B 485 1.28 5.68 37.01
CA LYS B 485 2.54 5.52 37.76
C LYS B 485 2.45 4.33 38.69
N ALA B 486 1.35 4.23 39.44
CA ALA B 486 1.24 3.16 40.41
C ALA B 486 1.19 1.76 39.77
N ARG B 487 0.63 1.67 38.56
CA ARG B 487 0.53 0.38 37.86
C ARG B 487 1.71 0.12 36.92
N GLY B 488 2.70 1.02 36.90
CA GLY B 488 3.85 0.84 36.02
C GLY B 488 3.57 1.04 34.54
N PHE B 489 2.50 1.77 34.19
CA PHE B 489 2.19 2.07 32.78
C PHE B 489 3.15 3.09 32.19
N PHE B 490 3.64 3.97 33.06
CA PHE B 490 4.53 5.04 32.66
C PHE B 490 5.15 5.62 33.92
N LYS B 491 6.09 6.57 33.75
CA LYS B 491 6.78 7.15 34.92
C LYS B 491 7.10 8.64 34.73
N LYS B 492 7.52 9.30 35.80
CA LYS B 492 7.88 10.71 35.77
C LYS B 492 8.73 10.98 34.54
N GLY B 493 8.35 11.98 33.76
CA GLY B 493 9.10 12.31 32.55
C GLY B 493 8.53 11.73 31.26
N ASP B 494 7.69 10.69 31.35
CA ASP B 494 7.07 10.12 30.15
C ASP B 494 6.02 11.08 29.57
N VAL B 495 5.73 10.94 28.27
CA VAL B 495 4.69 11.74 27.63
C VAL B 495 3.36 10.96 27.59
N VAL B 496 2.25 11.61 27.97
CA VAL B 496 0.92 11.03 27.73
C VAL B 496 0.07 11.99 26.92
N ILE B 497 -0.99 11.47 26.30
CA ILE B 497 -1.99 12.28 25.64
C ILE B 497 -3.17 12.42 26.60
N VAL B 498 -3.85 13.57 26.58
CA VAL B 498 -4.97 13.82 27.51
C VAL B 498 -6.12 14.43 26.75
N LEU B 499 -7.29 13.80 26.80
CA LEU B 499 -8.47 14.25 26.09
C LEU B 499 -9.50 14.77 27.08
N THR B 500 -10.01 16.00 26.86
CA THR B 500 -10.97 16.63 27.79
C THR B 500 -11.96 17.51 27.03
N GLY B 501 -13.01 17.96 27.72
CA GLY B 501 -14.01 18.83 27.13
C GLY B 501 -13.76 20.30 27.43
N TRP B 502 -14.42 21.16 26.67
CA TRP B 502 -14.29 22.62 26.87
C TRP B 502 -15.17 23.13 28.04
N ARG B 503 -16.18 22.33 28.40
CA ARG B 503 -17.00 22.53 29.60
C ARG B 503 -17.62 21.19 30.03
N PRO B 504 -18.36 21.17 31.16
CA PRO B 504 -19.00 19.96 31.72
C PRO B 504 -20.18 19.37 30.93
N GLY B 505 -20.38 18.06 31.07
CA GLY B 505 -21.42 17.33 30.31
C GLY B 505 -20.89 16.35 29.27
N SER B 506 -21.80 15.75 28.50
CA SER B 506 -21.45 14.76 27.46
C SER B 506 -21.54 15.33 26.04
N GLY B 507 -20.67 14.83 25.15
CA GLY B 507 -20.57 15.29 23.75
C GLY B 507 -19.71 16.53 23.55
N PHE B 508 -18.97 16.92 24.58
CA PHE B 508 -18.17 18.14 24.52
C PHE B 508 -16.65 17.91 24.45
N THR B 509 -16.23 16.66 24.29
CA THR B 509 -14.79 16.34 24.24
C THR B 509 -14.15 16.88 22.97
N ASN B 510 -13.34 17.93 23.09
CA ASN B 510 -12.78 18.57 21.92
C ASN B 510 -11.35 19.09 22.13
N THR B 511 -10.67 18.61 23.16
CA THR B 511 -9.38 19.20 23.53
C THR B 511 -8.40 18.09 23.77
N MET B 512 -7.25 18.19 23.12
CA MET B 512 -6.22 17.16 23.27
C MET B 512 -4.91 17.82 23.63
N ARG B 513 -4.25 17.30 24.65
CA ARG B 513 -2.99 17.86 25.08
C ARG B 513 -1.95 16.77 25.13
N VAL B 514 -0.77 17.08 24.66
CA VAL B 514 0.40 16.24 24.89
C VAL B 514 1.12 16.79 26.12
N VAL B 515 1.28 15.94 27.12
CA VAL B 515 1.57 16.34 28.49
C VAL B 515 2.64 15.40 29.07
N PRO B 516 3.65 15.96 29.76
CA PRO B 516 4.60 15.10 30.45
C PRO B 516 4.02 14.61 31.77
N VAL B 517 4.44 13.43 32.21
CA VAL B 517 4.07 12.91 33.52
C VAL B 517 4.90 13.60 34.62
N PRO B 518 4.22 14.21 35.60
CA PRO B 518 4.89 14.92 36.70
C PRO B 518 5.47 13.95 37.73
N GLN C 1 23.75 2.97 -10.19
CA GLN C 1 22.71 2.08 -10.80
C GLN C 1 22.41 2.49 -12.24
N THR C 2 21.29 2.02 -12.78
CA THR C 2 20.87 2.37 -14.14
C THR C 2 19.34 2.35 -14.29
N GLN C 3 18.87 3.07 -15.31
CA GLN C 3 17.43 3.23 -15.63
C GLN C 3 16.48 3.45 -14.45
N GLN C 4 16.96 4.26 -13.50
CA GLN C 4 16.25 4.60 -12.27
C GLN C 4 15.79 3.38 -11.45
N LEU C 5 16.53 2.27 -11.57
CA LEU C 5 16.20 1.03 -10.83
C LEU C 5 16.32 1.15 -9.30
N HIS C 6 17.17 2.06 -8.82
CA HIS C 6 17.18 2.35 -7.38
C HIS C 6 15.84 2.97 -6.94
N ALA C 7 15.34 3.90 -7.77
CA ALA C 7 14.04 4.51 -7.58
C ALA C 7 12.90 3.51 -7.75
N ALA C 8 13.10 2.50 -8.60
CA ALA C 8 12.05 1.55 -8.97
C ALA C 8 11.66 0.64 -7.80
N MET C 9 12.57 0.52 -6.82
CA MET C 9 12.40 -0.36 -5.67
C MET C 9 11.84 0.37 -4.45
N ALA C 10 11.55 1.66 -4.60
CA ALA C 10 11.05 2.45 -3.48
C ALA C 10 9.65 2.03 -3.05
N ASP C 11 9.43 2.00 -1.73
CA ASP C 11 8.22 1.47 -1.13
C ASP C 11 7.11 2.48 -1.19
N THR C 12 7.48 3.74 -1.30
CA THR C 12 6.47 4.76 -1.44
C THR C 12 6.74 5.66 -2.65
N PHE C 13 5.71 6.38 -3.04
CA PHE C 13 5.86 7.33 -4.11
C PHE C 13 6.80 8.49 -3.73
N LEU C 14 6.72 8.97 -2.49
CA LEU C 14 7.61 9.99 -2.00
C LEU C 14 9.06 9.54 -2.10
N GLU C 15 9.35 8.34 -1.61
CA GLU C 15 10.72 7.84 -1.63
C GLU C 15 11.22 7.56 -3.05
N HIS C 16 10.33 7.14 -3.93
CA HIS C 16 10.64 7.04 -5.38
C HIS C 16 11.10 8.41 -5.97
N MET C 17 10.39 9.49 -5.62
CA MET C 17 10.79 10.82 -6.05
CA MET C 17 10.79 10.84 -6.03
C MET C 17 12.17 11.18 -5.49
N CYS C 18 12.41 10.87 -4.21
CA CYS C 18 13.68 11.16 -3.56
C CYS C 18 14.85 10.42 -4.17
N ARG C 19 14.58 9.30 -4.83
CA ARG C 19 15.67 8.47 -5.38
C ARG C 19 15.99 8.71 -6.84
N LEU C 20 15.18 9.51 -7.54
CA LEU C 20 15.48 9.86 -8.93
C LEU C 20 16.87 10.50 -9.00
N ASP C 21 17.61 10.12 -10.02
CA ASP C 21 19.03 10.39 -10.08
C ASP C 21 19.47 10.82 -11.49
N ILE C 22 19.89 12.08 -11.62
CA ILE C 22 20.34 12.61 -12.92
C ILE C 22 21.51 11.85 -13.54
N ASP C 23 22.21 11.05 -12.73
CA ASP C 23 23.36 10.27 -13.18
C ASP C 23 23.07 8.82 -13.54
N SER C 24 21.81 8.41 -13.39
CA SER C 24 21.41 7.07 -13.77
C SER C 24 20.90 7.15 -15.22
N PRO C 25 21.66 6.59 -16.17
CA PRO C 25 21.31 6.66 -17.61
C PRO C 25 20.14 5.75 -18.02
N PRO C 26 19.24 6.27 -18.87
CA PRO C 26 18.10 5.47 -19.37
C PRO C 26 18.55 4.31 -20.28
N ILE C 27 17.65 3.37 -20.55
CA ILE C 27 17.94 2.34 -21.56
C ILE C 27 17.85 2.95 -22.96
N THR C 28 18.36 2.28 -23.98
CA THR C 28 18.34 2.89 -25.31
C THR C 28 16.90 3.04 -25.87
N ALA C 29 16.08 1.98 -25.73
CA ALA C 29 14.68 2.01 -26.19
C ALA C 29 13.85 3.17 -25.64
N ARG C 30 12.94 3.66 -26.47
CA ARG C 30 12.09 4.77 -26.14
C ARG C 30 10.67 4.36 -26.47
N ASN C 31 9.82 4.31 -25.43
CA ASN C 31 8.47 3.76 -25.54
C ASN C 31 7.38 4.72 -26.05
N THR C 32 7.54 6.00 -25.78
CA THR C 32 6.51 6.92 -26.15
C THR C 32 6.63 7.30 -27.63
N GLY C 33 5.54 7.10 -28.36
CA GLY C 33 5.48 7.44 -29.78
C GLY C 33 5.61 8.94 -30.01
N ILE C 34 6.30 9.30 -31.09
CA ILE C 34 6.44 10.71 -31.45
C ILE C 34 5.72 11.00 -32.76
N ILE C 35 4.80 11.95 -32.71
CA ILE C 35 4.01 12.32 -33.87
C ILE C 35 4.49 13.67 -34.37
N CYS C 36 4.78 13.77 -35.67
CA CYS C 36 5.30 15.01 -36.26
C CYS C 36 4.38 15.59 -37.32
N THR C 37 4.07 16.86 -37.17
CA THR C 37 3.31 17.55 -38.20
C THR C 37 4.24 17.89 -39.36
N ILE C 38 3.84 17.49 -40.56
CA ILE C 38 4.62 17.78 -41.75
C ILE C 38 4.15 19.10 -42.37
N GLY C 39 5.10 19.90 -42.81
CA GLY C 39 4.82 21.14 -43.57
C GLY C 39 6.09 21.56 -44.28
N PRO C 40 6.15 22.83 -44.72
CA PRO C 40 7.27 23.42 -45.50
C PRO C 40 8.66 23.11 -44.94
N ALA C 41 8.84 23.27 -43.62
CA ALA C 41 10.13 22.98 -42.99
C ALA C 41 10.57 21.50 -43.02
N SER C 42 9.64 20.60 -43.34
CA SER C 42 9.92 19.20 -43.14
C SER C 42 9.51 18.24 -44.26
N ARG C 43 8.89 18.72 -45.33
CA ARG C 43 8.34 17.79 -46.30
C ARG C 43 9.29 17.27 -47.38
N SER C 44 10.52 17.77 -47.45
CA SER C 44 11.47 17.25 -48.44
C SER C 44 11.90 15.83 -48.08
N VAL C 45 12.16 15.01 -49.08
CA VAL C 45 12.61 13.65 -48.87
C VAL C 45 13.78 13.59 -47.89
N GLU C 46 14.77 14.46 -48.07
CA GLU C 46 16.02 14.38 -47.30
C GLU C 46 15.83 14.75 -45.82
N THR C 47 15.04 15.78 -45.55
CA THR C 47 14.68 16.12 -44.18
C THR C 47 13.90 14.96 -43.53
N LEU C 48 12.96 14.40 -44.28
CA LEU C 48 12.14 13.26 -43.84
C LEU C 48 12.99 12.03 -43.49
N LYS C 49 14.07 11.80 -44.24
CA LYS C 49 15.02 10.76 -43.90
C LYS C 49 15.64 11.01 -42.51
N GLU C 50 15.99 12.26 -42.23
CA GLU C 50 16.60 12.59 -40.95
C GLU C 50 15.58 12.55 -39.81
N MET C 51 14.36 13.03 -40.08
CA MET C 51 13.23 12.93 -39.14
C MET C 51 13.02 11.48 -38.65
N ILE C 52 12.99 10.54 -39.59
CA ILE C 52 12.81 9.16 -39.25
C ILE C 52 13.97 8.70 -38.37
N LYS C 53 15.19 9.08 -38.77
CA LYS C 53 16.38 8.71 -38.04
C LYS C 53 16.35 9.30 -36.63
N SER C 54 15.76 10.48 -36.49
CA SER C 54 15.71 11.17 -35.21
C SER C 54 14.61 10.64 -34.27
N GLY C 55 13.61 9.97 -34.83
CA GLY C 55 12.60 9.30 -33.99
C GLY C 55 11.12 9.42 -34.32
N MET C 56 10.82 10.05 -35.45
CA MET C 56 9.44 10.25 -35.87
C MET C 56 8.83 8.89 -36.14
N ASN C 57 7.62 8.67 -35.64
CA ASN C 57 6.89 7.44 -35.92
C ASN C 57 5.63 7.67 -36.77
N VAL C 58 5.04 8.84 -36.61
CA VAL C 58 3.81 9.16 -37.29
C VAL C 58 3.96 10.49 -37.97
N ALA C 59 3.57 10.55 -39.24
CA ALA C 59 3.59 11.81 -39.98
C ALA C 59 2.18 12.33 -40.03
N ARG C 60 1.98 13.54 -39.55
CA ARG C 60 0.64 14.10 -39.51
C ARG C 60 0.48 15.24 -40.56
N LEU C 61 -0.52 15.10 -41.43
CA LEU C 61 -0.86 16.14 -42.40
C LEU C 61 -2.10 16.88 -41.96
N ASN C 62 -1.96 18.18 -41.75
CA ASN C 62 -3.08 18.99 -41.35
C ASN C 62 -3.85 19.42 -42.59
N PHE C 63 -5.08 18.91 -42.71
CA PHE C 63 -5.92 19.25 -43.85
C PHE C 63 -6.63 20.58 -43.78
N SER C 64 -6.42 21.34 -42.71
CA SER C 64 -7.00 22.67 -42.68
C SER C 64 -6.36 23.64 -43.72
N HIS C 65 -5.27 23.20 -44.36
CA HIS C 65 -4.57 23.98 -45.39
C HIS C 65 -4.13 23.02 -46.47
N GLY C 66 -3.88 23.56 -47.66
CA GLY C 66 -3.32 22.80 -48.78
C GLY C 66 -4.29 22.03 -49.66
N THR C 67 -3.84 21.69 -50.86
CA THR C 67 -4.65 20.94 -51.81
C THR C 67 -4.33 19.48 -51.72
N HIS C 68 -5.22 18.68 -52.31
CA HIS C 68 -5.01 17.24 -52.48
C HIS C 68 -3.73 16.85 -53.22
N GLU C 69 -3.37 17.56 -54.30
CA GLU C 69 -2.10 17.29 -54.99
C GLU C 69 -0.94 17.54 -54.01
N TYR C 70 -1.05 18.59 -53.21
CA TYR C 70 0.03 18.97 -52.31
C TYR C 70 0.26 17.84 -51.30
N HIS C 71 -0.84 17.41 -50.68
CA HIS C 71 -0.83 16.34 -49.69
C HIS C 71 -0.47 15.00 -50.30
N ALA C 72 -0.83 14.76 -51.56
CA ALA C 72 -0.44 13.50 -52.21
C ALA C 72 1.07 13.48 -52.36
N GLU C 73 1.64 14.66 -52.63
CA GLU C 73 3.09 14.83 -52.81
C GLU C 73 3.84 14.60 -51.49
N THR C 74 3.29 15.13 -50.39
CA THR C 74 3.90 14.96 -49.08
C THR C 74 3.93 13.51 -48.69
N ILE C 75 2.77 12.87 -48.81
CA ILE C 75 2.64 11.45 -48.58
C ILE C 75 3.67 10.71 -49.43
N LYS C 76 3.80 11.08 -50.71
CA LYS C 76 4.78 10.41 -51.57
C LYS C 76 6.20 10.52 -51.00
N ASN C 77 6.56 11.70 -50.53
CA ASN C 77 7.89 11.95 -49.95
C ASN C 77 8.11 11.16 -48.67
N VAL C 78 7.09 11.14 -47.81
CA VAL C 78 7.10 10.33 -46.59
C VAL C 78 7.33 8.87 -46.94
N ARG C 79 6.62 8.38 -47.95
CA ARG C 79 6.79 6.97 -48.29
C ARG C 79 8.15 6.68 -48.92
N THR C 80 8.67 7.66 -49.66
CA THR C 80 10.02 7.54 -50.26
C THR C 80 11.07 7.53 -49.16
N ALA C 81 10.97 8.50 -48.27
CA ALA C 81 11.88 8.59 -47.13
C ALA C 81 11.87 7.30 -46.33
N THR C 82 10.67 6.82 -46.03
CA THR C 82 10.47 5.56 -45.28
C THR C 82 11.07 4.38 -46.05
N GLU C 83 10.68 4.23 -47.32
CA GLU C 83 11.13 3.05 -48.06
C GLU C 83 12.62 3.05 -48.40
N SER C 84 13.30 4.16 -48.15
CA SER C 84 14.74 4.21 -48.41
C SER C 84 15.54 3.35 -47.43
N PHE C 85 14.94 3.02 -46.28
CA PHE C 85 15.54 2.10 -45.31
C PHE C 85 15.14 0.66 -45.51
N ALA C 86 14.30 0.38 -46.50
CA ALA C 86 13.71 -0.97 -46.66
C ALA C 86 14.71 -2.04 -47.04
N SER C 87 15.82 -1.64 -47.65
CA SER C 87 16.76 -2.57 -48.26
C SER C 87 17.41 -3.53 -47.23
N ASP C 88 17.65 -3.03 -46.02
CA ASP C 88 17.94 -3.91 -44.88
C ASP C 88 16.71 -3.94 -43.98
N PRO C 89 15.90 -5.00 -44.11
CA PRO C 89 14.61 -5.14 -43.42
C PRO C 89 14.73 -5.07 -41.89
N ILE C 90 15.89 -5.43 -41.35
CA ILE C 90 16.20 -5.37 -39.92
C ILE C 90 16.31 -3.93 -39.42
N LEU C 91 16.50 -3.01 -40.35
CA LEU C 91 16.71 -1.62 -40.01
C LEU C 91 15.53 -0.76 -40.43
N TYR C 92 14.60 -1.36 -41.14
CA TYR C 92 13.41 -0.65 -41.59
C TYR C 92 12.50 -0.27 -40.42
N ARG C 93 12.03 0.97 -40.43
CA ARG C 93 11.07 1.41 -39.41
C ARG C 93 9.77 1.86 -40.03
N PRO C 94 8.65 1.19 -39.72
CA PRO C 94 7.38 1.65 -40.30
C PRO C 94 7.11 3.05 -39.84
N VAL C 95 6.56 3.89 -40.71
CA VAL C 95 6.14 5.23 -40.31
C VAL C 95 4.69 5.29 -40.68
N ALA C 96 3.84 5.79 -39.78
CA ALA C 96 2.44 5.94 -40.12
C ALA C 96 2.15 7.30 -40.75
N VAL C 97 1.07 7.35 -41.52
CA VAL C 97 0.57 8.59 -42.10
C VAL C 97 -0.77 8.93 -41.45
N ALA C 98 -0.88 10.11 -40.86
CA ALA C 98 -2.11 10.53 -40.19
C ALA C 98 -2.75 11.71 -40.91
N LEU C 99 -4.05 11.59 -41.14
CA LEU C 99 -4.81 12.67 -41.69
C LEU C 99 -5.55 13.41 -40.57
N ASP C 100 -5.22 14.68 -40.38
CA ASP C 100 -5.89 15.53 -39.42
C ASP C 100 -6.89 16.39 -40.17
N THR C 101 -8.19 16.17 -39.93
CA THR C 101 -9.28 16.93 -40.58
C THR C 101 -9.27 18.37 -40.14
N LYS C 102 -9.73 19.27 -41.03
CA LYS C 102 -10.08 20.64 -40.68
C LYS C 102 -11.18 20.72 -39.61
N GLY C 103 -12.30 20.02 -39.83
CA GLY C 103 -13.44 20.09 -38.92
C GLY C 103 -14.16 21.44 -38.93
N PRO C 104 -15.04 21.66 -37.93
CA PRO C 104 -15.78 22.93 -37.75
C PRO C 104 -14.92 24.14 -37.37
N GLU C 105 -13.92 24.44 -38.21
CA GLU C 105 -13.07 25.60 -38.03
C GLU C 105 -13.79 26.90 -38.39
N ILE C 106 -13.48 27.95 -37.65
CA ILE C 106 -13.83 29.31 -38.04
C ILE C 106 -12.56 30.07 -38.41
N ARG C 107 -12.53 30.68 -39.60
CA ARG C 107 -11.36 31.44 -40.04
C ARG C 107 -11.76 32.80 -40.63
N THR C 108 -10.89 33.79 -40.44
CA THR C 108 -11.07 35.14 -41.01
C THR C 108 -10.78 35.12 -42.51
N GLY C 109 -10.91 36.27 -43.16
CA GLY C 109 -10.64 36.37 -44.60
C GLY C 109 -9.25 36.89 -44.96
N LEU C 110 -9.09 37.29 -46.22
CA LEU C 110 -7.83 37.86 -46.69
C LEU C 110 -7.69 39.30 -46.21
N ILE C 111 -6.51 39.63 -45.67
CA ILE C 111 -6.19 41.01 -45.28
C ILE C 111 -5.82 41.84 -46.51
N LYS C 112 -6.54 42.94 -46.72
CA LYS C 112 -6.24 43.94 -47.75
C LYS C 112 -6.25 43.36 -49.17
N GLY C 113 -6.24 42.03 -49.26
CA GLY C 113 -6.21 41.29 -50.52
C GLY C 113 -4.86 40.70 -50.85
N SER C 114 -3.82 41.21 -50.17
CA SER C 114 -2.42 40.94 -50.52
C SER C 114 -1.90 39.55 -50.11
N GLY C 115 -2.54 38.94 -49.11
CA GLY C 115 -2.13 37.61 -48.62
C GLY C 115 -1.15 37.70 -47.46
N THR C 116 0.08 38.11 -47.76
CA THR C 116 1.13 38.30 -46.75
C THR C 116 1.08 39.69 -46.11
N ALA C 117 0.01 40.44 -46.40
CA ALA C 117 -0.27 41.70 -45.72
C ALA C 117 -0.75 41.45 -44.28
N GLU C 118 -0.38 42.35 -43.37
CA GLU C 118 -0.74 42.22 -41.98
C GLU C 118 -1.23 43.54 -41.40
N VAL C 119 -2.09 43.46 -40.40
CA VAL C 119 -2.69 44.63 -39.78
C VAL C 119 -2.27 44.73 -38.32
N GLU C 120 -1.89 45.93 -37.89
CA GLU C 120 -1.56 46.15 -36.50
C GLU C 120 -2.72 46.87 -35.83
N LEU C 121 -3.66 46.09 -35.30
CA LEU C 121 -4.74 46.66 -34.50
C LEU C 121 -4.23 46.87 -33.07
N LYS C 122 -4.64 47.98 -32.46
CA LYS C 122 -4.11 48.44 -31.17
C LYS C 122 -5.06 48.18 -30.02
N LYS C 123 -4.50 48.03 -28.82
CA LYS C 123 -5.29 47.86 -27.60
C LYS C 123 -6.28 49.01 -27.46
N GLY C 124 -7.58 48.66 -27.38
CA GLY C 124 -8.65 49.64 -27.08
C GLY C 124 -9.37 50.21 -28.29
N ALA C 125 -8.75 50.10 -29.46
CA ALA C 125 -9.37 50.47 -30.72
C ALA C 125 -10.57 49.56 -30.97
N THR C 126 -11.58 50.10 -31.65
CA THR C 126 -12.77 49.31 -31.93
C THR C 126 -12.59 48.61 -33.27
N LEU C 127 -13.17 47.42 -33.36
CA LEU C 127 -13.14 46.65 -34.59
C LEU C 127 -14.51 46.06 -34.90
N LYS C 128 -14.85 46.09 -36.18
CA LYS C 128 -16.15 45.63 -36.65
C LYS C 128 -15.99 44.31 -37.44
N ILE C 129 -16.89 43.37 -37.16
CA ILE C 129 -16.91 42.09 -37.84
C ILE C 129 -18.16 42.04 -38.70
N THR C 130 -18.04 41.47 -39.90
CA THR C 130 -19.14 41.41 -40.86
C THR C 130 -19.24 40.05 -41.54
N LEU C 131 -20.45 39.70 -41.97
CA LEU C 131 -20.65 38.53 -42.81
C LEU C 131 -20.83 38.89 -44.29
N ASP C 132 -20.86 40.20 -44.58
CA ASP C 132 -20.92 40.70 -45.96
C ASP C 132 -19.71 40.22 -46.74
N ASN C 133 -19.97 39.42 -47.76
CA ASN C 133 -18.95 38.81 -48.61
C ASN C 133 -18.22 39.78 -49.52
N ALA C 134 -18.78 40.98 -49.68
CA ALA C 134 -18.05 42.07 -50.32
C ALA C 134 -16.73 42.26 -49.55
N TYR C 135 -16.82 42.24 -48.22
CA TYR C 135 -15.66 42.44 -47.36
C TYR C 135 -14.77 41.19 -47.20
N MET C 136 -15.20 40.06 -47.77
CA MET C 136 -14.53 38.78 -47.55
C MET C 136 -13.09 38.73 -48.05
N GLU C 137 -12.70 39.75 -48.81
CA GLU C 137 -11.33 39.85 -49.31
C GLU C 137 -10.71 41.23 -49.11
N LYS C 138 -11.44 42.13 -48.45
CA LYS C 138 -10.95 43.49 -48.24
C LYS C 138 -11.08 43.88 -46.75
N CYS C 139 -10.62 43.00 -45.85
CA CYS C 139 -10.68 43.29 -44.41
C CYS C 139 -9.39 43.88 -43.86
N ASP C 140 -9.53 44.61 -42.75
CA ASP C 140 -8.47 45.49 -42.21
C ASP C 140 -8.67 45.75 -40.72
N GLU C 141 -8.08 46.84 -40.21
CA GLU C 141 -8.19 47.22 -38.80
C GLU C 141 -9.54 47.84 -38.38
N ASN C 142 -10.44 48.04 -39.35
CA ASN C 142 -11.77 48.55 -39.09
C ASN C 142 -12.86 47.54 -39.45
N ILE C 143 -12.63 46.79 -40.53
CA ILE C 143 -13.60 45.79 -41.00
C ILE C 143 -12.97 44.41 -41.00
N LEU C 144 -13.68 43.44 -40.45
CA LEU C 144 -13.16 42.08 -40.37
C LEU C 144 -14.22 41.03 -40.74
N TRP C 145 -13.95 40.27 -41.79
CA TRP C 145 -14.84 39.21 -42.24
C TRP C 145 -14.35 37.83 -41.82
N LEU C 146 -15.30 37.01 -41.37
CA LEU C 146 -15.06 35.61 -41.08
C LEU C 146 -16.17 34.72 -41.66
N ASP C 147 -15.84 33.45 -41.85
CA ASP C 147 -16.66 32.51 -42.63
C ASP C 147 -17.75 31.76 -41.85
N TYR C 148 -18.00 32.13 -40.60
CA TYR C 148 -19.07 31.51 -39.83
C TYR C 148 -20.29 32.41 -39.83
N LYS C 149 -21.20 32.09 -40.76
CA LYS C 149 -22.40 32.89 -41.03
C LYS C 149 -23.32 33.11 -39.82
N ASN C 150 -23.54 32.05 -39.04
CA ASN C 150 -24.42 32.11 -37.88
C ASN C 150 -23.81 32.76 -36.66
N ILE C 151 -22.66 33.43 -36.83
CA ILE C 151 -21.89 33.91 -35.68
C ILE C 151 -22.68 34.78 -34.68
N CYS C 152 -23.52 35.65 -35.21
CA CYS C 152 -24.35 36.57 -34.39
C CYS C 152 -25.41 35.81 -33.59
N LYS C 153 -25.73 34.60 -34.05
CA LYS C 153 -26.73 33.76 -33.40
C LYS C 153 -26.20 32.98 -32.20
N VAL C 154 -24.88 32.95 -32.00
CA VAL C 154 -24.28 32.12 -30.94
C VAL C 154 -23.44 32.94 -29.96
N VAL C 155 -23.12 34.16 -30.37
CA VAL C 155 -22.43 35.13 -29.54
C VAL C 155 -23.46 35.92 -28.72
N GLU C 156 -23.03 36.48 -27.59
CA GLU C 156 -23.82 37.43 -26.79
C GLU C 156 -22.96 38.67 -26.48
N VAL C 157 -23.55 39.70 -25.89
CA VAL C 157 -22.82 40.92 -25.48
C VAL C 157 -21.84 40.58 -24.35
N GLY C 158 -20.60 41.02 -24.47
CA GLY C 158 -19.59 40.71 -23.47
C GLY C 158 -18.85 39.39 -23.72
N SER C 159 -19.27 38.66 -24.75
CA SER C 159 -18.56 37.46 -25.22
C SER C 159 -17.17 37.84 -25.73
N LYS C 160 -16.23 36.92 -25.58
CA LYS C 160 -14.88 37.17 -26.06
C LYS C 160 -14.66 36.44 -27.36
N ILE C 161 -13.94 37.09 -28.26
CA ILE C 161 -13.58 36.45 -29.50
C ILE C 161 -12.05 36.40 -29.65
N TYR C 162 -11.52 35.21 -29.86
CA TYR C 162 -10.10 35.05 -30.02
C TYR C 162 -9.82 34.82 -31.48
N VAL C 163 -8.75 35.47 -31.94
CA VAL C 163 -8.34 35.41 -33.32
C VAL C 163 -6.85 35.01 -33.41
N ASP C 164 -6.55 34.17 -34.39
CA ASP C 164 -5.20 33.68 -34.67
C ASP C 164 -4.63 32.88 -33.51
N ASP C 165 -5.22 31.71 -33.27
CA ASP C 165 -4.84 30.80 -32.17
C ASP C 165 -4.60 31.53 -30.85
N GLY C 166 -5.55 32.40 -30.50
CA GLY C 166 -5.57 33.03 -29.20
C GLY C 166 -4.67 34.25 -29.07
N LEU C 167 -4.08 34.68 -30.19
CA LEU C 167 -3.16 35.82 -30.16
C LEU C 167 -3.88 37.13 -29.86
N ILE C 168 -5.03 37.35 -30.51
CA ILE C 168 -5.82 38.55 -30.29
C ILE C 168 -7.14 38.26 -29.58
N SER C 169 -7.41 39.05 -28.56
CA SER C 169 -8.63 39.00 -27.79
C SER C 169 -9.56 40.15 -28.19
N LEU C 170 -10.86 39.86 -28.39
CA LEU C 170 -11.85 40.91 -28.65
C LEU C 170 -13.07 40.68 -27.80
N GLN C 171 -13.52 41.73 -27.10
CA GLN C 171 -14.80 41.69 -26.39
C GLN C 171 -15.92 42.28 -27.25
N VAL C 172 -17.10 41.65 -27.18
CA VAL C 172 -18.28 42.17 -27.88
C VAL C 172 -18.96 43.28 -27.09
N LYS C 173 -18.99 44.46 -27.72
CA LYS C 173 -19.58 45.67 -27.18
C LYS C 173 -21.00 45.88 -27.72
N GLN C 174 -21.22 45.53 -28.98
CA GLN C 174 -22.53 45.65 -29.61
C GLN C 174 -22.80 44.56 -30.63
N LYS C 175 -24.03 44.05 -30.60
CA LYS C 175 -24.46 42.97 -31.49
C LYS C 175 -25.42 43.53 -32.55
N GLY C 176 -24.94 43.69 -33.78
CA GLY C 176 -25.81 44.08 -34.90
C GLY C 176 -26.66 42.91 -35.35
N ALA C 177 -27.32 43.06 -36.50
CA ALA C 177 -28.10 41.97 -37.07
C ALA C 177 -27.24 41.05 -37.94
N ASP C 178 -26.24 41.64 -38.59
CA ASP C 178 -25.37 40.96 -39.55
C ASP C 178 -23.91 41.21 -39.23
N PHE C 179 -23.69 42.09 -38.25
CA PHE C 179 -22.36 42.58 -37.89
C PHE C 179 -22.19 42.59 -36.36
N LEU C 180 -20.94 42.66 -35.91
CA LEU C 180 -20.64 42.78 -34.48
C LEU C 180 -19.64 43.91 -34.27
N VAL C 181 -19.81 44.64 -33.18
CA VAL C 181 -18.91 45.75 -32.86
C VAL C 181 -18.06 45.37 -31.66
N THR C 182 -16.75 45.32 -31.85
CA THR C 182 -15.83 44.87 -30.77
C THR C 182 -14.77 45.90 -30.42
N GLU C 183 -14.34 45.85 -29.16
CA GLU C 183 -13.13 46.52 -28.72
C GLU C 183 -11.98 45.50 -28.68
N VAL C 184 -10.80 45.92 -29.12
CA VAL C 184 -9.59 45.14 -28.97
C VAL C 184 -9.17 45.09 -27.49
N GLU C 185 -8.78 43.90 -27.04
CA GLU C 185 -8.30 43.67 -25.67
C GLU C 185 -6.76 43.65 -25.59
N ASN C 186 -6.14 43.04 -26.59
CA ASN C 186 -4.67 43.08 -26.74
C ASN C 186 -4.24 43.20 -28.20
N GLY C 187 -3.23 44.03 -28.44
CA GLY C 187 -2.75 44.32 -29.79
C GLY C 187 -2.10 43.13 -30.47
N GLY C 188 -1.76 43.31 -31.74
CA GLY C 188 -0.98 42.31 -32.46
C GLY C 188 -1.18 42.38 -33.95
N SER C 189 -0.32 41.68 -34.67
CA SER C 189 -0.47 41.53 -36.11
C SER C 189 -1.61 40.58 -36.45
N LEU C 190 -2.43 40.98 -37.41
CA LEU C 190 -3.50 40.13 -37.90
C LEU C 190 -3.24 39.82 -39.35
N GLY C 191 -3.28 38.54 -39.69
CA GLY C 191 -3.02 38.11 -41.05
C GLY C 191 -4.24 37.47 -41.69
N SER C 192 -4.01 36.90 -42.86
CA SER C 192 -5.09 36.28 -43.62
C SER C 192 -5.47 34.92 -43.04
N LYS C 193 -6.73 34.53 -43.25
CA LYS C 193 -7.25 33.21 -42.90
C LYS C 193 -6.86 32.74 -41.50
N LYS C 194 -7.09 33.59 -40.50
CA LYS C 194 -6.75 33.19 -39.14
C LYS C 194 -7.90 32.49 -38.45
N GLY C 195 -7.53 31.54 -37.58
CA GLY C 195 -8.50 30.76 -36.80
C GLY C 195 -9.13 31.57 -35.67
N VAL C 196 -10.43 31.36 -35.47
CA VAL C 196 -11.20 32.05 -34.42
C VAL C 196 -11.79 31.08 -33.42
N ASN C 197 -11.73 31.44 -32.15
CA ASN C 197 -12.38 30.70 -31.08
C ASN C 197 -13.40 31.57 -30.39
N LEU C 198 -14.51 30.95 -30.02
CA LEU C 198 -15.60 31.61 -29.32
C LEU C 198 -15.91 30.81 -28.09
N PRO C 199 -15.13 31.01 -27.02
CA PRO C 199 -15.38 30.25 -25.79
C PRO C 199 -16.77 30.57 -25.25
N GLY C 200 -17.47 29.56 -24.77
CA GLY C 200 -18.76 29.73 -24.13
C GLY C 200 -19.94 29.74 -25.09
N ALA C 201 -19.65 29.75 -26.39
CA ALA C 201 -20.68 29.77 -27.42
C ALA C 201 -21.02 28.35 -27.87
N ALA C 202 -22.20 28.19 -28.47
CA ALA C 202 -22.66 26.89 -28.96
C ALA C 202 -22.59 26.85 -30.48
N VAL C 203 -21.39 26.56 -30.99
CA VAL C 203 -21.12 26.57 -32.44
C VAL C 203 -21.81 25.38 -33.12
N ASP C 204 -22.60 25.67 -34.16
CA ASP C 204 -23.51 24.71 -34.75
C ASP C 204 -23.11 24.22 -36.14
N LEU C 205 -21.82 24.35 -36.47
CA LEU C 205 -21.30 23.84 -37.73
C LEU C 205 -21.38 22.31 -37.78
N PRO C 206 -21.50 21.73 -38.99
CA PRO C 206 -21.54 20.27 -39.06
C PRO C 206 -20.24 19.69 -38.53
N ALA C 207 -20.34 18.58 -37.80
CA ALA C 207 -19.16 17.92 -37.25
C ALA C 207 -18.26 17.48 -38.39
N VAL C 208 -18.88 16.91 -39.42
CA VAL C 208 -18.21 16.46 -40.62
C VAL C 208 -18.77 17.23 -41.82
N SER C 209 -17.94 18.07 -42.42
CA SER C 209 -18.37 19.01 -43.44
C SER C 209 -18.20 18.38 -44.80
N GLU C 210 -18.68 19.12 -45.82
CA GLU C 210 -18.45 18.81 -47.23
C GLU C 210 -16.97 18.63 -47.54
N LYS C 211 -16.14 19.51 -46.96
CA LYS C 211 -14.69 19.45 -47.15
C LYS C 211 -14.13 18.17 -46.53
N ASP C 212 -14.49 17.96 -45.26
CA ASP C 212 -14.06 16.78 -44.52
C ASP C 212 -14.39 15.48 -45.25
N ILE C 213 -15.56 15.45 -45.89
CA ILE C 213 -15.97 14.26 -46.64
C ILE C 213 -15.00 13.98 -47.79
N GLN C 214 -14.68 15.01 -48.58
CA GLN C 214 -13.71 14.86 -49.70
C GLN C 214 -12.31 14.49 -49.17
N ASP C 215 -11.92 15.10 -48.05
CA ASP C 215 -10.62 14.79 -47.42
C ASP C 215 -10.54 13.36 -46.84
N LEU C 216 -11.64 12.89 -46.25
CA LEU C 216 -11.67 11.52 -45.71
C LEU C 216 -11.55 10.45 -46.81
N LYS C 217 -12.27 10.68 -47.91
CA LYS C 217 -12.28 9.74 -49.04
C LYS C 217 -10.91 9.73 -49.71
N PHE C 218 -10.26 10.90 -49.71
CA PHE C 218 -8.89 11.02 -50.19
C PHE C 218 -7.98 10.19 -49.28
N GLY C 219 -8.19 10.33 -47.98
CA GLY C 219 -7.47 9.48 -47.00
C GLY C 219 -7.55 8.01 -47.38
N VAL C 220 -8.77 7.52 -47.58
CA VAL C 220 -8.99 6.16 -48.06
C VAL C 220 -8.19 5.84 -49.34
N GLU C 221 -8.29 6.72 -50.35
CA GLU C 221 -7.57 6.55 -51.62
C GLU C 221 -6.06 6.48 -51.42
N GLN C 222 -5.54 7.36 -50.57
CA GLN C 222 -4.10 7.43 -50.28
C GLN C 222 -3.60 6.37 -49.28
N ASP C 223 -4.51 5.51 -48.80
CA ASP C 223 -4.21 4.44 -47.83
C ASP C 223 -3.58 4.93 -46.50
N VAL C 224 -4.05 6.04 -45.95
CA VAL C 224 -3.57 6.56 -44.67
C VAL C 224 -3.76 5.53 -43.58
N ASP C 225 -3.14 5.73 -42.43
CA ASP C 225 -3.29 4.76 -41.35
C ASP C 225 -4.36 5.14 -40.30
N MET C 226 -4.62 6.43 -40.17
CA MET C 226 -5.46 6.90 -39.08
C MET C 226 -5.93 8.31 -39.37
N VAL C 227 -7.02 8.69 -38.74
CA VAL C 227 -7.60 10.01 -38.91
C VAL C 227 -7.67 10.66 -37.55
N PHE C 228 -7.18 11.88 -37.45
CA PHE C 228 -7.32 12.72 -36.27
C PHE C 228 -8.50 13.63 -36.54
N ALA C 229 -9.64 13.27 -35.98
CA ALA C 229 -10.87 14.01 -36.26
C ALA C 229 -10.97 15.22 -35.35
N SER C 230 -10.93 16.41 -35.95
CA SER C 230 -10.94 17.67 -35.20
C SER C 230 -12.32 17.98 -34.60
N PHE C 231 -12.30 18.61 -33.42
CA PHE C 231 -13.47 19.17 -32.75
C PHE C 231 -14.64 18.23 -32.42
N ILE C 232 -14.37 16.96 -32.23
CA ILE C 232 -15.35 15.99 -31.72
C ILE C 232 -16.00 16.50 -30.42
N ARG C 233 -17.34 16.53 -30.37
CA ARG C 233 -18.12 16.99 -29.21
C ARG C 233 -19.01 15.91 -28.59
N LYS C 234 -19.20 14.80 -29.30
CA LYS C 234 -20.04 13.70 -28.83
C LYS C 234 -19.85 12.50 -29.73
N ALA C 235 -20.38 11.37 -29.28
CA ALA C 235 -20.31 10.09 -30.01
C ALA C 235 -20.80 10.10 -31.47
N SER C 236 -21.93 10.75 -31.73
CA SER C 236 -22.50 10.76 -33.08
C SER C 236 -21.56 11.47 -34.08
N ASP C 237 -20.72 12.39 -33.60
CA ASP C 237 -19.63 12.96 -34.40
C ASP C 237 -18.70 11.84 -34.90
N VAL C 238 -18.29 10.95 -33.99
CA VAL C 238 -17.37 9.87 -34.35
C VAL C 238 -18.01 8.89 -35.33
N HIS C 239 -19.23 8.43 -35.01
CA HIS C 239 -20.02 7.58 -35.92
C HIS C 239 -20.12 8.15 -37.34
N GLU C 240 -20.23 9.46 -37.46
CA GLU C 240 -20.29 10.11 -38.76
C GLU C 240 -19.00 9.97 -39.56
N VAL C 241 -17.86 10.10 -38.89
CA VAL C 241 -16.54 9.93 -39.53
C VAL C 241 -16.36 8.47 -40.00
N ARG C 242 -16.73 7.54 -39.13
CA ARG C 242 -16.72 6.11 -39.43
C ARG C 242 -17.58 5.78 -40.66
N LYS C 243 -18.75 6.41 -40.74
CA LYS C 243 -19.67 6.17 -41.85
C LYS C 243 -19.09 6.64 -43.20
N VAL C 244 -18.49 7.82 -43.20
CA VAL C 244 -17.86 8.35 -44.38
C VAL C 244 -16.69 7.47 -44.79
N LEU C 245 -15.89 7.04 -43.82
CA LEU C 245 -14.78 6.11 -44.11
C LEU C 245 -15.33 4.81 -44.70
N GLY C 246 -16.47 4.38 -44.18
CA GLY C 246 -17.22 3.26 -44.73
C GLY C 246 -16.47 1.96 -44.66
N GLU C 247 -16.89 1.00 -45.47
CA GLU C 247 -16.33 -0.35 -45.49
C GLU C 247 -14.92 -0.38 -46.08
N LYS C 248 -14.67 0.53 -47.02
CA LYS C 248 -13.35 0.60 -47.64
C LYS C 248 -12.30 1.03 -46.62
N GLY C 249 -12.68 1.92 -45.70
CA GLY C 249 -11.73 2.43 -44.71
C GLY C 249 -12.03 1.99 -43.30
N LYS C 250 -12.57 0.79 -43.15
CA LYS C 250 -13.01 0.32 -41.83
C LYS C 250 -11.83 0.03 -40.91
N ASN C 251 -10.67 -0.25 -41.51
CA ASN C 251 -9.45 -0.59 -40.78
C ASN C 251 -8.65 0.63 -40.33
N ILE C 252 -9.05 1.79 -40.84
CA ILE C 252 -8.43 3.08 -40.47
C ILE C 252 -8.89 3.53 -39.08
N LYS C 253 -7.93 3.80 -38.18
CA LYS C 253 -8.25 4.19 -36.79
C LYS C 253 -8.74 5.60 -36.65
N ILE C 254 -9.77 5.81 -35.84
CA ILE C 254 -10.26 7.16 -35.62
C ILE C 254 -9.82 7.63 -34.25
N ILE C 255 -9.01 8.68 -34.24
CA ILE C 255 -8.55 9.31 -33.01
C ILE C 255 -9.33 10.60 -32.89
N SER C 256 -10.10 10.73 -31.82
CA SER C 256 -10.87 11.93 -31.60
C SER C 256 -10.08 13.01 -30.91
N LYS C 257 -10.08 14.18 -31.52
CA LYS C 257 -9.47 15.33 -30.89
C LYS C 257 -10.45 16.00 -29.92
N ILE C 258 -10.06 16.09 -28.65
CA ILE C 258 -10.85 16.78 -27.67
C ILE C 258 -10.26 18.16 -27.55
N GLU C 259 -11.05 19.15 -27.96
CA GLU C 259 -10.57 20.52 -27.99
C GLU C 259 -11.61 21.56 -27.66
N ASN C 260 -12.63 21.15 -26.91
CA ASN C 260 -13.59 22.08 -26.35
C ASN C 260 -14.30 21.51 -25.14
N HIS C 261 -15.01 22.39 -24.44
CA HIS C 261 -15.69 22.07 -23.20
C HIS C 261 -16.64 20.87 -23.34
N GLU C 262 -17.45 20.88 -24.40
CA GLU C 262 -18.42 19.83 -24.61
C GLU C 262 -17.73 18.48 -24.81
N GLY C 263 -16.58 18.49 -25.49
CA GLY C 263 -15.78 17.29 -25.71
C GLY C 263 -15.31 16.70 -24.39
N VAL C 264 -15.04 17.57 -23.43
CA VAL C 264 -14.60 17.14 -22.11
C VAL C 264 -15.78 16.54 -21.34
N ARG C 265 -16.88 17.28 -21.24
CA ARG C 265 -18.05 16.81 -20.47
C ARG C 265 -18.58 15.45 -20.95
N ARG C 266 -18.57 15.23 -22.26
CA ARG C 266 -19.04 13.96 -22.85
C ARG C 266 -17.91 12.99 -23.18
N PHE C 267 -16.77 13.15 -22.48
CA PHE C 267 -15.56 12.39 -22.79
C PHE C 267 -15.81 10.88 -22.89
N ASP C 268 -16.47 10.32 -21.88
CA ASP C 268 -16.68 8.87 -21.79
C ASP C 268 -17.35 8.24 -23.02
N GLU C 269 -18.38 8.89 -23.53
CA GLU C 269 -19.04 8.37 -24.73
C GLU C 269 -18.18 8.56 -25.99
N ILE C 270 -17.32 9.60 -25.99
CA ILE C 270 -16.42 9.82 -27.11
C ILE C 270 -15.35 8.72 -27.14
N LEU C 271 -14.77 8.45 -25.98
CA LEU C 271 -13.76 7.41 -25.87
C LEU C 271 -14.32 6.05 -26.32
N GLU C 272 -15.46 5.68 -25.75
CA GLU C 272 -16.15 4.44 -26.12
C GLU C 272 -16.24 4.30 -27.65
N ALA C 273 -16.69 5.36 -28.33
CA ALA C 273 -16.81 5.36 -29.78
C ALA C 273 -15.49 5.35 -30.60
N SER C 274 -14.37 5.74 -29.99
CA SER C 274 -13.13 6.00 -30.73
C SER C 274 -12.10 4.91 -30.60
N ASP C 275 -11.14 4.89 -31.53
CA ASP C 275 -9.98 4.02 -31.42
C ASP C 275 -8.92 4.62 -30.49
N GLY C 276 -9.05 5.92 -30.20
CA GLY C 276 -8.10 6.62 -29.39
C GLY C 276 -8.39 8.11 -29.27
N ILE C 277 -7.53 8.81 -28.54
CA ILE C 277 -7.84 10.17 -28.14
C ILE C 277 -6.67 11.11 -28.33
N MET C 278 -6.92 12.31 -28.84
CA MET C 278 -5.93 13.39 -28.78
C MET C 278 -6.37 14.52 -27.86
N VAL C 279 -5.52 14.84 -26.87
CA VAL C 279 -5.73 16.02 -26.00
C VAL C 279 -5.12 17.18 -26.79
N ALA C 280 -6.01 17.94 -27.44
CA ALA C 280 -5.66 18.98 -28.40
C ALA C 280 -5.64 20.32 -27.72
N ARG C 281 -4.55 20.60 -27.02
CA ARG C 281 -4.51 21.66 -26.04
C ARG C 281 -4.54 23.09 -26.60
N GLY C 282 -4.13 23.27 -27.85
CA GLY C 282 -4.11 24.60 -28.45
C GLY C 282 -5.51 25.15 -28.38
N ASP C 283 -6.40 24.54 -29.16
CA ASP C 283 -7.81 24.90 -29.08
C ASP C 283 -8.40 24.70 -27.68
N LEU C 284 -8.01 23.63 -26.98
CA LEU C 284 -8.64 23.36 -25.68
C LEU C 284 -8.33 24.49 -24.69
N GLY C 285 -7.08 24.96 -24.69
CA GLY C 285 -6.64 26.07 -23.83
C GLY C 285 -7.28 27.43 -24.06
N ILE C 286 -7.89 27.64 -25.23
CA ILE C 286 -8.65 28.87 -25.49
C ILE C 286 -10.10 28.69 -25.00
N GLU C 287 -10.71 27.55 -25.37
CA GLU C 287 -12.12 27.24 -25.02
C GLU C 287 -12.36 27.20 -23.53
N ILE C 288 -11.57 26.42 -22.79
CA ILE C 288 -11.66 26.48 -21.33
C ILE C 288 -10.56 27.40 -20.74
N PRO C 289 -10.69 27.80 -19.46
CA PRO C 289 -9.62 28.63 -18.88
C PRO C 289 -8.27 27.89 -18.82
N ALA C 290 -7.21 28.60 -19.19
CA ALA C 290 -5.88 28.04 -19.27
C ALA C 290 -5.46 27.25 -18.02
N GLU C 291 -5.77 27.76 -16.84
CA GLU C 291 -5.41 27.08 -15.61
C GLU C 291 -6.14 25.74 -15.33
N LYS C 292 -6.92 25.24 -16.29
CA LYS C 292 -7.70 24.01 -16.10
C LYS C 292 -7.25 22.95 -17.07
N VAL C 293 -6.44 23.33 -18.03
CA VAL C 293 -6.00 22.39 -19.04
C VAL C 293 -5.33 21.13 -18.50
N PHE C 294 -4.44 21.28 -17.52
CA PHE C 294 -3.74 20.14 -16.98
C PHE C 294 -4.72 19.16 -16.28
N LEU C 295 -5.75 19.68 -15.61
CA LEU C 295 -6.80 18.83 -15.05
C LEU C 295 -7.39 17.98 -16.18
N ALA C 296 -7.76 18.64 -17.28
CA ALA C 296 -8.38 17.96 -18.39
C ALA C 296 -7.44 16.92 -19.00
N GLN C 297 -6.16 17.30 -19.13
CA GLN C 297 -5.15 16.44 -19.75
C GLN C 297 -4.99 15.18 -18.87
N LYS C 298 -4.87 15.38 -17.57
CA LYS C 298 -4.65 14.27 -16.62
C LYS C 298 -5.86 13.35 -16.53
N MET C 299 -7.05 13.93 -16.47
CA MET C 299 -8.29 13.15 -16.50
C MET C 299 -8.35 12.27 -17.76
N MET C 300 -8.14 12.86 -18.91
CA MET C 300 -8.29 12.12 -20.17
C MET C 300 -7.25 11.03 -20.39
N ILE C 301 -6.01 11.31 -20.00
CA ILE C 301 -4.97 10.29 -20.07
C ILE C 301 -5.26 9.15 -19.08
N GLY C 302 -5.70 9.50 -17.88
CA GLY C 302 -6.09 8.48 -16.91
C GLY C 302 -7.14 7.55 -17.46
N ARG C 303 -8.22 8.10 -18.01
CA ARG C 303 -9.32 7.26 -18.46
C ARG C 303 -8.95 6.41 -19.68
N CYS C 304 -8.09 6.96 -20.56
CA CYS C 304 -7.62 6.17 -21.70
C CYS C 304 -6.77 5.02 -21.24
N ASN C 305 -5.85 5.30 -20.32
CA ASN C 305 -5.03 4.29 -19.66
C ASN C 305 -5.91 3.18 -19.05
N ARG C 306 -6.95 3.60 -18.33
CA ARG C 306 -7.85 2.66 -17.69
C ARG C 306 -8.68 1.86 -18.69
N ALA C 307 -8.95 2.42 -19.88
CA ALA C 307 -9.69 1.67 -20.90
C ALA C 307 -8.79 0.88 -21.84
N GLY C 308 -7.47 1.09 -21.73
CA GLY C 308 -6.54 0.50 -22.67
C GLY C 308 -6.63 1.07 -24.08
N LYS C 309 -6.98 2.35 -24.21
CA LYS C 309 -7.02 3.01 -25.53
C LYS C 309 -5.97 4.12 -25.64
N PRO C 310 -5.36 4.26 -26.84
CA PRO C 310 -4.29 5.25 -27.04
C PRO C 310 -4.73 6.67 -26.74
N VAL C 311 -3.85 7.43 -26.09
CA VAL C 311 -4.07 8.84 -25.85
C VAL C 311 -2.82 9.62 -26.29
N ILE C 312 -3.04 10.73 -27.00
CA ILE C 312 -1.98 11.59 -27.53
C ILE C 312 -2.04 12.92 -26.82
N CYS C 313 -0.86 13.40 -26.44
CA CYS C 313 -0.75 14.73 -25.88
C CYS C 313 -0.08 15.61 -26.94
N ALA C 314 -0.70 16.74 -27.23
CA ALA C 314 -0.35 17.55 -28.38
C ALA C 314 -0.42 19.04 -28.06
N THR C 315 0.42 19.80 -28.79
CA THR C 315 0.35 21.27 -28.95
C THR C 315 1.07 22.09 -27.91
N GLN C 316 2.06 22.85 -28.38
CA GLN C 316 2.80 23.80 -27.56
C GLN C 316 3.71 23.10 -26.54
N MET C 317 4.06 21.85 -26.86
CA MET C 317 4.94 21.06 -26.03
C MET C 317 6.36 21.63 -26.04
N LEU C 318 6.88 21.98 -27.23
CA LEU C 318 8.19 22.63 -27.35
C LEU C 318 8.12 23.88 -28.24
N GLU C 319 7.29 24.84 -27.86
CA GLU C 319 6.92 25.92 -28.78
C GLU C 319 8.08 26.87 -29.16
N SER C 320 8.81 27.33 -28.14
CA SER C 320 9.97 28.20 -28.35
C SER C 320 10.92 27.63 -29.40
N MET C 321 10.91 26.31 -29.54
CA MET C 321 11.78 25.63 -30.50
C MET C 321 11.38 25.80 -31.98
N ILE C 322 10.34 26.60 -32.24
CA ILE C 322 10.06 27.06 -33.61
C ILE C 322 11.17 28.03 -34.05
N LYS C 323 11.67 28.80 -33.08
CA LYS C 323 12.63 29.88 -33.29
C LYS C 323 13.99 29.68 -32.59
N LYS C 324 14.09 28.74 -31.66
CA LYS C 324 15.33 28.57 -30.89
C LYS C 324 15.76 27.14 -30.89
N PRO C 325 17.08 26.90 -30.83
CA PRO C 325 17.45 25.49 -30.95
C PRO C 325 17.32 24.75 -29.60
N ARG C 326 17.01 25.47 -28.53
CA ARG C 326 16.84 24.89 -27.19
C ARG C 326 15.51 25.32 -26.55
N PRO C 327 14.77 24.35 -25.95
CA PRO C 327 13.49 24.63 -25.30
C PRO C 327 13.69 25.39 -23.99
N THR C 328 12.65 26.08 -23.53
CA THR C 328 12.60 26.61 -22.20
C THR C 328 12.40 25.45 -21.18
N ARG C 329 12.37 25.80 -19.90
CA ARG C 329 12.34 24.83 -18.81
C ARG C 329 10.93 24.27 -18.64
N ALA C 330 9.93 25.14 -18.81
CA ALA C 330 8.55 24.73 -18.80
C ALA C 330 8.35 23.67 -19.86
N GLU C 331 9.06 23.78 -20.98
CA GLU C 331 8.85 22.85 -22.10
C GLU C 331 9.45 21.46 -21.88
N GLY C 332 10.63 21.40 -21.28
CA GLY C 332 11.22 20.11 -20.89
C GLY C 332 10.34 19.42 -19.85
N SER C 333 9.85 20.22 -18.89
CA SER C 333 8.94 19.76 -17.84
C SER C 333 7.65 19.16 -18.43
N ASP C 334 7.01 19.91 -19.33
CA ASP C 334 5.74 19.54 -19.94
C ASP C 334 5.82 18.22 -20.66
N VAL C 335 6.86 18.02 -21.44
CA VAL C 335 7.04 16.79 -22.16
C VAL C 335 7.19 15.58 -21.24
N ALA C 336 8.11 15.67 -20.27
CA ALA C 336 8.31 14.61 -19.26
C ALA C 336 7.02 14.28 -18.49
N ASN C 337 6.28 15.31 -18.12
CA ASN C 337 5.08 15.14 -17.30
C ASN C 337 3.92 14.55 -18.07
N ALA C 338 3.87 14.78 -19.38
CA ALA C 338 2.90 14.10 -20.25
C ALA C 338 3.18 12.62 -20.26
N VAL C 339 4.47 12.29 -20.39
CA VAL C 339 4.88 10.89 -20.36
C VAL C 339 4.58 10.24 -19.00
N LEU C 340 4.87 10.96 -17.91
CA LEU C 340 4.59 10.47 -16.54
C LEU C 340 3.10 10.33 -16.27
N ASP C 341 2.31 11.23 -16.84
CA ASP C 341 0.85 11.15 -16.76
C ASP C 341 0.33 9.84 -17.37
N GLY C 342 1.08 9.26 -18.31
CA GLY C 342 0.69 8.06 -19.04
C GLY C 342 0.31 8.19 -20.52
N ALA C 343 0.72 9.26 -21.21
CA ALA C 343 0.38 9.41 -22.65
C ALA C 343 1.12 8.38 -23.50
N ASP C 344 0.42 7.79 -24.47
CA ASP C 344 1.07 6.85 -25.37
C ASP C 344 1.98 7.55 -26.39
N CYS C 345 1.60 8.75 -26.81
CA CYS C 345 2.26 9.49 -27.85
C CYS C 345 2.32 10.97 -27.49
N ILE C 346 3.37 11.62 -27.92
CA ILE C 346 3.48 13.07 -27.81
C ILE C 346 3.62 13.66 -29.24
N MET C 347 3.27 14.92 -29.39
CA MET C 347 3.18 15.49 -30.71
C MET C 347 3.97 16.78 -30.88
N LEU C 348 4.52 16.99 -32.07
CA LEU C 348 5.03 18.31 -32.44
C LEU C 348 4.15 18.91 -33.54
N SER C 349 3.87 20.20 -33.44
CA SER C 349 3.07 20.94 -34.45
C SER C 349 3.92 21.94 -35.26
N GLY C 350 3.87 23.23 -34.88
CA GLY C 350 4.74 24.25 -35.46
C GLY C 350 6.22 23.84 -35.51
N GLU C 351 6.69 23.16 -34.46
CA GLU C 351 8.10 22.83 -34.29
C GLU C 351 8.66 22.02 -35.44
N THR C 352 7.86 21.13 -36.02
CA THR C 352 8.29 20.40 -37.21
C THR C 352 7.67 20.91 -38.53
N ALA C 353 6.53 21.61 -38.44
CA ALA C 353 5.79 22.03 -39.63
C ALA C 353 6.47 23.22 -40.34
N LYS C 354 6.75 24.26 -39.57
CA LYS C 354 7.29 25.47 -40.13
C LYS C 354 8.54 26.06 -39.47
N GLY C 355 8.93 25.54 -38.30
CA GLY C 355 9.98 26.18 -37.51
C GLY C 355 11.38 26.00 -38.07
N ASP C 356 12.34 26.71 -37.49
CA ASP C 356 13.73 26.65 -37.97
C ASP C 356 14.53 25.45 -37.47
N TYR C 357 14.01 24.73 -36.49
CA TYR C 357 14.75 23.59 -35.93
C TYR C 357 13.98 22.27 -35.88
N PRO C 358 13.47 21.83 -37.04
CA PRO C 358 12.61 20.63 -37.01
C PRO C 358 13.28 19.42 -36.37
N LEU C 359 14.49 19.10 -36.83
CA LEU C 359 15.24 17.94 -36.40
C LEU C 359 15.63 17.99 -34.92
N GLU C 360 15.95 19.18 -34.43
CA GLU C 360 16.22 19.33 -33.00
C GLU C 360 14.99 19.07 -32.09
N ALA C 361 13.80 19.37 -32.58
CA ALA C 361 12.60 19.21 -31.77
C ALA C 361 12.29 17.74 -31.61
N VAL C 362 12.38 17.00 -32.71
CA VAL C 362 12.22 15.57 -32.64
C VAL C 362 13.20 14.98 -31.64
N ARG C 363 14.50 15.25 -31.86
CA ARG C 363 15.53 14.71 -31.00
C ARG C 363 15.27 15.00 -29.51
N MET C 364 14.89 16.23 -29.19
CA MET C 364 14.63 16.64 -27.81
C MET C 364 13.48 15.81 -27.22
N GLN C 365 12.41 15.63 -27.98
CA GLN C 365 11.32 14.78 -27.48
C GLN C 365 11.76 13.35 -27.27
N HIS C 366 12.62 12.86 -28.16
CA HIS C 366 13.20 11.54 -27.99
C HIS C 366 14.05 11.41 -26.71
N LEU C 367 14.79 12.46 -26.37
CA LEU C 367 15.67 12.42 -25.20
C LEU C 367 14.81 12.55 -23.95
N ILE C 368 13.86 13.48 -23.98
CA ILE C 368 13.04 13.70 -22.78
C ILE C 368 12.25 12.45 -22.47
N ALA C 369 11.60 11.87 -23.47
CA ALA C 369 10.69 10.75 -23.27
C ALA C 369 11.40 9.65 -22.55
N ARG C 370 12.65 9.43 -22.95
CA ARG C 370 13.41 8.28 -22.53
C ARG C 370 13.79 8.43 -21.04
N GLU C 371 14.26 9.61 -20.67
CA GLU C 371 14.47 9.97 -19.29
C GLU C 371 13.19 9.80 -18.45
N ALA C 372 12.08 10.29 -18.96
CA ALA C 372 10.83 10.23 -18.28
C ALA C 372 10.34 8.80 -18.05
N GLU C 373 10.43 7.94 -19.07
CA GLU C 373 9.95 6.57 -18.94
C GLU C 373 10.74 5.74 -17.89
N ALA C 374 11.98 6.12 -17.62
CA ALA C 374 12.76 5.44 -16.59
C ALA C 374 12.29 5.89 -15.19
N ALA C 375 11.86 7.15 -15.07
CA ALA C 375 11.39 7.71 -13.81
C ALA C 375 9.97 7.28 -13.47
N ILE C 376 9.34 6.48 -14.32
CA ILE C 376 7.99 5.98 -14.04
C ILE C 376 8.03 5.07 -12.80
N TYR C 377 7.02 5.19 -11.93
CA TYR C 377 6.88 4.32 -10.74
C TYR C 377 6.09 3.05 -11.06
N HIS C 378 6.75 2.09 -11.71
CA HIS C 378 6.10 0.88 -12.22
C HIS C 378 5.38 0.03 -11.17
N LEU C 379 5.98 -0.05 -9.98
CA LEU C 379 5.46 -0.86 -8.87
C LEU C 379 4.02 -0.47 -8.59
N GLN C 380 3.78 0.82 -8.47
CA GLN C 380 2.44 1.28 -8.21
C GLN C 380 1.54 1.22 -9.44
N LEU C 381 2.09 1.52 -10.61
CA LEU C 381 1.31 1.60 -11.81
C LEU C 381 0.76 0.20 -12.20
N PHE C 382 1.66 -0.78 -12.21
CA PHE C 382 1.29 -2.16 -12.49
C PHE C 382 0.26 -2.72 -11.46
N GLU C 383 0.54 -2.49 -10.18
CA GLU C 383 -0.43 -2.79 -9.12
C GLU C 383 -1.80 -2.22 -9.45
N GLU C 384 -1.87 -0.91 -9.77
CA GLU C 384 -3.15 -0.25 -9.97
C GLU C 384 -3.82 -0.65 -11.26
N LEU C 385 -3.05 -0.82 -12.32
CA LEU C 385 -3.64 -1.34 -13.57
C LEU C 385 -4.27 -2.75 -13.39
N ARG C 386 -3.60 -3.63 -12.66
CA ARG C 386 -4.20 -4.91 -12.28
C ARG C 386 -5.48 -4.82 -11.43
N ARG C 387 -5.43 -4.11 -10.31
CA ARG C 387 -6.60 -4.00 -9.42
C ARG C 387 -7.82 -3.44 -10.15
N LEU C 388 -7.60 -2.52 -11.09
CA LEU C 388 -8.71 -1.83 -11.77
C LEU C 388 -9.19 -2.52 -13.07
N ALA C 389 -8.55 -3.62 -13.43
CA ALA C 389 -8.95 -4.40 -14.59
C ALA C 389 -9.98 -5.46 -14.20
N PRO C 390 -11.12 -5.52 -14.94
CA PRO C 390 -12.15 -6.55 -14.70
C PRO C 390 -11.59 -7.94 -14.98
N ILE C 391 -12.01 -8.93 -14.18
CA ILE C 391 -11.64 -10.33 -14.46
C ILE C 391 -12.37 -10.78 -15.72
N THR C 392 -11.74 -11.69 -16.45
CA THR C 392 -12.24 -12.17 -17.71
C THR C 392 -11.72 -13.60 -17.87
N SER C 393 -12.48 -14.43 -18.57
CA SER C 393 -12.02 -15.78 -18.90
C SER C 393 -11.05 -15.77 -20.09
N ASP C 394 -10.93 -14.61 -20.73
CA ASP C 394 -10.14 -14.47 -21.94
C ASP C 394 -8.68 -14.88 -21.72
N PRO C 395 -8.24 -15.95 -22.40
CA PRO C 395 -6.90 -16.51 -22.20
C PRO C 395 -5.82 -15.59 -22.72
N THR C 396 -6.16 -14.76 -23.71
CA THR C 396 -5.17 -13.86 -24.26
C THR C 396 -4.83 -12.77 -23.25
N GLU C 397 -5.83 -12.36 -22.48
CA GLU C 397 -5.64 -11.33 -21.45
C GLU C 397 -4.79 -11.87 -20.28
N ALA C 398 -5.00 -13.14 -19.94
CA ALA C 398 -4.20 -13.80 -18.92
C ALA C 398 -2.75 -13.96 -19.36
N THR C 399 -2.53 -14.38 -20.60
CA THR C 399 -1.16 -14.52 -21.12
C THR C 399 -0.43 -13.17 -21.12
N ALA C 400 -1.15 -12.10 -21.41
CA ALA C 400 -0.52 -10.79 -21.54
C ALA C 400 -0.08 -10.19 -20.18
N VAL C 401 -0.88 -10.40 -19.12
CA VAL C 401 -0.51 -9.90 -17.81
C VAL C 401 0.64 -10.72 -17.31
N GLY C 402 0.59 -12.03 -17.57
CA GLY C 402 1.64 -12.96 -17.14
C GLY C 402 3.00 -12.58 -17.73
N ALA C 403 2.98 -12.24 -19.02
CA ALA C 403 4.19 -11.76 -19.68
C ALA C 403 4.68 -10.45 -19.09
N VAL C 404 3.78 -9.53 -18.79
CA VAL C 404 4.25 -8.28 -18.18
C VAL C 404 4.86 -8.51 -16.81
N GLU C 405 4.17 -9.26 -15.93
CA GLU C 405 4.75 -9.62 -14.63
C GLU C 405 6.13 -10.29 -14.78
N ALA C 406 6.21 -11.32 -15.63
CA ALA C 406 7.50 -11.98 -15.96
C ALA C 406 8.60 -11.01 -16.35
N SER C 407 8.24 -10.00 -17.15
CA SER C 407 9.20 -9.02 -17.63
C SER C 407 9.77 -8.13 -16.51
N PHE C 408 8.94 -7.83 -15.50
CA PHE C 408 9.44 -7.12 -14.30
C PHE C 408 10.36 -8.00 -13.47
N LYS C 409 9.95 -9.26 -13.32
CA LYS C 409 10.67 -10.23 -12.52
C LYS C 409 12.12 -10.42 -12.99
N CYS C 410 12.33 -10.67 -14.28
CA CYS C 410 13.69 -10.82 -14.81
C CYS C 410 14.31 -9.55 -15.45
N CYS C 411 13.64 -8.40 -15.39
CA CYS C 411 14.13 -7.17 -16.08
C CYS C 411 14.47 -7.52 -17.55
N SER C 412 13.48 -7.99 -18.30
CA SER C 412 13.77 -8.49 -19.62
C SER C 412 14.16 -7.37 -20.57
N GLY C 413 14.89 -7.74 -21.63
CA GLY C 413 15.31 -6.79 -22.63
C GLY C 413 14.17 -6.34 -23.51
N ALA C 414 13.13 -7.17 -23.59
CA ALA C 414 12.00 -6.87 -24.45
C ALA C 414 10.94 -7.91 -24.25
N ILE C 415 9.72 -7.54 -24.64
CA ILE C 415 8.62 -8.49 -24.81
C ILE C 415 8.30 -8.61 -26.32
N ILE C 416 8.61 -9.75 -26.91
CA ILE C 416 8.34 -9.94 -28.33
C ILE C 416 6.98 -10.56 -28.56
N VAL C 417 6.21 -9.96 -29.47
CA VAL C 417 4.85 -10.40 -29.66
C VAL C 417 4.53 -10.60 -31.15
N LEU C 418 4.05 -11.80 -31.48
CA LEU C 418 3.64 -12.11 -32.84
C LEU C 418 2.18 -11.75 -33.03
N THR C 419 1.90 -10.80 -33.90
CA THR C 419 0.53 -10.30 -34.07
C THR C 419 0.17 -9.94 -35.50
N LYS C 420 -1.05 -10.32 -35.88
CA LYS C 420 -1.58 -10.13 -37.22
C LYS C 420 -2.30 -8.79 -37.22
N SER C 421 -3.19 -8.61 -36.23
CA SER C 421 -4.02 -7.43 -36.16
C SER C 421 -3.42 -6.36 -35.25
N GLY C 422 -2.45 -6.74 -34.42
CA GLY C 422 -1.92 -5.83 -33.40
C GLY C 422 -2.48 -6.07 -31.99
N ARG C 423 -3.61 -6.76 -31.91
CA ARG C 423 -4.38 -6.84 -30.64
C ARG C 423 -3.60 -7.48 -29.47
N SER C 424 -2.89 -8.57 -29.74
CA SER C 424 -1.95 -9.17 -28.79
C SER C 424 -0.95 -8.16 -28.23
N ALA C 425 -0.38 -7.34 -29.10
CA ALA C 425 0.59 -6.37 -28.62
C ALA C 425 -0.12 -5.26 -27.86
N HIS C 426 -1.31 -4.85 -28.32
CA HIS C 426 -2.10 -3.80 -27.63
C HIS C 426 -2.41 -4.21 -26.19
N GLN C 427 -2.63 -5.50 -25.99
CA GLN C 427 -2.95 -6.06 -24.68
C GLN C 427 -1.79 -6.01 -23.71
N VAL C 428 -0.57 -6.15 -24.20
CA VAL C 428 0.60 -6.03 -23.38
C VAL C 428 0.85 -4.57 -23.02
N ALA C 429 0.77 -3.70 -24.02
CA ALA C 429 1.01 -2.27 -23.80
C ALA C 429 0.11 -1.67 -22.73
N ARG C 430 -1.09 -2.19 -22.60
CA ARG C 430 -2.02 -1.68 -21.64
C ARG C 430 -1.50 -1.83 -20.17
N TYR C 431 -0.71 -2.86 -19.90
CA TYR C 431 -0.18 -3.10 -18.54
C TYR C 431 1.12 -2.36 -18.30
N ARG C 432 1.49 -1.51 -19.24
CA ARG C 432 2.63 -0.60 -19.08
C ARG C 432 3.96 -1.23 -18.63
N PRO C 433 4.44 -2.28 -19.35
CA PRO C 433 5.74 -2.86 -18.97
C PRO C 433 6.84 -1.85 -19.12
N ARG C 434 8.00 -2.14 -18.56
CA ARG C 434 9.15 -1.26 -18.66
C ARG C 434 9.92 -1.58 -19.95
N ALA C 435 9.95 -2.86 -20.31
CA ALA C 435 10.65 -3.37 -21.49
C ALA C 435 9.95 -2.92 -22.76
N PRO C 436 10.71 -2.63 -23.83
CA PRO C 436 10.03 -2.39 -25.10
C PRO C 436 9.29 -3.65 -25.61
N ILE C 437 8.23 -3.41 -26.37
CA ILE C 437 7.45 -4.46 -26.97
C ILE C 437 7.79 -4.49 -28.47
N ILE C 438 8.46 -5.54 -28.91
CA ILE C 438 8.74 -5.70 -30.33
C ILE C 438 7.61 -6.53 -30.91
N ALA C 439 6.73 -5.86 -31.66
CA ALA C 439 5.58 -6.54 -32.22
C ALA C 439 5.85 -6.91 -33.68
N VAL C 440 5.94 -8.20 -33.96
CA VAL C 440 6.28 -8.64 -35.29
C VAL C 440 5.02 -8.99 -36.02
N THR C 441 4.85 -8.37 -37.19
CA THR C 441 3.70 -8.58 -38.03
C THR C 441 4.04 -8.60 -39.51
N ARG C 442 3.20 -9.29 -40.29
CA ARG C 442 3.30 -9.29 -41.76
C ARG C 442 2.31 -8.30 -42.37
N ASN C 443 1.44 -7.76 -41.52
CA ASN C 443 0.47 -6.78 -41.97
C ASN C 443 1.05 -5.36 -41.90
N PRO C 444 1.38 -4.75 -43.06
CA PRO C 444 2.08 -3.47 -43.04
C PRO C 444 1.25 -2.41 -42.34
N GLN C 445 -0.07 -2.50 -42.47
CA GLN C 445 -0.95 -1.51 -41.85
C GLN C 445 -0.95 -1.70 -40.35
N THR C 446 -0.97 -2.94 -39.88
CA THR C 446 -0.93 -3.07 -38.42
C THR C 446 0.41 -2.56 -37.90
N ALA C 447 1.47 -2.76 -38.68
CA ALA C 447 2.81 -2.29 -38.34
C ALA C 447 2.86 -0.78 -38.16
N ARG C 448 2.09 -0.05 -38.95
CA ARG C 448 2.15 1.39 -38.87
C ARG C 448 1.25 1.88 -37.73
N GLN C 449 0.11 1.22 -37.55
CA GLN C 449 -0.89 1.62 -36.55
C GLN C 449 -0.48 1.31 -35.10
N ALA C 450 0.38 0.32 -34.92
CA ALA C 450 0.90 -0.03 -33.60
C ALA C 450 1.75 1.07 -32.94
N HIS C 451 2.17 2.06 -33.71
CA HIS C 451 2.90 3.19 -33.13
C HIS C 451 2.09 3.96 -32.09
N LEU C 452 0.76 3.94 -32.19
CA LEU C 452 -0.06 4.65 -31.18
C LEU C 452 0.00 4.11 -29.73
N TYR C 453 0.54 2.90 -29.54
CA TYR C 453 0.58 2.31 -28.17
C TYR C 453 1.95 2.41 -27.52
N ARG C 454 1.98 3.11 -26.38
CA ARG C 454 3.15 3.16 -25.51
C ARG C 454 3.92 1.83 -25.49
N GLY C 455 5.20 1.90 -25.88
CA GLY C 455 6.12 0.77 -25.79
C GLY C 455 6.27 -0.06 -27.03
N ILE C 456 5.39 0.10 -28.01
CA ILE C 456 5.42 -0.83 -29.14
C ILE C 456 6.44 -0.44 -30.20
N PHE C 457 7.46 -1.27 -30.41
CA PHE C 457 8.40 -1.08 -31.50
C PHE C 457 8.00 -2.03 -32.63
N PRO C 458 7.16 -1.56 -33.57
CA PRO C 458 6.59 -2.43 -34.59
C PRO C 458 7.65 -2.81 -35.63
N VAL C 459 7.52 -4.00 -36.21
CA VAL C 459 8.56 -4.53 -37.08
C VAL C 459 7.90 -5.45 -38.12
N LEU C 460 8.15 -5.13 -39.39
CA LEU C 460 7.42 -5.77 -40.50
C LEU C 460 8.20 -6.94 -41.05
N CYS C 461 7.61 -8.12 -40.95
CA CYS C 461 8.20 -9.30 -41.56
C CYS C 461 7.75 -9.37 -43.03
N LYS C 462 8.72 -9.41 -43.95
CA LYS C 462 8.47 -9.43 -45.40
C LYS C 462 8.51 -10.86 -45.96
N ASP C 463 9.22 -11.75 -45.25
CA ASP C 463 9.42 -13.15 -45.64
C ASP C 463 8.11 -13.87 -45.97
N PRO C 464 8.17 -14.82 -46.92
CA PRO C 464 7.03 -15.71 -47.17
C PRO C 464 6.71 -16.55 -45.94
N VAL C 465 5.45 -16.95 -45.81
CA VAL C 465 5.02 -17.85 -44.76
C VAL C 465 5.60 -19.25 -44.96
N GLN C 466 6.19 -19.79 -43.89
CA GLN C 466 6.65 -21.18 -43.90
C GLN C 466 5.45 -22.11 -43.78
N GLU C 467 5.55 -23.27 -44.42
CA GLU C 467 4.48 -24.28 -44.41
C GLU C 467 4.20 -24.76 -43.00
N ALA C 468 5.27 -25.06 -42.26
CA ALA C 468 5.16 -25.55 -40.88
C ALA C 468 5.13 -24.41 -39.89
N TRP C 469 4.13 -24.45 -39.01
CA TRP C 469 3.83 -23.38 -38.06
C TRP C 469 5.02 -23.09 -37.13
N ALA C 470 5.52 -24.13 -36.46
CA ALA C 470 6.70 -24.02 -35.60
C ALA C 470 7.81 -23.15 -36.21
N GLU C 471 8.23 -23.50 -37.43
CA GLU C 471 9.27 -22.78 -38.16
C GLU C 471 8.88 -21.39 -38.63
N ASP C 472 7.60 -21.17 -38.89
CA ASP C 472 7.16 -19.82 -39.26
C ASP C 472 7.26 -18.91 -38.06
N VAL C 473 6.87 -19.44 -36.89
CA VAL C 473 7.00 -18.74 -35.60
C VAL C 473 8.46 -18.49 -35.27
N ASP C 474 9.26 -19.55 -35.35
CA ASP C 474 10.69 -19.44 -35.06
C ASP C 474 11.38 -18.44 -35.97
N LEU C 475 10.95 -18.36 -37.23
CA LEU C 475 11.53 -17.38 -38.17
C LEU C 475 11.19 -15.94 -37.78
N ARG C 476 9.97 -15.73 -37.31
CA ARG C 476 9.55 -14.41 -36.86
C ARG C 476 10.17 -13.95 -35.54
N VAL C 477 10.42 -14.87 -34.62
CA VAL C 477 11.09 -14.53 -33.38
C VAL C 477 12.56 -14.16 -33.63
N ASN C 478 13.26 -14.99 -34.40
CA ASN C 478 14.64 -14.69 -34.72
C ASN C 478 14.78 -13.35 -35.40
N PHE C 479 13.83 -13.04 -36.27
CA PHE C 479 13.75 -11.68 -36.80
C PHE C 479 13.76 -10.61 -35.70
N ALA C 480 12.91 -10.78 -34.69
CA ALA C 480 12.80 -9.80 -33.59
C ALA C 480 14.09 -9.70 -32.78
N MET C 481 14.71 -10.85 -32.53
CA MET C 481 16.01 -10.94 -31.87
C MET C 481 17.06 -10.12 -32.62
N ASN C 482 17.03 -10.20 -33.96
CA ASN C 482 17.96 -9.45 -34.76
C ASN C 482 17.68 -7.96 -34.69
N VAL C 483 16.40 -7.59 -34.78
CA VAL C 483 16.04 -6.19 -34.70
C VAL C 483 16.50 -5.72 -33.33
N GLY C 484 16.21 -6.54 -32.32
CA GLY C 484 16.63 -6.28 -30.96
C GLY C 484 18.10 -5.99 -30.87
N LYS C 485 18.93 -6.97 -31.23
CA LYS C 485 20.39 -6.80 -31.28
C LYS C 485 20.80 -5.53 -32.03
N ALA C 486 20.42 -5.41 -33.31
CA ALA C 486 20.80 -4.24 -34.12
C ALA C 486 20.47 -2.91 -33.44
N ARG C 487 19.29 -2.83 -32.84
CA ARG C 487 18.87 -1.56 -32.29
C ARG C 487 19.51 -1.25 -30.94
N GLY C 488 20.09 -2.26 -30.30
CA GLY C 488 20.78 -2.07 -29.02
C GLY C 488 19.90 -2.24 -27.79
N PHE C 489 18.72 -2.84 -28.01
CA PHE C 489 17.76 -3.10 -26.94
C PHE C 489 18.29 -4.19 -26.02
N PHE C 490 18.99 -5.16 -26.58
CA PHE C 490 19.58 -6.23 -25.78
C PHE C 490 20.74 -6.93 -26.50
N LYS C 491 21.47 -7.77 -25.77
CA LYS C 491 22.59 -8.50 -26.35
C LYS C 491 22.50 -9.99 -26.04
N LYS C 492 23.42 -10.76 -26.66
CA LYS C 492 23.51 -12.21 -26.48
C LYS C 492 23.59 -12.59 -24.99
N GLY C 493 22.80 -13.59 -24.61
CA GLY C 493 22.74 -14.02 -23.22
C GLY C 493 21.78 -13.24 -22.31
N ASP C 494 21.30 -12.08 -22.76
CA ASP C 494 20.22 -11.38 -22.05
C ASP C 494 18.98 -12.26 -22.08
N VAL C 495 17.89 -11.79 -21.49
CA VAL C 495 16.67 -12.57 -21.43
C VAL C 495 15.54 -11.73 -21.98
N VAL C 496 14.65 -12.38 -22.73
CA VAL C 496 13.46 -11.74 -23.26
C VAL C 496 12.22 -12.59 -23.12
N ILE C 497 11.07 -11.92 -23.21
CA ILE C 497 9.79 -12.61 -23.13
C ILE C 497 9.28 -12.74 -24.55
N VAL C 498 8.69 -13.88 -24.87
CA VAL C 498 8.12 -14.08 -26.19
C VAL C 498 6.69 -14.55 -26.08
N LEU C 499 5.80 -13.81 -26.71
CA LEU C 499 4.38 -14.16 -26.80
C LEU C 499 3.99 -14.68 -28.19
N THR C 500 3.44 -15.89 -28.23
CA THR C 500 2.97 -16.47 -29.48
C THR C 500 1.61 -17.15 -29.27
N GLY C 501 1.06 -17.68 -30.35
CA GLY C 501 -0.16 -18.48 -30.33
C GLY C 501 0.11 -19.94 -30.62
N TRP C 502 -0.88 -20.80 -30.37
CA TRP C 502 -0.79 -22.26 -30.61
C TRP C 502 -1.17 -22.72 -32.05
N ARG C 503 -1.73 -21.80 -32.84
CA ARG C 503 -2.19 -22.08 -34.20
C ARG C 503 -2.25 -20.77 -34.98
N PRO C 504 -2.44 -20.86 -36.31
CA PRO C 504 -2.48 -19.62 -37.13
C PRO C 504 -3.78 -18.83 -37.00
N GLY C 505 -3.70 -17.52 -37.26
CA GLY C 505 -4.84 -16.61 -37.11
C GLY C 505 -4.78 -15.73 -35.85
N SER C 506 -5.75 -14.82 -35.72
CA SER C 506 -5.86 -13.91 -34.58
C SER C 506 -6.64 -14.51 -33.41
N GLY C 507 -6.42 -13.95 -32.20
CA GLY C 507 -7.17 -14.33 -31.01
C GLY C 507 -6.69 -15.58 -30.29
N PHE C 508 -5.55 -16.13 -30.73
CA PHE C 508 -4.98 -17.37 -30.17
C PHE C 508 -3.63 -17.21 -29.45
N THR C 509 -3.19 -15.97 -29.21
CA THR C 509 -1.96 -15.75 -28.44
C THR C 509 -2.19 -16.32 -27.06
N ASN C 510 -1.44 -17.36 -26.71
CA ASN C 510 -1.69 -18.05 -25.46
C ASN C 510 -0.42 -18.62 -24.88
N THR C 511 0.70 -18.38 -25.56
CA THR C 511 1.92 -19.06 -25.18
C THR C 511 2.95 -18.02 -24.83
N MET C 512 3.52 -18.14 -23.63
CA MET C 512 4.52 -17.20 -23.17
C MET C 512 5.81 -17.92 -22.82
N ARG C 513 6.92 -17.43 -23.36
CA ARG C 513 8.23 -18.03 -23.07
C ARG C 513 9.21 -17.01 -22.57
N VAL C 514 10.08 -17.44 -21.66
CA VAL C 514 11.21 -16.64 -21.21
C VAL C 514 12.44 -17.24 -21.86
N VAL C 515 13.09 -16.46 -22.71
CA VAL C 515 14.05 -16.98 -23.66
C VAL C 515 15.37 -16.24 -23.51
N PRO C 516 16.50 -16.97 -23.40
CA PRO C 516 17.77 -16.25 -23.50
C PRO C 516 17.96 -15.86 -24.93
N VAL C 517 18.49 -14.66 -25.15
CA VAL C 517 18.80 -14.18 -26.48
C VAL C 517 19.93 -15.03 -27.06
N PRO C 518 19.69 -15.64 -28.25
CA PRO C 518 20.64 -16.54 -28.91
C PRO C 518 21.72 -15.77 -29.65
N GLN D 1 -18.95 18.68 -7.60
CA GLN D 1 -18.63 19.08 -6.20
C GLN D 1 -17.64 20.25 -6.08
N THR D 2 -16.72 20.15 -5.12
CA THR D 2 -15.81 21.24 -4.81
C THR D 2 -14.44 20.71 -4.40
N GLN D 3 -13.40 21.48 -4.76
CA GLN D 3 -11.97 21.14 -4.52
C GLN D 3 -11.59 19.67 -4.75
N GLN D 4 -12.09 19.10 -5.84
CA GLN D 4 -11.88 17.68 -6.20
C GLN D 4 -12.02 16.71 -5.02
N LEU D 5 -13.03 16.94 -4.17
CA LEU D 5 -13.30 16.07 -3.01
C LEU D 5 -13.72 14.67 -3.43
N HIS D 6 -14.34 14.56 -4.61
CA HIS D 6 -14.62 13.26 -5.22
C HIS D 6 -13.31 12.53 -5.54
N ALA D 7 -12.40 13.22 -6.23
CA ALA D 7 -11.11 12.62 -6.56
C ALA D 7 -10.29 12.22 -5.33
N ALA D 8 -10.34 13.03 -4.26
CA ALA D 8 -9.56 12.77 -3.02
C ALA D 8 -10.07 11.61 -2.11
N MET D 9 -11.17 10.96 -2.51
CA MET D 9 -11.71 9.82 -1.78
C MET D 9 -11.43 8.53 -2.55
N ALA D 10 -10.84 8.66 -3.74
CA ALA D 10 -10.46 7.50 -4.55
C ALA D 10 -9.45 6.63 -3.81
N ASP D 11 -9.50 5.32 -4.05
CA ASP D 11 -8.61 4.41 -3.37
C ASP D 11 -7.32 4.15 -4.15
N THR D 12 -7.29 4.58 -5.42
CA THR D 12 -6.05 4.50 -6.18
C THR D 12 -5.67 5.84 -6.81
N PHE D 13 -4.39 6.00 -7.05
CA PHE D 13 -3.87 7.15 -7.73
C PHE D 13 -4.49 7.30 -9.13
N LEU D 14 -4.64 6.19 -9.84
CA LEU D 14 -5.20 6.22 -11.18
C LEU D 14 -6.64 6.67 -11.16
N GLU D 15 -7.44 6.09 -10.27
CA GLU D 15 -8.81 6.53 -10.07
C GLU D 15 -8.89 8.01 -9.71
N HIS D 16 -7.99 8.46 -8.85
CA HIS D 16 -7.87 9.89 -8.57
C HIS D 16 -7.71 10.73 -9.85
N MET D 17 -6.75 10.36 -10.71
CA MET D 17 -6.55 11.05 -11.98
C MET D 17 -7.83 11.07 -12.80
N CYS D 18 -8.48 9.90 -12.87
CA CYS D 18 -9.71 9.74 -13.61
C CYS D 18 -10.84 10.69 -13.22
N ARG D 19 -10.86 11.11 -11.95
CA ARG D 19 -11.96 11.91 -11.41
C ARG D 19 -11.72 13.41 -11.39
N LEU D 20 -10.54 13.85 -11.84
CA LEU D 20 -10.24 15.28 -11.85
C LEU D 20 -11.23 15.94 -12.77
N ASP D 21 -11.84 17.01 -12.27
CA ASP D 21 -12.99 17.56 -12.93
C ASP D 21 -12.84 19.06 -13.16
N ILE D 22 -12.75 19.45 -14.43
CA ILE D 22 -12.55 20.85 -14.77
C ILE D 22 -13.68 21.70 -14.24
N ASP D 23 -14.83 21.08 -13.96
CA ASP D 23 -15.99 21.78 -13.39
C ASP D 23 -16.05 21.77 -11.86
N SER D 24 -15.02 21.24 -11.22
CA SER D 24 -14.95 21.29 -9.77
C SER D 24 -14.16 22.53 -9.36
N PRO D 25 -14.86 23.60 -8.95
CA PRO D 25 -14.19 24.84 -8.57
C PRO D 25 -13.42 24.66 -7.25
N PRO D 26 -12.20 25.24 -7.16
CA PRO D 26 -11.43 25.10 -5.92
C PRO D 26 -11.91 26.04 -4.81
N ILE D 27 -11.37 25.86 -3.59
CA ILE D 27 -11.63 26.74 -2.44
C ILE D 27 -10.87 28.05 -2.61
N THR D 28 -11.35 29.13 -1.97
CA THR D 28 -10.76 30.47 -2.14
C THR D 28 -9.26 30.59 -1.77
N ALA D 29 -8.80 29.80 -0.79
CA ALA D 29 -7.43 29.91 -0.30
C ALA D 29 -6.42 29.25 -1.24
N ARG D 30 -5.25 29.88 -1.32
CA ARG D 30 -4.17 29.44 -2.22
C ARG D 30 -3.01 29.24 -1.31
N ASN D 31 -2.55 28.00 -1.23
CA ASN D 31 -1.52 27.61 -0.26
C ASN D 31 -0.10 27.92 -0.67
N THR D 32 0.19 27.74 -1.95
CA THR D 32 1.55 27.87 -2.48
C THR D 32 2.01 29.31 -2.55
N GLY D 33 3.16 29.57 -1.95
CA GLY D 33 3.70 30.90 -1.92
C GLY D 33 4.09 31.39 -3.31
N ILE D 34 3.99 32.70 -3.49
CA ILE D 34 4.33 33.31 -4.76
C ILE D 34 5.44 34.32 -4.50
N ILE D 35 6.53 34.15 -5.23
CA ILE D 35 7.70 35.03 -5.10
C ILE D 35 7.91 35.75 -6.42
N CYS D 36 8.04 37.06 -6.35
CA CYS D 36 8.20 37.87 -7.57
C CYS D 36 9.49 38.68 -7.61
N THR D 37 10.21 38.59 -8.74
CA THR D 37 11.38 39.41 -8.96
C THR D 37 10.99 40.85 -9.34
N ILE D 38 11.36 41.80 -8.49
CA ILE D 38 11.13 43.21 -8.75
C ILE D 38 12.17 43.77 -9.70
N GLY D 39 11.71 44.53 -10.68
CA GLY D 39 12.61 45.12 -11.67
C GLY D 39 12.03 46.44 -12.17
N PRO D 40 12.57 46.95 -13.31
CA PRO D 40 12.11 48.19 -13.97
C PRO D 40 10.59 48.19 -14.08
N ALA D 41 10.08 47.12 -14.69
CA ALA D 41 8.65 46.87 -14.88
C ALA D 41 7.78 46.84 -13.61
N SER D 42 8.37 46.75 -12.42
CA SER D 42 7.51 46.53 -11.24
C SER D 42 7.88 47.21 -9.93
N ARG D 43 8.83 48.13 -9.96
CA ARG D 43 9.25 48.73 -8.68
C ARG D 43 8.50 49.97 -8.20
N SER D 44 7.59 50.50 -9.01
CA SER D 44 6.81 51.66 -8.59
C SER D 44 5.91 51.23 -7.45
N VAL D 45 5.79 52.06 -6.44
CA VAL D 45 4.90 51.84 -5.35
C VAL D 45 3.55 51.40 -5.90
N GLU D 46 3.16 51.94 -7.05
CA GLU D 46 1.84 51.67 -7.64
C GLU D 46 1.67 50.28 -8.27
N THR D 47 2.62 49.84 -9.10
CA THR D 47 2.60 48.47 -9.59
C THR D 47 2.70 47.48 -8.41
N LEU D 48 3.59 47.77 -7.48
CA LEU D 48 3.80 46.95 -6.29
C LEU D 48 2.49 46.79 -5.51
N LYS D 49 1.62 47.78 -5.53
CA LYS D 49 0.33 47.65 -4.83
C LYS D 49 -0.55 46.58 -5.51
N GLU D 50 -0.54 46.57 -6.83
CA GLU D 50 -1.34 45.64 -7.58
C GLU D 50 -0.77 44.21 -7.58
N MET D 51 0.55 44.11 -7.44
CA MET D 51 1.27 42.82 -7.33
C MET D 51 0.81 42.12 -6.06
N ILE D 52 0.77 42.89 -4.99
CA ILE D 52 0.29 42.38 -3.75
C ILE D 52 -1.14 41.92 -3.93
N LYS D 53 -2.00 42.81 -4.41
CA LYS D 53 -3.41 42.47 -4.55
C LYS D 53 -3.59 41.20 -5.37
N SER D 54 -2.73 41.04 -6.38
CA SER D 54 -2.76 39.86 -7.23
C SER D 54 -2.21 38.56 -6.60
N GLY D 55 -1.64 38.66 -5.39
CA GLY D 55 -1.12 37.49 -4.68
C GLY D 55 0.38 37.35 -4.35
N MET D 56 1.21 38.35 -4.69
CA MET D 56 2.64 38.30 -4.38
C MET D 56 2.90 38.20 -2.89
N ASN D 57 3.71 37.24 -2.47
CA ASN D 57 4.01 37.08 -1.06
C ASN D 57 5.42 37.50 -0.72
N VAL D 58 6.32 37.32 -1.67
CA VAL D 58 7.73 37.59 -1.47
C VAL D 58 8.24 38.43 -2.64
N ALA D 59 8.94 39.51 -2.29
CA ALA D 59 9.60 40.34 -3.30
C ALA D 59 11.10 40.05 -3.26
N ARG D 60 11.59 39.58 -4.39
CA ARG D 60 12.95 39.16 -4.56
C ARG D 60 13.71 40.27 -5.30
N LEU D 61 14.86 40.65 -4.73
CA LEU D 61 15.76 41.59 -5.39
C LEU D 61 17.01 40.90 -5.84
N ASN D 62 17.32 40.98 -7.13
CA ASN D 62 18.56 40.44 -7.63
C ASN D 62 19.71 41.47 -7.52
N PHE D 63 20.76 41.09 -6.80
CA PHE D 63 21.92 41.96 -6.62
C PHE D 63 23.03 41.81 -7.64
N SER D 64 22.80 41.09 -8.74
CA SER D 64 23.82 41.12 -9.78
C SER D 64 23.97 42.55 -10.35
N HIS D 65 22.89 43.35 -10.33
CA HIS D 65 22.92 44.74 -10.81
C HIS D 65 22.47 45.76 -9.76
N GLY D 66 22.99 46.97 -9.85
CA GLY D 66 22.46 48.14 -9.16
C GLY D 66 23.10 48.47 -7.83
N THR D 67 23.08 49.74 -7.46
CA THR D 67 23.71 50.14 -6.22
C THR D 67 22.88 49.79 -5.01
N HIS D 68 23.54 49.77 -3.88
CA HIS D 68 22.90 49.58 -2.62
C HIS D 68 21.76 50.59 -2.39
N GLU D 69 22.02 51.86 -2.70
CA GLU D 69 21.01 52.91 -2.55
C GLU D 69 19.81 52.70 -3.48
N TYR D 70 20.08 52.17 -4.67
CA TYR D 70 19.03 51.73 -5.60
C TYR D 70 18.13 50.64 -4.96
N HIS D 71 18.73 49.50 -4.58
CA HIS D 71 18.01 48.44 -3.88
C HIS D 71 17.30 48.91 -2.62
N ALA D 72 17.91 49.82 -1.85
CA ALA D 72 17.24 50.34 -0.66
C ALA D 72 15.99 51.11 -1.04
N GLU D 73 16.03 51.81 -2.18
CA GLU D 73 14.83 52.46 -2.70
C GLU D 73 13.77 51.41 -3.02
N THR D 74 14.12 50.46 -3.89
CA THR D 74 13.21 49.35 -4.23
C THR D 74 12.62 48.74 -2.96
N ILE D 75 13.47 48.44 -1.99
CA ILE D 75 13.01 47.93 -0.70
C ILE D 75 11.98 48.85 -0.07
N LYS D 76 12.27 50.14 -0.01
CA LYS D 76 11.36 51.14 0.59
C LYS D 76 10.00 51.18 -0.13
N ASN D 77 10.03 51.06 -1.46
CA ASN D 77 8.79 51.04 -2.22
C ASN D 77 7.97 49.77 -1.97
N VAL D 78 8.64 48.62 -1.88
CA VAL D 78 8.00 47.39 -1.41
C VAL D 78 7.36 47.64 -0.03
N ARG D 79 8.11 48.24 0.89
CA ARG D 79 7.56 48.50 2.21
C ARG D 79 6.42 49.51 2.18
N THR D 80 6.53 50.56 1.36
CA THR D 80 5.45 51.57 1.31
C THR D 80 4.15 50.87 0.86
N ALA D 81 4.23 50.17 -0.28
CA ALA D 81 3.12 49.37 -0.83
C ALA D 81 2.51 48.42 0.19
N THR D 82 3.37 47.71 0.90
CA THR D 82 2.94 46.73 1.89
C THR D 82 2.22 47.43 3.03
N GLU D 83 2.73 48.59 3.45
CA GLU D 83 2.18 49.28 4.61
C GLU D 83 0.91 50.08 4.29
N SER D 84 0.60 50.26 3.01
CA SER D 84 -0.61 50.99 2.62
C SER D 84 -1.88 50.25 3.05
N PHE D 85 -1.80 48.92 3.13
CA PHE D 85 -2.93 48.08 3.57
C PHE D 85 -2.96 47.88 5.09
N ALA D 86 -2.01 48.48 5.80
CA ALA D 86 -1.82 48.22 7.24
C ALA D 86 -2.87 48.80 8.18
N SER D 87 -3.65 49.77 7.71
CA SER D 87 -4.66 50.45 8.54
C SER D 87 -5.68 49.46 9.11
N ASP D 88 -6.05 48.46 8.30
CA ASP D 88 -6.95 47.39 8.73
C ASP D 88 -6.20 46.06 8.98
N PRO D 89 -5.91 45.77 10.26
CA PRO D 89 -5.08 44.62 10.64
C PRO D 89 -5.63 43.26 10.19
N ILE D 90 -6.90 43.22 9.80
CA ILE D 90 -7.56 41.96 9.45
C ILE D 90 -7.35 41.61 7.98
N LEU D 91 -7.13 42.63 7.16
CA LEU D 91 -6.94 42.45 5.73
C LEU D 91 -5.48 42.50 5.29
N TYR D 92 -4.62 43.04 6.16
CA TYR D 92 -3.19 43.19 5.88
C TYR D 92 -2.52 41.85 5.58
N ARG D 93 -1.68 41.84 4.56
CA ARG D 93 -0.91 40.65 4.24
C ARG D 93 0.55 41.01 4.36
N PRO D 94 1.28 40.31 5.27
CA PRO D 94 2.74 40.48 5.32
C PRO D 94 3.32 40.13 3.97
N VAL D 95 4.41 40.80 3.61
CA VAL D 95 5.11 40.59 2.34
C VAL D 95 6.58 40.48 2.70
N ALA D 96 7.27 39.50 2.14
CA ALA D 96 8.64 39.29 2.56
C ALA D 96 9.57 39.95 1.58
N VAL D 97 10.77 40.27 2.07
CA VAL D 97 11.79 40.86 1.24
C VAL D 97 12.92 39.83 1.19
N ALA D 98 13.26 39.39 0.00
CA ALA D 98 14.32 38.44 -0.23
C ALA D 98 15.47 39.06 -1.02
N LEU D 99 16.68 38.71 -0.63
CA LEU D 99 17.90 39.15 -1.27
C LEU D 99 18.55 38.00 -2.02
N ASP D 100 18.69 38.15 -3.32
CA ASP D 100 19.26 37.11 -4.15
C ASP D 100 20.65 37.59 -4.56
N THR D 101 21.67 36.89 -4.04
CA THR D 101 23.06 37.27 -4.25
C THR D 101 23.48 37.03 -5.69
N LYS D 102 24.47 37.80 -6.13
CA LYS D 102 25.03 37.61 -7.46
C LYS D 102 25.74 36.28 -7.57
N GLY D 103 26.57 35.95 -6.58
CA GLY D 103 27.41 34.75 -6.67
C GLY D 103 28.47 34.79 -7.76
N PRO D 104 29.07 33.63 -8.06
CA PRO D 104 30.12 33.47 -9.07
C PRO D 104 29.64 33.51 -10.51
N GLU D 105 28.91 34.55 -10.88
CA GLU D 105 28.50 34.71 -12.29
C GLU D 105 29.70 34.99 -13.19
N ILE D 106 29.66 34.47 -14.42
CA ILE D 106 30.59 34.89 -15.47
C ILE D 106 29.86 35.78 -16.47
N ARG D 107 30.41 36.96 -16.75
CA ARG D 107 29.75 37.93 -17.63
C ARG D 107 30.68 38.47 -18.74
N THR D 108 30.12 38.72 -19.91
CA THR D 108 30.88 39.28 -21.01
C THR D 108 31.21 40.76 -20.78
N GLY D 109 31.88 41.37 -21.76
CA GLY D 109 32.14 42.81 -21.73
C GLY D 109 31.25 43.56 -22.70
N LEU D 110 31.53 44.86 -22.86
CA LEU D 110 30.71 45.75 -23.67
C LEU D 110 30.86 45.54 -25.17
N ILE D 111 29.73 45.50 -25.87
CA ILE D 111 29.69 45.30 -27.33
C ILE D 111 30.04 46.58 -28.09
N LYS D 112 30.95 46.43 -29.06
CA LYS D 112 31.24 47.43 -30.11
C LYS D 112 31.85 48.73 -29.63
N GLY D 113 31.21 49.34 -28.62
CA GLY D 113 31.58 50.66 -28.15
C GLY D 113 30.46 51.66 -28.37
N SER D 114 29.71 51.48 -29.46
CA SER D 114 28.56 52.34 -29.78
C SER D 114 27.41 52.07 -28.80
N GLY D 115 27.58 52.56 -27.57
CA GLY D 115 26.67 52.28 -26.46
C GLY D 115 26.56 50.80 -26.19
N THR D 116 25.36 50.27 -26.46
CA THR D 116 25.05 48.85 -26.32
C THR D 116 24.45 48.32 -27.62
N ALA D 117 25.30 48.09 -28.61
CA ALA D 117 24.90 47.46 -29.88
C ALA D 117 24.76 45.94 -29.71
N GLU D 118 24.21 45.27 -30.71
CA GLU D 118 24.00 43.85 -30.62
C GLU D 118 24.51 43.13 -31.86
N VAL D 119 25.79 42.76 -31.83
CA VAL D 119 26.39 42.00 -32.92
C VAL D 119 25.73 40.64 -33.07
N GLU D 120 25.52 40.23 -34.31
CA GLU D 120 24.91 38.95 -34.59
C GLU D 120 25.98 37.94 -35.00
N LEU D 121 25.92 36.76 -34.40
CA LEU D 121 26.87 35.69 -34.71
C LEU D 121 26.18 34.65 -35.59
N LYS D 122 26.97 33.96 -36.41
CA LYS D 122 26.42 33.01 -37.36
C LYS D 122 26.98 31.60 -37.14
N LYS D 123 26.09 30.62 -37.23
CA LYS D 123 26.43 29.21 -37.18
C LYS D 123 27.59 28.90 -38.16
N GLY D 124 28.61 28.18 -37.69
CA GLY D 124 29.78 27.84 -38.52
C GLY D 124 30.95 28.82 -38.42
N ALA D 125 30.67 30.07 -38.07
CA ALA D 125 31.70 31.11 -37.97
C ALA D 125 32.67 30.86 -36.81
N THR D 126 33.86 31.46 -36.96
CA THR D 126 34.89 31.42 -35.94
C THR D 126 34.74 32.60 -34.99
N LEU D 127 34.82 32.31 -33.70
CA LEU D 127 34.89 33.36 -32.71
C LEU D 127 36.08 33.07 -31.81
N LYS D 128 36.66 34.14 -31.27
CA LYS D 128 37.75 34.06 -30.33
C LYS D 128 37.30 34.68 -29.03
N ILE D 129 37.60 33.99 -27.93
CA ILE D 129 37.42 34.53 -26.58
C ILE D 129 38.81 34.88 -26.03
N THR D 130 38.92 36.05 -25.41
CA THR D 130 40.19 36.52 -24.87
C THR D 130 39.98 37.16 -23.49
N LEU D 131 41.04 37.14 -22.70
CA LEU D 131 41.07 37.80 -21.38
C LEU D 131 41.84 39.12 -21.48
N ASP D 132 42.45 39.34 -22.65
CA ASP D 132 43.17 40.58 -22.93
C ASP D 132 42.23 41.76 -22.67
N ASN D 133 42.45 42.41 -21.53
CA ASN D 133 41.61 43.53 -21.07
C ASN D 133 41.50 44.70 -22.05
N ALA D 134 42.19 44.58 -23.18
CA ALA D 134 42.15 45.61 -24.22
C ALA D 134 40.80 45.59 -24.92
N TYR D 135 40.13 44.44 -24.85
CA TYR D 135 38.86 44.24 -25.53
C TYR D 135 37.68 44.27 -24.55
N MET D 136 38.00 44.67 -23.31
CA MET D 136 37.05 44.84 -22.21
C MET D 136 35.79 45.63 -22.61
N GLU D 137 35.98 46.66 -23.44
CA GLU D 137 34.89 47.51 -23.91
C GLU D 137 34.68 47.32 -25.42
N LYS D 138 35.43 46.41 -26.02
CA LYS D 138 35.49 46.28 -27.48
C LYS D 138 35.21 44.86 -27.99
N CYS D 139 34.09 44.28 -27.54
CA CYS D 139 33.64 42.97 -28.05
C CYS D 139 32.92 43.11 -29.39
N ASP D 140 32.98 42.07 -30.21
CA ASP D 140 32.35 42.06 -31.55
C ASP D 140 32.16 40.63 -32.07
N GLU D 141 31.69 40.50 -33.30
CA GLU D 141 31.40 39.20 -33.93
C GLU D 141 32.62 38.30 -34.17
N ASN D 142 33.83 38.82 -33.95
CA ASN D 142 35.06 38.05 -34.15
C ASN D 142 35.78 37.72 -32.86
N ILE D 143 35.73 38.66 -31.91
CA ILE D 143 36.48 38.54 -30.67
C ILE D 143 35.65 39.05 -29.47
N LEU D 144 35.51 38.18 -28.46
CA LEU D 144 34.71 38.47 -27.26
C LEU D 144 35.52 38.30 -25.98
N TRP D 145 35.27 39.20 -25.03
CA TRP D 145 35.92 39.22 -23.71
C TRP D 145 34.93 38.81 -22.63
N LEU D 146 35.44 38.20 -21.57
CA LEU D 146 34.64 37.90 -20.37
C LEU D 146 35.51 38.06 -19.12
N ASP D 147 34.89 37.97 -17.96
CA ASP D 147 35.54 38.41 -16.72
C ASP D 147 36.13 37.28 -15.89
N TYR D 148 36.32 36.13 -16.53
CA TYR D 148 36.87 34.98 -15.82
C TYR D 148 38.30 34.60 -16.22
N LYS D 149 39.24 35.11 -15.42
CA LYS D 149 40.68 35.00 -15.65
C LYS D 149 41.17 33.59 -15.91
N ASN D 150 40.68 32.63 -15.14
CA ASN D 150 41.16 31.25 -15.22
C ASN D 150 40.50 30.34 -16.25
N ILE D 151 39.64 30.90 -17.11
CA ILE D 151 38.91 30.09 -18.09
C ILE D 151 39.81 29.12 -18.87
N CYS D 152 41.00 29.58 -19.26
CA CYS D 152 41.96 28.78 -20.03
C CYS D 152 42.48 27.56 -19.27
N LYS D 153 42.56 27.69 -17.95
CA LYS D 153 43.04 26.61 -17.09
C LYS D 153 41.99 25.51 -16.92
N VAL D 154 40.71 25.88 -17.00
CA VAL D 154 39.62 24.95 -16.66
C VAL D 154 38.79 24.46 -17.86
N VAL D 155 39.19 24.86 -19.06
CA VAL D 155 38.51 24.47 -20.30
C VAL D 155 39.43 23.60 -21.15
N GLU D 156 38.85 22.87 -22.11
CA GLU D 156 39.62 22.01 -23.01
C GLU D 156 39.05 22.02 -24.43
N VAL D 157 39.84 21.59 -25.41
CA VAL D 157 39.36 21.50 -26.79
C VAL D 157 38.21 20.50 -26.83
N GLY D 158 37.04 20.97 -27.28
CA GLY D 158 35.84 20.15 -27.23
C GLY D 158 34.78 20.74 -26.29
N SER D 159 35.23 21.46 -25.27
CA SER D 159 34.34 22.10 -24.31
C SER D 159 33.28 22.97 -24.98
N LYS D 160 32.08 22.98 -24.40
CA LYS D 160 31.04 23.88 -24.86
C LYS D 160 31.02 25.09 -23.93
N ILE D 161 30.80 26.27 -24.51
CA ILE D 161 30.61 27.50 -23.73
C ILE D 161 29.24 28.06 -24.13
N TYR D 162 28.47 28.54 -23.15
CA TYR D 162 27.14 29.09 -23.41
C TYR D 162 27.05 30.56 -23.06
N VAL D 163 26.39 31.33 -23.92
CA VAL D 163 26.31 32.77 -23.71
C VAL D 163 24.85 33.21 -23.71
N ASP D 164 24.60 34.29 -22.98
CA ASP D 164 23.29 34.97 -22.96
C ASP D 164 22.21 34.01 -22.48
N ASP D 165 22.26 33.70 -21.19
CA ASP D 165 21.40 32.71 -20.55
C ASP D 165 21.07 31.55 -21.50
N GLY D 166 22.11 30.92 -22.02
CA GLY D 166 21.97 29.68 -22.80
C GLY D 166 21.68 29.82 -24.28
N LEU D 167 21.48 31.05 -24.75
CA LEU D 167 21.09 31.23 -26.15
C LEU D 167 22.17 30.81 -27.16
N ILE D 168 23.38 31.35 -27.03
CA ILE D 168 24.43 31.01 -27.98
C ILE D 168 25.35 29.89 -27.50
N SER D 169 25.52 28.89 -28.36
CA SER D 169 26.39 27.76 -28.11
C SER D 169 27.72 27.88 -28.88
N LEU D 170 28.84 27.67 -28.17
CA LEU D 170 30.20 27.69 -28.75
C LEU D 170 30.96 26.41 -28.41
N GLN D 171 31.80 25.95 -29.34
CA GLN D 171 32.73 24.85 -29.06
C GLN D 171 34.19 25.27 -29.18
N VAL D 172 34.98 24.97 -28.13
CA VAL D 172 36.42 25.21 -28.11
C VAL D 172 37.19 24.35 -29.12
N LYS D 173 37.77 25.03 -30.11
CA LYS D 173 38.54 24.40 -31.17
C LYS D 173 40.03 24.58 -30.98
N GLN D 174 40.43 25.67 -30.30
CA GLN D 174 41.84 26.02 -30.12
C GLN D 174 42.08 26.80 -28.83
N LYS D 175 42.80 26.19 -27.89
CA LYS D 175 43.22 26.88 -26.67
C LYS D 175 44.61 27.51 -26.81
N GLY D 176 44.68 28.82 -26.55
CA GLY D 176 45.96 29.54 -26.47
C GLY D 176 46.35 29.79 -25.02
N ALA D 177 47.41 30.57 -24.83
CA ALA D 177 47.85 30.96 -23.48
C ALA D 177 46.94 32.01 -22.84
N ASP D 178 46.25 32.79 -23.68
CA ASP D 178 45.52 33.99 -23.26
C ASP D 178 44.09 34.02 -23.80
N PHE D 179 43.75 33.04 -24.64
CA PHE D 179 42.57 33.15 -25.49
C PHE D 179 42.06 31.78 -25.96
N LEU D 180 40.81 31.75 -26.39
CA LEU D 180 40.19 30.54 -26.92
C LEU D 180 39.60 30.83 -28.30
N VAL D 181 39.87 29.96 -29.27
CA VAL D 181 39.27 30.07 -30.60
C VAL D 181 38.14 29.05 -30.71
N THR D 182 36.91 29.56 -30.80
CA THR D 182 35.73 28.69 -30.85
C THR D 182 34.94 28.81 -32.17
N GLU D 183 34.16 27.77 -32.45
CA GLU D 183 33.28 27.73 -33.60
C GLU D 183 31.82 27.85 -33.11
N VAL D 184 31.10 28.81 -33.68
CA VAL D 184 29.69 29.07 -33.32
C VAL D 184 28.77 27.90 -33.75
N GLU D 185 27.93 27.44 -32.81
CA GLU D 185 26.98 26.33 -33.04
C GLU D 185 25.62 26.80 -33.59
N ASN D 186 25.10 27.88 -33.02
CA ASN D 186 23.86 28.49 -33.50
C ASN D 186 23.94 30.01 -33.44
N GLY D 187 23.34 30.67 -34.43
CA GLY D 187 23.37 32.14 -34.54
C GLY D 187 22.67 32.85 -33.39
N GLY D 188 22.60 34.18 -33.46
CA GLY D 188 21.88 34.96 -32.47
C GLY D 188 22.57 36.25 -32.07
N SER D 189 21.77 37.27 -31.77
CA SER D 189 22.31 38.57 -31.38
C SER D 189 22.95 38.53 -29.98
N LEU D 190 24.17 39.04 -29.90
CA LEU D 190 24.88 39.11 -28.65
C LEU D 190 24.83 40.50 -28.06
N GLY D 191 24.31 40.61 -26.83
CA GLY D 191 24.29 41.89 -26.11
C GLY D 191 25.57 42.08 -25.31
N SER D 192 25.61 43.16 -24.52
CA SER D 192 26.73 43.42 -23.62
C SER D 192 26.43 42.82 -22.25
N LYS D 193 27.49 42.61 -21.45
CA LYS D 193 27.35 42.14 -20.07
C LYS D 193 26.45 40.92 -19.91
N LYS D 194 26.51 40.00 -20.88
CA LYS D 194 25.65 38.82 -20.89
C LYS D 194 26.23 37.73 -20.00
N GLY D 195 25.45 36.67 -19.76
CA GLY D 195 25.85 35.62 -18.83
C GLY D 195 26.51 34.47 -19.55
N VAL D 196 27.52 33.88 -18.92
CA VAL D 196 28.25 32.73 -19.49
C VAL D 196 28.21 31.50 -18.58
N ASN D 197 28.10 30.33 -19.22
CA ASN D 197 28.08 29.04 -18.53
C ASN D 197 29.04 28.05 -19.15
N LEU D 198 29.72 27.33 -18.28
CA LEU D 198 30.69 26.32 -18.67
C LEU D 198 30.31 24.99 -18.01
N PRO D 199 29.59 24.13 -18.76
CA PRO D 199 29.18 22.83 -18.24
C PRO D 199 30.35 21.90 -18.25
N GLY D 200 30.44 21.07 -17.22
CA GLY D 200 31.49 20.05 -17.09
C GLY D 200 32.89 20.63 -16.94
N ALA D 201 32.98 21.74 -16.21
CA ALA D 201 34.27 22.38 -16.00
C ALA D 201 34.37 22.83 -14.55
N ALA D 202 35.48 22.48 -13.90
CA ALA D 202 35.68 22.79 -12.49
C ALA D 202 35.96 24.28 -12.31
N VAL D 203 34.89 25.07 -12.22
CA VAL D 203 34.99 26.51 -12.09
C VAL D 203 35.32 26.82 -10.63
N ASP D 204 36.23 27.76 -10.41
CA ASP D 204 36.89 27.93 -9.11
C ASP D 204 36.72 29.30 -8.48
N LEU D 205 35.76 30.07 -8.99
CA LEU D 205 35.43 31.36 -8.37
C LEU D 205 34.92 31.11 -6.94
N PRO D 206 35.16 32.06 -6.03
CA PRO D 206 34.62 31.78 -4.69
C PRO D 206 33.09 31.83 -4.69
N ALA D 207 32.45 30.93 -3.95
CA ALA D 207 31.00 30.95 -3.84
C ALA D 207 30.53 32.19 -3.08
N VAL D 208 31.35 32.66 -2.15
CA VAL D 208 31.15 33.96 -1.47
C VAL D 208 32.28 34.96 -1.75
N SER D 209 32.09 35.75 -2.82
CA SER D 209 33.05 36.79 -3.25
C SER D 209 32.96 38.03 -2.34
N GLU D 210 33.83 39.01 -2.57
CA GLU D 210 33.82 40.24 -1.76
C GLU D 210 32.56 41.11 -1.97
N LYS D 211 32.09 41.22 -3.21
CA LYS D 211 30.81 41.86 -3.50
C LYS D 211 29.67 41.23 -2.69
N ASP D 212 29.59 39.89 -2.77
CA ASP D 212 28.62 39.09 -1.97
C ASP D 212 28.57 39.52 -0.51
N ILE D 213 29.76 39.73 0.07
CA ILE D 213 29.87 40.08 1.49
C ILE D 213 29.19 41.41 1.81
N GLN D 214 29.54 42.45 1.05
CA GLN D 214 28.93 43.79 1.23
C GLN D 214 27.41 43.67 1.12
N ASP D 215 26.99 42.97 0.09
CA ASP D 215 25.57 42.73 -0.20
C ASP D 215 24.87 42.05 0.97
N LEU D 216 25.47 41.00 1.53
CA LEU D 216 24.89 40.30 2.67
C LEU D 216 24.80 41.21 3.86
N LYS D 217 25.87 41.96 4.10
CA LYS D 217 25.90 42.92 5.19
C LYS D 217 24.80 43.95 4.99
N PHE D 218 24.65 44.41 3.76
CA PHE D 218 23.57 45.32 3.44
C PHE D 218 22.23 44.66 3.80
N GLY D 219 22.03 43.43 3.37
CA GLY D 219 20.81 42.70 3.73
C GLY D 219 20.49 42.88 5.20
N VAL D 220 21.52 42.75 6.02
CA VAL D 220 21.39 42.81 7.48
C VAL D 220 20.92 44.20 7.89
N GLU D 221 21.62 45.23 7.42
CA GLU D 221 21.21 46.62 7.69
C GLU D 221 19.77 46.87 7.27
N GLN D 222 19.41 46.38 6.10
CA GLN D 222 18.08 46.56 5.54
C GLN D 222 16.99 45.64 6.15
N ASP D 223 17.41 44.66 6.96
CA ASP D 223 16.48 43.80 7.71
C ASP D 223 15.64 42.95 6.74
N VAL D 224 16.27 42.46 5.68
CA VAL D 224 15.63 41.50 4.79
C VAL D 224 15.32 40.23 5.58
N ASP D 225 14.41 39.42 5.04
CA ASP D 225 13.86 38.27 5.75
C ASP D 225 14.58 37.00 5.37
N MET D 226 15.23 37.00 4.20
CA MET D 226 15.86 35.80 3.67
C MET D 226 16.85 36.13 2.55
N VAL D 227 17.78 35.20 2.34
CA VAL D 227 18.79 35.32 1.30
C VAL D 227 18.62 34.12 0.39
N PHE D 228 18.66 34.35 -0.92
CA PHE D 228 18.68 33.23 -1.87
C PHE D 228 20.08 33.21 -2.40
N ALA D 229 20.85 32.21 -2.02
CA ALA D 229 22.29 32.18 -2.25
C ALA D 229 22.66 31.46 -3.53
N SER D 230 23.18 32.21 -4.51
CA SER D 230 23.46 31.67 -5.84
C SER D 230 24.57 30.64 -5.86
N PHE D 231 24.42 29.66 -6.76
CA PHE D 231 25.48 28.70 -7.12
C PHE D 231 26.13 27.93 -5.96
N ILE D 232 25.35 27.63 -4.94
CA ILE D 232 25.81 26.79 -3.82
C ILE D 232 26.23 25.39 -4.27
N ARG D 233 27.50 25.06 -4.08
CA ARG D 233 28.05 23.77 -4.55
C ARG D 233 28.25 22.71 -3.45
N LYS D 234 28.31 23.16 -2.19
CA LYS D 234 28.55 22.26 -1.05
C LYS D 234 28.20 22.95 0.25
N ALA D 235 28.12 22.16 1.32
CA ALA D 235 27.69 22.67 2.61
C ALA D 235 28.50 23.84 3.11
N SER D 236 29.83 23.79 2.97
CA SER D 236 30.70 24.88 3.44
C SER D 236 30.36 26.24 2.83
N ASP D 237 30.00 26.22 1.54
CA ASP D 237 29.39 27.37 0.85
C ASP D 237 28.31 28.01 1.72
N VAL D 238 27.36 27.18 2.18
CA VAL D 238 26.23 27.67 2.95
C VAL D 238 26.70 28.18 4.29
N HIS D 239 27.73 27.55 4.85
CA HIS D 239 28.21 27.97 6.18
C HIS D 239 28.93 29.30 6.12
N GLU D 240 29.60 29.57 5.01
CA GLU D 240 30.21 30.91 4.82
C GLU D 240 29.17 32.04 4.88
N VAL D 241 28.03 31.80 4.21
CA VAL D 241 26.96 32.79 4.14
C VAL D 241 26.40 33.02 5.53
N ARG D 242 26.21 31.94 6.28
CA ARG D 242 25.70 32.02 7.65
C ARG D 242 26.65 32.82 8.55
N LYS D 243 27.95 32.64 8.31
CA LYS D 243 29.00 33.36 9.05
C LYS D 243 28.94 34.85 8.73
N VAL D 244 28.98 35.21 7.45
CA VAL D 244 28.87 36.62 7.07
C VAL D 244 27.62 37.27 7.72
N LEU D 245 26.47 36.62 7.67
CA LEU D 245 25.28 37.20 8.28
C LEU D 245 25.46 37.35 9.78
N GLY D 246 26.29 36.48 10.36
CA GLY D 246 26.71 36.57 11.75
C GLY D 246 25.61 36.73 12.78
N GLU D 247 26.01 37.13 13.98
CA GLU D 247 25.08 37.33 15.08
C GLU D 247 23.88 38.22 14.72
N LYS D 248 24.17 39.35 14.09
CA LYS D 248 23.14 40.34 13.79
C LYS D 248 22.03 39.76 12.92
N GLY D 249 22.41 38.99 11.89
CA GLY D 249 21.41 38.36 11.01
C GLY D 249 21.15 36.86 11.17
N LYS D 250 21.25 36.35 12.40
CA LYS D 250 21.01 34.92 12.65
C LYS D 250 19.57 34.48 12.30
N ASN D 251 18.63 35.42 12.33
CA ASN D 251 17.23 35.06 12.13
C ASN D 251 16.83 35.05 10.68
N ILE D 252 17.80 35.35 9.83
CA ILE D 252 17.59 35.39 8.39
C ILE D 252 17.71 34.00 7.75
N LYS D 253 16.68 33.62 7.00
CA LYS D 253 16.66 32.34 6.32
C LYS D 253 17.59 32.31 5.15
N ILE D 254 18.35 31.24 5.05
CA ILE D 254 19.20 31.05 3.92
C ILE D 254 18.59 29.94 3.09
N ILE D 255 18.34 30.26 1.83
CA ILE D 255 17.78 29.33 0.87
C ILE D 255 18.89 29.10 -0.15
N SER D 256 19.35 27.87 -0.30
CA SER D 256 20.41 27.60 -1.25
C SER D 256 19.87 27.35 -2.62
N LYS D 257 20.50 27.99 -3.59
CA LYS D 257 20.11 27.82 -4.96
C LYS D 257 20.97 26.74 -5.58
N ILE D 258 20.31 25.72 -6.11
CA ILE D 258 21.02 24.62 -6.70
C ILE D 258 20.97 24.90 -8.18
N GLU D 259 22.12 25.23 -8.76
CA GLU D 259 22.13 25.55 -10.17
C GLU D 259 23.14 24.84 -11.02
N ASN D 260 23.81 23.82 -10.47
CA ASN D 260 24.81 23.09 -11.25
C ASN D 260 24.93 21.63 -10.78
N HIS D 261 25.66 20.86 -11.56
CA HIS D 261 25.82 19.43 -11.32
C HIS D 261 26.27 19.11 -9.89
N GLU D 262 27.33 19.76 -9.41
CA GLU D 262 27.83 19.52 -8.07
C GLU D 262 26.77 19.78 -6.99
N GLY D 263 26.01 20.86 -7.15
CA GLY D 263 24.93 21.18 -6.22
C GLY D 263 23.92 20.05 -6.10
N VAL D 264 23.64 19.38 -7.21
CA VAL D 264 22.73 18.25 -7.20
C VAL D 264 23.41 17.01 -6.60
N ARG D 265 24.70 16.81 -6.87
CA ARG D 265 25.41 15.62 -6.38
C ARG D 265 25.62 15.66 -4.89
N ARG D 266 25.84 16.86 -4.37
CA ARG D 266 26.03 17.08 -2.95
C ARG D 266 24.78 17.68 -2.33
N PHE D 267 23.63 17.40 -2.94
CA PHE D 267 22.38 17.97 -2.44
C PHE D 267 22.13 17.74 -0.93
N ASP D 268 22.40 16.52 -0.45
CA ASP D 268 22.00 16.15 0.93
C ASP D 268 22.68 17.00 1.97
N GLU D 269 24.00 17.17 1.88
CA GLU D 269 24.70 18.04 2.84
C GLU D 269 24.26 19.52 2.75
N ILE D 270 23.94 19.98 1.55
CA ILE D 270 23.49 21.37 1.34
C ILE D 270 22.17 21.61 2.09
N LEU D 271 21.23 20.67 1.91
CA LEU D 271 19.93 20.74 2.60
C LEU D 271 20.07 20.78 4.12
N GLU D 272 20.90 19.89 4.66
CA GLU D 272 21.19 19.87 6.09
C GLU D 272 21.64 21.24 6.63
N ALA D 273 22.56 21.86 5.89
CA ALA D 273 23.11 23.17 6.22
C ALA D 273 22.14 24.33 5.97
N SER D 274 21.19 24.18 5.06
CA SER D 274 20.33 25.32 4.65
C SER D 274 19.01 25.38 5.40
N ASP D 275 18.33 26.52 5.31
CA ASP D 275 16.93 26.58 5.73
C ASP D 275 15.94 26.19 4.67
N GLY D 276 16.40 26.05 3.44
CA GLY D 276 15.50 25.71 2.34
C GLY D 276 16.25 25.70 1.05
N ILE D 277 15.57 25.37 -0.04
CA ILE D 277 16.21 25.18 -1.31
C ILE D 277 15.46 25.90 -2.42
N MET D 278 16.19 26.42 -3.40
CA MET D 278 15.59 26.89 -4.64
C MET D 278 16.06 26.02 -5.78
N VAL D 279 15.13 25.38 -6.47
CA VAL D 279 15.50 24.68 -7.70
C VAL D 279 15.64 25.77 -8.78
N ALA D 280 16.88 26.20 -9.07
CA ALA D 280 17.11 27.35 -9.96
C ALA D 280 17.37 26.86 -11.38
N ARG D 281 16.30 26.70 -12.12
CA ARG D 281 16.29 25.90 -13.33
C ARG D 281 16.90 26.58 -14.55
N GLY D 282 17.06 27.90 -14.49
CA GLY D 282 17.68 28.59 -15.62
C GLY D 282 19.11 28.10 -15.80
N ASP D 283 19.95 28.42 -14.82
CA ASP D 283 21.31 27.93 -14.85
C ASP D 283 21.41 26.42 -14.81
N LEU D 284 20.57 25.80 -13.99
CA LEU D 284 20.62 24.33 -13.87
C LEU D 284 20.41 23.64 -15.20
N GLY D 285 19.51 24.19 -16.02
CA GLY D 285 19.20 23.60 -17.33
C GLY D 285 20.29 23.76 -18.37
N ILE D 286 21.20 24.69 -18.13
CA ILE D 286 22.37 24.87 -19.01
C ILE D 286 23.52 24.01 -18.48
N GLU D 287 23.65 23.94 -17.15
CA GLU D 287 24.73 23.19 -16.53
C GLU D 287 24.60 21.67 -16.70
N ILE D 288 23.36 21.17 -16.79
CA ILE D 288 23.10 19.76 -17.04
C ILE D 288 22.15 19.62 -18.25
N PRO D 289 22.18 18.46 -18.95
CA PRO D 289 21.28 18.30 -20.09
C PRO D 289 19.81 18.64 -19.76
N ALA D 290 19.18 19.48 -20.60
CA ALA D 290 17.82 19.97 -20.36
C ALA D 290 16.82 18.87 -20.09
N GLU D 291 17.03 17.69 -20.67
CA GLU D 291 16.14 16.55 -20.50
C GLU D 291 16.30 15.86 -19.14
N LYS D 292 17.18 16.40 -18.30
CA LYS D 292 17.41 15.87 -16.98
C LYS D 292 16.88 16.81 -15.95
N VAL D 293 16.50 18.02 -16.36
CA VAL D 293 16.05 18.99 -15.34
C VAL D 293 14.89 18.48 -14.45
N PHE D 294 13.93 17.75 -15.05
CA PHE D 294 12.72 17.40 -14.29
C PHE D 294 13.05 16.37 -13.20
N LEU D 295 14.10 15.57 -13.42
CA LEU D 295 14.55 14.55 -12.49
C LEU D 295 15.08 15.17 -11.21
N ALA D 296 15.74 16.30 -11.37
CA ALA D 296 16.45 16.95 -10.29
C ALA D 296 15.48 17.83 -9.54
N GLN D 297 14.53 18.42 -10.29
CA GLN D 297 13.42 19.13 -9.70
C GLN D 297 12.66 18.22 -8.75
N LYS D 298 12.27 17.06 -9.27
CA LYS D 298 11.41 16.16 -8.52
C LYS D 298 12.17 15.49 -7.37
N MET D 299 13.45 15.17 -7.58
CA MET D 299 14.32 14.71 -6.50
C MET D 299 14.44 15.75 -5.36
N MET D 300 14.65 17.01 -5.67
CA MET D 300 14.89 17.99 -4.63
C MET D 300 13.64 18.42 -3.88
N ILE D 301 12.52 18.56 -4.60
CA ILE D 301 11.25 18.80 -3.96
C ILE D 301 10.88 17.62 -3.03
N GLY D 302 11.07 16.40 -3.52
CA GLY D 302 10.86 15.19 -2.68
C GLY D 302 11.65 15.23 -1.39
N ARG D 303 12.95 15.44 -1.49
CA ARG D 303 13.82 15.45 -0.33
C ARG D 303 13.51 16.58 0.64
N CYS D 304 13.22 17.77 0.12
CA CYS D 304 12.82 18.87 0.98
C CYS D 304 11.51 18.58 1.70
N ASN D 305 10.54 18.02 0.99
CA ASN D 305 9.26 17.60 1.60
C ASN D 305 9.52 16.58 2.71
N ARG D 306 10.44 15.64 2.45
CA ARG D 306 10.73 14.58 3.42
C ARG D 306 11.43 15.15 4.65
N ALA D 307 12.29 16.16 4.46
CA ALA D 307 12.96 16.83 5.58
C ALA D 307 12.11 17.90 6.26
N GLY D 308 10.98 18.27 5.65
CA GLY D 308 10.16 19.37 6.14
C GLY D 308 10.81 20.75 5.99
N LYS D 309 11.64 20.92 4.94
CA LYS D 309 12.26 22.22 4.65
C LYS D 309 11.69 22.85 3.35
N PRO D 310 11.55 24.19 3.32
CA PRO D 310 10.96 24.85 2.17
C PRO D 310 11.73 24.62 0.90
N VAL D 311 11.03 24.40 -0.19
CA VAL D 311 11.65 24.34 -1.49
C VAL D 311 10.88 25.25 -2.46
N ILE D 312 11.64 25.98 -3.28
CA ILE D 312 11.10 26.93 -4.26
C ILE D 312 11.37 26.42 -5.67
N CYS D 313 10.33 26.41 -6.53
CA CYS D 313 10.55 26.07 -7.92
C CYS D 313 10.58 27.37 -8.71
N ALA D 314 11.60 27.55 -9.53
CA ALA D 314 11.87 28.87 -10.11
C ALA D 314 12.33 28.82 -11.56
N THR D 315 12.03 29.92 -12.29
CA THR D 315 12.69 30.28 -13.56
C THR D 315 12.11 29.66 -14.83
N GLN D 316 11.79 30.54 -15.78
CA GLN D 316 11.13 30.19 -17.04
C GLN D 316 9.76 29.50 -16.89
N MET D 317 9.11 29.73 -15.76
CA MET D 317 7.81 29.07 -15.49
C MET D 317 6.71 29.56 -16.44
N LEU D 318 6.71 30.88 -16.68
CA LEU D 318 5.71 31.52 -17.52
C LEU D 318 6.43 32.44 -18.52
N GLU D 319 7.48 31.91 -19.16
CA GLU D 319 8.44 32.71 -19.95
C GLU D 319 7.82 33.57 -21.05
N SER D 320 6.93 32.98 -21.84
CA SER D 320 6.30 33.67 -22.95
C SER D 320 5.48 34.88 -22.46
N MET D 321 5.17 34.92 -21.17
CA MET D 321 4.45 36.05 -20.63
C MET D 321 5.29 37.32 -20.42
N ILE D 322 6.55 37.27 -20.83
CA ILE D 322 7.37 38.47 -20.91
C ILE D 322 6.82 39.33 -22.06
N LYS D 323 6.49 38.67 -23.18
CA LYS D 323 6.02 39.35 -24.40
C LYS D 323 4.50 39.25 -24.71
N LYS D 324 3.78 38.29 -24.12
CA LYS D 324 2.33 38.08 -24.36
C LYS D 324 1.48 38.08 -23.09
N PRO D 325 0.16 38.26 -23.20
CA PRO D 325 -0.64 38.31 -21.96
C PRO D 325 -1.26 36.97 -21.54
N ARG D 326 -1.07 35.95 -22.38
CA ARG D 326 -1.48 34.57 -22.08
C ARG D 326 -0.29 33.63 -22.21
N PRO D 327 -0.17 32.65 -21.28
CA PRO D 327 0.94 31.68 -21.30
C PRO D 327 0.78 30.59 -22.35
N THR D 328 1.83 29.82 -22.59
CA THR D 328 1.73 28.67 -23.47
C THR D 328 1.13 27.51 -22.67
N ARG D 329 0.72 26.45 -23.37
CA ARG D 329 0.24 25.22 -22.72
C ARG D 329 1.33 24.56 -21.92
N ALA D 330 2.57 24.59 -22.42
CA ALA D 330 3.68 23.98 -21.69
C ALA D 330 3.83 24.64 -20.37
N GLU D 331 3.62 25.95 -20.33
CA GLU D 331 3.77 26.79 -19.12
C GLU D 331 2.66 26.63 -18.09
N GLY D 332 1.43 26.43 -18.59
CA GLY D 332 0.30 26.14 -17.70
C GLY D 332 0.58 24.85 -16.94
N SER D 333 1.02 23.85 -17.69
CA SER D 333 1.42 22.53 -17.20
C SER D 333 2.56 22.55 -16.17
N ASP D 334 3.58 23.36 -16.42
CA ASP D 334 4.77 23.44 -15.55
C ASP D 334 4.43 24.05 -14.19
N VAL D 335 3.60 25.10 -14.15
CA VAL D 335 3.24 25.63 -12.84
C VAL D 335 2.43 24.62 -12.01
N ALA D 336 1.52 23.92 -12.67
CA ALA D 336 0.62 23.02 -11.97
C ALA D 336 1.39 21.80 -11.45
N ASN D 337 2.27 21.27 -12.30
CA ASN D 337 3.07 20.11 -11.95
C ASN D 337 4.15 20.38 -10.88
N ALA D 338 4.58 21.62 -10.72
CA ALA D 338 5.48 22.01 -9.62
C ALA D 338 4.78 22.00 -8.27
N VAL D 339 3.53 22.44 -8.27
CA VAL D 339 2.66 22.37 -7.09
C VAL D 339 2.35 20.88 -6.80
N LEU D 340 2.04 20.11 -7.83
CA LEU D 340 1.82 18.69 -7.62
C LEU D 340 3.08 17.98 -7.19
N ASP D 341 4.24 18.47 -7.62
CA ASP D 341 5.51 17.86 -7.20
C ASP D 341 5.65 17.94 -5.68
N GLY D 342 5.14 19.03 -5.07
CA GLY D 342 5.37 19.33 -3.65
C GLY D 342 6.02 20.69 -3.29
N ALA D 343 6.27 21.55 -4.30
CA ALA D 343 6.94 22.85 -4.06
C ALA D 343 6.15 23.71 -3.10
N ASP D 344 6.84 24.35 -2.18
CA ASP D 344 6.18 25.26 -1.25
C ASP D 344 5.90 26.59 -1.92
N CYS D 345 6.84 27.02 -2.77
CA CYS D 345 6.72 28.29 -3.45
C CYS D 345 6.98 28.16 -4.94
N ILE D 346 6.32 29.02 -5.69
CA ILE D 346 6.65 29.16 -7.10
C ILE D 346 7.13 30.60 -7.37
N MET D 347 7.93 30.77 -8.41
CA MET D 347 8.61 32.04 -8.57
C MET D 347 8.49 32.62 -9.98
N LEU D 348 8.52 33.94 -10.06
CA LEU D 348 8.57 34.61 -11.36
C LEU D 348 9.85 35.46 -11.46
N SER D 349 10.53 35.37 -12.60
CA SER D 349 11.76 36.14 -12.87
C SER D 349 11.51 37.34 -13.81
N GLY D 350 11.79 37.16 -15.10
CA GLY D 350 11.61 38.24 -16.10
C GLY D 350 10.14 38.66 -16.15
N GLU D 351 9.24 37.67 -16.07
CA GLU D 351 7.80 37.90 -16.10
C GLU D 351 7.40 39.12 -15.31
N THR D 352 8.00 39.28 -14.14
CA THR D 352 7.62 40.38 -13.25
C THR D 352 8.68 41.49 -13.19
N ALA D 353 9.89 41.21 -13.68
CA ALA D 353 11.00 42.14 -13.57
C ALA D 353 11.03 43.12 -14.74
N LYS D 354 10.99 42.58 -15.95
CA LYS D 354 11.21 43.31 -17.20
C LYS D 354 10.10 43.07 -18.27
N GLY D 355 9.08 42.27 -17.93
CA GLY D 355 8.05 41.93 -18.91
C GLY D 355 7.00 43.00 -19.11
N ASP D 356 6.26 42.89 -20.19
CA ASP D 356 5.17 43.84 -20.49
C ASP D 356 3.89 43.53 -19.71
N TYR D 357 3.89 42.42 -18.96
CA TYR D 357 2.66 41.99 -18.28
C TYR D 357 2.92 41.44 -16.87
N PRO D 358 3.43 42.29 -15.97
CA PRO D 358 3.80 41.74 -14.67
C PRO D 358 2.59 41.22 -13.88
N LEU D 359 1.52 42.00 -13.88
CA LEU D 359 0.32 41.67 -13.10
C LEU D 359 -0.40 40.47 -13.69
N GLU D 360 -0.35 40.31 -15.00
CA GLU D 360 -1.00 39.13 -15.63
C GLU D 360 -0.29 37.85 -15.26
N ALA D 361 1.03 37.95 -15.04
CA ALA D 361 1.88 36.83 -14.64
C ALA D 361 1.58 36.38 -13.21
N VAL D 362 1.47 37.35 -12.31
CA VAL D 362 1.17 37.06 -10.91
C VAL D 362 -0.19 36.38 -10.78
N ARG D 363 -1.24 36.98 -11.34
CA ARG D 363 -2.56 36.34 -11.41
C ARG D 363 -2.59 34.93 -12.01
N MET D 364 -1.90 34.71 -13.13
CA MET D 364 -1.89 33.38 -13.75
C MET D 364 -1.25 32.31 -12.85
N GLN D 365 -0.27 32.71 -12.03
CA GLN D 365 0.34 31.77 -11.08
C GLN D 365 -0.65 31.53 -9.96
N HIS D 366 -1.31 32.60 -9.53
CA HIS D 366 -2.29 32.48 -8.46
C HIS D 366 -3.41 31.52 -8.85
N LEU D 367 -3.87 31.62 -10.09
CA LEU D 367 -4.98 30.79 -10.52
C LEU D 367 -4.53 29.33 -10.69
N ILE D 368 -3.38 29.14 -11.33
CA ILE D 368 -2.93 27.76 -11.63
C ILE D 368 -2.64 27.02 -10.34
N ALA D 369 -2.05 27.71 -9.37
CA ALA D 369 -1.68 27.08 -8.11
C ALA D 369 -2.90 26.58 -7.42
N ARG D 370 -3.94 27.40 -7.38
CA ARG D 370 -5.14 27.05 -6.64
C ARG D 370 -5.87 25.83 -7.24
N GLU D 371 -6.00 25.79 -8.57
CA GLU D 371 -6.45 24.57 -9.24
C GLU D 371 -5.59 23.36 -8.89
N ALA D 372 -4.28 23.49 -9.03
CA ALA D 372 -3.39 22.37 -8.81
C ALA D 372 -3.50 21.81 -7.39
N GLU D 373 -3.68 22.68 -6.41
CA GLU D 373 -3.73 22.29 -4.98
C GLU D 373 -4.96 21.44 -4.61
N ALA D 374 -6.05 21.65 -5.33
CA ALA D 374 -7.24 20.84 -5.19
C ALA D 374 -7.06 19.47 -5.86
N ALA D 375 -6.10 19.34 -6.78
CA ALA D 375 -5.91 18.08 -7.50
C ALA D 375 -4.98 17.18 -6.73
N ILE D 376 -4.56 17.64 -5.55
CA ILE D 376 -3.62 16.90 -4.73
C ILE D 376 -4.31 15.66 -4.14
N TYR D 377 -3.67 14.51 -4.29
CA TYR D 377 -4.18 13.24 -3.74
C TYR D 377 -3.80 13.14 -2.26
N HIS D 378 -4.60 13.72 -1.39
CA HIS D 378 -4.17 13.95 -0.01
C HIS D 378 -4.05 12.64 0.76
N LEU D 379 -4.99 11.74 0.50
CA LEU D 379 -4.98 10.40 1.09
C LEU D 379 -3.59 9.77 1.10
N GLN D 380 -3.03 9.55 -0.07
CA GLN D 380 -1.71 8.94 -0.14
C GLN D 380 -0.60 9.87 0.33
N LEU D 381 -0.64 11.13 -0.09
CA LEU D 381 0.35 12.08 0.44
C LEU D 381 0.51 12.01 1.98
N PHE D 382 -0.58 12.20 2.71
CA PHE D 382 -0.53 12.22 4.18
C PHE D 382 -0.11 10.86 4.74
N GLU D 383 -0.62 9.78 4.18
CA GLU D 383 -0.17 8.45 4.63
C GLU D 383 1.33 8.33 4.52
N GLU D 384 1.87 8.67 3.36
CA GLU D 384 3.33 8.55 3.15
C GLU D 384 4.17 9.46 4.04
N LEU D 385 3.70 10.69 4.28
CA LEU D 385 4.46 11.67 5.10
C LEU D 385 4.55 11.22 6.54
N ARG D 386 3.47 10.58 7.03
CA ARG D 386 3.48 9.87 8.32
C ARG D 386 4.54 8.77 8.39
N ARG D 387 4.30 7.65 7.72
CA ARG D 387 5.22 6.52 7.68
C ARG D 387 6.67 6.96 7.73
N LEU D 388 7.02 7.97 6.92
CA LEU D 388 8.42 8.38 6.69
C LEU D 388 8.95 9.49 7.61
N ALA D 389 8.11 9.97 8.51
CA ALA D 389 8.56 10.92 9.52
C ALA D 389 8.76 10.16 10.83
N PRO D 390 9.86 10.45 11.54
CA PRO D 390 10.29 9.75 12.75
C PRO D 390 9.24 9.61 13.87
N ILE D 391 9.51 8.69 14.80
CA ILE D 391 8.85 8.68 16.10
C ILE D 391 9.73 9.50 17.04
N THR D 392 9.16 10.58 17.57
CA THR D 392 9.91 11.55 18.34
C THR D 392 9.24 11.75 19.69
N SER D 393 10.02 12.16 20.69
CA SER D 393 9.50 12.47 22.01
C SER D 393 9.00 13.91 22.07
N ASP D 394 9.19 14.65 20.98
CA ASP D 394 8.84 16.05 20.94
C ASP D 394 7.33 16.26 20.87
N PRO D 395 6.75 16.81 21.95
CA PRO D 395 5.31 17.03 22.12
C PRO D 395 4.71 17.87 21.02
N THR D 396 5.46 18.86 20.54
CA THR D 396 4.90 19.80 19.58
C THR D 396 4.72 19.12 18.23
N GLU D 397 5.55 18.11 17.97
CA GLU D 397 5.44 17.29 16.79
C GLU D 397 4.20 16.38 16.83
N ALA D 398 3.90 15.82 17.99
CA ALA D 398 2.71 15.00 18.16
C ALA D 398 1.43 15.80 17.99
N THR D 399 1.34 16.90 18.73
CA THR D 399 0.27 17.86 18.55
C THR D 399 0.09 18.20 17.07
N ALA D 400 1.18 18.50 16.37
CA ALA D 400 1.12 18.90 14.97
C ALA D 400 0.51 17.84 14.04
N VAL D 401 0.93 16.60 14.21
CA VAL D 401 0.42 15.53 13.35
C VAL D 401 -1.02 15.16 13.78
N GLY D 402 -1.28 15.21 15.10
CA GLY D 402 -2.64 15.06 15.62
C GLY D 402 -3.60 16.03 14.95
N ALA D 403 -3.18 17.28 14.80
CA ALA D 403 -4.04 18.33 14.27
C ALA D 403 -4.29 18.16 12.78
N VAL D 404 -3.28 17.76 12.03
CA VAL D 404 -3.51 17.49 10.64
C VAL D 404 -4.43 16.27 10.47
N GLU D 405 -4.26 15.25 11.29
CA GLU D 405 -5.14 14.09 11.27
C GLU D 405 -6.59 14.53 11.51
N ALA D 406 -6.79 15.31 12.56
CA ALA D 406 -8.12 15.80 12.92
C ALA D 406 -8.71 16.64 11.79
N SER D 407 -7.89 17.45 11.15
CA SER D 407 -8.38 18.33 10.09
C SER D 407 -8.86 17.57 8.85
N PHE D 408 -8.34 16.37 8.63
CA PHE D 408 -8.87 15.51 7.57
C PHE D 408 -10.18 14.83 8.02
N LYS D 409 -10.19 14.37 9.27
CA LYS D 409 -11.36 13.75 9.83
C LYS D 409 -12.63 14.61 9.76
N CYS D 410 -12.52 15.92 10.01
CA CYS D 410 -13.72 16.78 10.02
C CYS D 410 -13.77 17.83 8.91
N CYS D 411 -12.90 17.67 7.91
CA CYS D 411 -12.85 18.55 6.72
C CYS D 411 -12.89 20.04 7.11
N SER D 412 -11.95 20.46 7.95
CA SER D 412 -12.03 21.75 8.60
C SER D 412 -11.69 22.92 7.66
N GLY D 413 -12.18 24.11 8.01
CA GLY D 413 -12.01 25.29 7.18
C GLY D 413 -10.59 25.80 7.30
N ALA D 414 -9.97 25.55 8.45
CA ALA D 414 -8.61 26.01 8.68
C ALA D 414 -7.96 25.34 9.87
N ILE D 415 -6.62 25.42 9.92
CA ILE D 415 -5.90 25.08 11.13
C ILE D 415 -5.27 26.35 11.66
N ILE D 416 -5.72 26.78 12.83
CA ILE D 416 -5.23 28.03 13.41
C ILE D 416 -4.15 27.70 14.41
N VAL D 417 -3.01 28.35 14.23
CA VAL D 417 -1.83 28.12 15.06
C VAL D 417 -1.26 29.45 15.57
N LEU D 418 -1.08 29.52 16.88
CA LEU D 418 -0.44 30.64 17.54
C LEU D 418 1.04 30.37 17.64
N THR D 419 1.84 31.20 17.01
CA THR D 419 3.27 30.94 16.99
C THR D 419 4.12 32.21 17.15
N LYS D 420 5.19 32.08 17.93
CA LYS D 420 6.12 33.17 18.15
C LYS D 420 7.23 33.14 17.10
N SER D 421 7.91 32.01 16.98
CA SER D 421 9.04 31.90 16.06
C SER D 421 8.58 31.42 14.70
N GLY D 422 7.41 30.79 14.67
CA GLY D 422 6.89 30.19 13.43
C GLY D 422 6.94 28.67 13.38
N ARG D 423 7.79 28.07 14.23
CA ARG D 423 8.09 26.62 14.18
C ARG D 423 6.85 25.73 14.30
N SER D 424 5.97 26.07 15.24
CA SER D 424 4.70 25.36 15.41
C SER D 424 3.94 25.29 14.10
N ALA D 425 3.81 26.42 13.40
CA ALA D 425 3.13 26.44 12.12
C ALA D 425 3.93 25.69 11.05
N HIS D 426 5.26 25.74 11.11
CA HIS D 426 6.08 24.99 10.15
C HIS D 426 5.83 23.49 10.34
N GLN D 427 5.68 23.07 11.58
CA GLN D 427 5.54 21.66 11.87
C GLN D 427 4.25 21.08 11.32
N VAL D 428 3.19 21.88 11.28
CA VAL D 428 1.91 21.51 10.69
C VAL D 428 1.97 21.45 9.18
N ALA D 429 2.59 22.47 8.60
CA ALA D 429 2.71 22.57 7.16
C ALA D 429 3.45 21.38 6.55
N ARG D 430 4.42 20.81 7.27
CA ARG D 430 5.15 19.67 6.68
C ARG D 430 4.25 18.44 6.48
N TYR D 431 3.10 18.38 7.16
CA TYR D 431 2.16 17.26 6.96
C TYR D 431 1.13 17.49 5.86
N ARG D 432 1.24 18.67 5.23
CA ARG D 432 0.45 19.02 4.06
C ARG D 432 -1.05 18.89 4.27
N PRO D 433 -1.61 19.66 5.22
CA PRO D 433 -3.07 19.59 5.30
C PRO D 433 -3.68 20.19 4.03
N ARG D 434 -4.93 19.87 3.76
CA ARG D 434 -5.66 20.54 2.69
C ARG D 434 -6.07 21.95 3.16
N ALA D 435 -6.35 22.06 4.46
CA ALA D 435 -6.91 23.26 5.02
C ALA D 435 -5.82 24.30 5.21
N PRO D 436 -6.10 25.56 4.82
CA PRO D 436 -5.14 26.63 5.05
C PRO D 436 -4.75 26.73 6.53
N ILE D 437 -3.49 27.06 6.75
CA ILE D 437 -2.97 27.22 8.07
C ILE D 437 -2.88 28.72 8.38
N ILE D 438 -3.75 29.21 9.25
CA ILE D 438 -3.65 30.59 9.69
C ILE D 438 -2.69 30.66 10.87
N ALA D 439 -1.53 31.24 10.61
CA ALA D 439 -0.51 31.39 11.64
C ALA D 439 -0.59 32.79 12.26
N VAL D 440 -1.05 32.86 13.50
CA VAL D 440 -1.19 34.11 14.19
C VAL D 440 0.07 34.35 14.98
N THR D 441 0.76 35.43 14.65
CA THR D 441 1.99 35.79 15.33
C THR D 441 2.00 37.29 15.72
N ARG D 442 2.85 37.65 16.68
CA ARG D 442 3.07 39.08 17.00
C ARG D 442 4.40 39.57 16.45
N ASN D 443 5.19 38.63 15.95
CA ASN D 443 6.52 38.89 15.44
C ASN D 443 6.37 39.15 13.95
N PRO D 444 6.64 40.41 13.53
CA PRO D 444 6.50 40.79 12.11
C PRO D 444 7.41 39.99 11.21
N GLN D 445 8.58 39.63 11.72
CA GLN D 445 9.56 38.90 10.92
C GLN D 445 9.13 37.47 10.66
N THR D 446 8.60 36.77 11.68
CA THR D 446 8.16 35.39 11.41
C THR D 446 6.94 35.38 10.49
N ALA D 447 6.16 36.46 10.56
CA ALA D 447 4.99 36.63 9.71
C ALA D 447 5.40 36.67 8.25
N ARG D 448 6.48 37.37 7.99
CA ARG D 448 7.01 37.46 6.66
C ARG D 448 7.65 36.14 6.20
N GLN D 449 8.37 35.47 7.10
CA GLN D 449 9.14 34.30 6.72
C GLN D 449 8.26 33.07 6.49
N ALA D 450 7.07 33.09 7.10
CA ALA D 450 6.12 32.00 7.00
C ALA D 450 5.69 31.76 5.57
N HIS D 451 5.86 32.77 4.72
CA HIS D 451 5.43 32.62 3.33
C HIS D 451 6.22 31.50 2.63
N LEU D 452 7.28 31.03 3.26
CA LEU D 452 8.09 30.00 2.61
C LEU D 452 7.43 28.61 2.67
N TYR D 453 6.42 28.46 3.52
CA TYR D 453 5.88 27.16 3.84
C TYR D 453 4.52 27.01 3.25
N ARG D 454 4.40 26.01 2.38
CA ARG D 454 3.15 25.63 1.78
C ARG D 454 2.02 25.66 2.80
N GLY D 455 0.97 26.42 2.47
CA GLY D 455 -0.27 26.42 3.23
C GLY D 455 -0.36 27.40 4.38
N ILE D 456 0.70 28.14 4.69
CA ILE D 456 0.63 29.10 5.81
C ILE D 456 0.20 30.50 5.33
N PHE D 457 -0.95 30.95 5.82
CA PHE D 457 -1.40 32.30 5.63
C PHE D 457 -1.05 33.06 6.92
N PRO D 458 0.06 33.80 6.90
CA PRO D 458 0.43 34.49 8.12
C PRO D 458 -0.46 35.71 8.35
N VAL D 459 -0.77 35.98 9.62
CA VAL D 459 -1.46 37.20 10.00
C VAL D 459 -0.77 37.78 11.22
N LEU D 460 -0.57 39.09 11.21
CA LEU D 460 0.19 39.74 12.25
C LEU D 460 -0.71 40.51 13.20
N CYS D 461 -0.66 40.10 14.47
CA CYS D 461 -1.45 40.72 15.53
C CYS D 461 -0.75 41.99 15.97
N LYS D 462 -1.52 43.06 16.15
CA LYS D 462 -0.97 44.35 16.59
C LYS D 462 -1.43 44.71 18.00
N ASP D 463 -2.49 44.05 18.46
CA ASP D 463 -3.03 44.21 19.81
C ASP D 463 -1.93 44.13 20.86
N PRO D 464 -2.13 44.78 22.03
CA PRO D 464 -1.12 44.62 23.06
C PRO D 464 -1.29 43.29 23.79
N VAL D 465 -0.18 42.74 24.28
CA VAL D 465 -0.23 41.58 25.17
C VAL D 465 -1.20 41.86 26.31
N GLN D 466 -2.13 40.93 26.52
CA GLN D 466 -3.02 40.95 27.67
C GLN D 466 -2.32 40.31 28.84
N GLU D 467 -2.60 40.79 30.04
CA GLU D 467 -1.93 40.26 31.23
C GLU D 467 -2.28 38.79 31.49
N ALA D 468 -3.57 38.44 31.39
CA ALA D 468 -4.04 37.07 31.60
C ALA D 468 -3.87 36.21 30.33
N TRP D 469 -2.93 35.25 30.41
CA TRP D 469 -2.59 34.36 29.31
C TRP D 469 -3.83 33.78 28.62
N ALA D 470 -4.73 33.20 29.40
CA ALA D 470 -5.95 32.61 28.88
C ALA D 470 -6.76 33.55 27.99
N GLU D 471 -6.80 34.83 28.33
CA GLU D 471 -7.54 35.83 27.56
C GLU D 471 -6.78 36.32 26.35
N ASP D 472 -5.45 36.28 26.44
CA ASP D 472 -4.56 36.72 25.38
C ASP D 472 -4.47 35.67 24.26
N VAL D 473 -4.71 34.40 24.60
CA VAL D 473 -4.85 33.34 23.60
C VAL D 473 -6.12 33.61 22.81
N ASP D 474 -7.23 33.78 23.53
CA ASP D 474 -8.56 33.96 22.92
C ASP D 474 -8.59 35.19 22.00
N LEU D 475 -7.84 36.23 22.37
CA LEU D 475 -7.74 37.43 21.55
C LEU D 475 -7.15 37.11 20.18
N ARG D 476 -6.08 36.32 20.20
CA ARG D 476 -5.38 35.97 18.97
C ARG D 476 -6.18 34.94 18.18
N VAL D 477 -6.73 33.95 18.88
CA VAL D 477 -7.62 33.00 18.25
C VAL D 477 -8.75 33.75 17.50
N ASN D 478 -9.45 34.61 18.22
CA ASN D 478 -10.54 35.40 17.65
C ASN D 478 -10.17 36.25 16.45
N PHE D 479 -8.94 36.71 16.44
CA PHE D 479 -8.39 37.49 15.34
C PHE D 479 -8.32 36.58 14.10
N ALA D 480 -7.87 35.34 14.32
CA ALA D 480 -7.75 34.40 13.21
C ALA D 480 -9.14 34.05 12.70
N MET D 481 -10.09 33.92 13.62
CA MET D 481 -11.47 33.71 13.21
C MET D 481 -11.96 34.83 12.30
N ASN D 482 -11.73 36.09 12.70
CA ASN D 482 -12.18 37.25 11.95
C ASN D 482 -11.51 37.31 10.61
N VAL D 483 -10.21 36.97 10.60
CA VAL D 483 -9.41 36.92 9.38
C VAL D 483 -9.94 35.89 8.41
N GLY D 484 -10.41 34.76 8.94
CA GLY D 484 -10.93 33.69 8.13
C GLY D 484 -12.28 33.99 7.52
N LYS D 485 -13.10 34.72 8.27
CA LYS D 485 -14.45 35.07 7.80
C LYS D 485 -14.35 36.09 6.68
N ALA D 486 -13.51 37.11 6.86
CA ALA D 486 -13.31 38.17 5.87
C ALA D 486 -12.69 37.62 4.59
N ARG D 487 -11.83 36.62 4.74
CA ARG D 487 -11.10 36.05 3.60
C ARG D 487 -11.87 34.97 2.86
N GLY D 488 -13.00 34.55 3.43
CA GLY D 488 -13.86 33.55 2.79
C GLY D 488 -13.31 32.13 2.88
N PHE D 489 -12.48 31.91 3.88
CA PHE D 489 -11.91 30.60 4.18
C PHE D 489 -12.98 29.72 4.82
N PHE D 490 -13.73 30.30 5.73
CA PHE D 490 -14.84 29.62 6.39
C PHE D 490 -15.92 30.61 6.82
N LYS D 491 -17.01 30.09 7.40
CA LYS D 491 -18.08 30.92 7.95
C LYS D 491 -18.53 30.42 9.33
N LYS D 492 -19.30 31.25 10.03
CA LYS D 492 -19.92 30.93 11.32
C LYS D 492 -20.54 29.55 11.23
N GLY D 493 -20.32 28.72 12.25
CA GLY D 493 -20.82 27.37 12.22
C GLY D 493 -19.91 26.30 11.61
N ASP D 494 -18.83 26.72 10.94
CA ASP D 494 -17.84 25.76 10.46
C ASP D 494 -16.95 25.32 11.62
N VAL D 495 -16.34 24.14 11.51
CA VAL D 495 -15.41 23.59 12.49
C VAL D 495 -13.96 23.88 12.07
N VAL D 496 -13.15 24.43 12.98
CA VAL D 496 -11.73 24.66 12.72
C VAL D 496 -10.90 24.04 13.81
N ILE D 497 -9.62 23.82 13.53
CA ILE D 497 -8.67 23.25 14.48
C ILE D 497 -7.81 24.37 15.04
N VAL D 498 -7.64 24.41 16.35
CA VAL D 498 -6.83 25.45 16.99
C VAL D 498 -5.69 24.87 17.80
N LEU D 499 -4.46 25.29 17.53
CA LEU D 499 -3.30 24.81 18.29
C LEU D 499 -2.71 25.91 19.14
N THR D 500 -2.68 25.69 20.45
CA THR D 500 -2.11 26.69 21.33
C THR D 500 -1.12 26.02 22.26
N GLY D 501 -0.44 26.81 23.09
CA GLY D 501 0.54 26.30 24.06
C GLY D 501 -0.01 26.37 25.47
N TRP D 502 0.70 25.83 26.46
CA TRP D 502 0.24 25.82 27.86
C TRP D 502 0.78 27.01 28.71
N ARG D 503 1.68 27.79 28.12
CA ARG D 503 2.34 28.91 28.79
C ARG D 503 2.93 29.85 27.73
N PRO D 504 3.31 31.09 28.12
CA PRO D 504 3.92 31.98 27.13
C PRO D 504 5.34 31.54 26.71
N GLY D 505 5.75 31.91 25.49
CA GLY D 505 7.09 31.54 24.99
C GLY D 505 7.10 30.44 23.92
N SER D 506 8.22 30.36 23.20
CA SER D 506 8.43 29.35 22.15
C SER D 506 8.59 27.93 22.71
N GLY D 507 8.28 26.94 21.86
CA GLY D 507 8.47 25.52 22.18
C GLY D 507 7.47 24.87 23.14
N PHE D 508 6.32 25.52 23.35
CA PHE D 508 5.31 24.99 24.27
C PHE D 508 3.95 24.69 23.66
N THR D 509 3.87 24.60 22.32
CA THR D 509 2.63 24.16 21.66
C THR D 509 2.37 22.68 22.00
N ASN D 510 1.20 22.42 22.59
CA ASN D 510 0.87 21.09 23.11
C ASN D 510 -0.63 20.86 23.17
N THR D 511 -1.41 21.74 22.58
CA THR D 511 -2.83 21.73 22.83
C THR D 511 -3.55 21.91 21.54
N MET D 512 -4.39 20.93 21.21
CA MET D 512 -5.23 21.02 20.04
C MET D 512 -6.68 20.99 20.46
N ARG D 513 -7.47 21.89 19.89
CA ARG D 513 -8.90 21.90 20.13
C ARG D 513 -9.62 21.95 18.81
N VAL D 514 -10.76 21.26 18.74
CA VAL D 514 -11.64 21.32 17.58
C VAL D 514 -12.81 22.21 17.99
N VAL D 515 -12.99 23.30 17.24
CA VAL D 515 -13.77 24.45 17.69
C VAL D 515 -14.66 25.00 16.59
N PRO D 516 -15.94 25.28 16.92
CA PRO D 516 -16.86 25.92 15.96
C PRO D 516 -16.49 27.38 15.76
N VAL D 517 -16.54 27.86 14.52
CA VAL D 517 -16.33 29.27 14.23
C VAL D 517 -17.51 30.07 14.81
N PRO D 518 -17.21 31.04 15.71
CA PRO D 518 -18.28 31.84 16.30
C PRO D 518 -18.74 32.95 15.33
C1 OXL E . 8.66 -32.25 18.50
C2 OXL E . 8.27 -31.18 19.44
O1 OXL E . 9.75 -32.85 18.68
O2 OXL E . 7.33 -30.41 19.17
O3 OXL E . 7.92 -32.56 17.52
O4 OXL E . 8.92 -31.04 20.51
MG MG F . 10.92 -32.27 20.44
CAI NZT G . -2.39 -11.95 3.54
CAE NZT G . -1.50 -10.90 3.40
CAO NZT G . -0.19 -11.00 3.86
CBD NZT G . 0.20 -12.18 4.47
CAN NZT G . 1.51 -12.29 4.94
CAD NZT G . 1.90 -13.47 5.53
CAF NZT G . 0.99 -14.53 5.65
NAW NZT G . -0.34 -14.40 5.17
CBE NZT G . -0.71 -13.25 4.60
CBC NZT G . -2.00 -13.13 4.14
S1 NZT G . -3.12 -14.49 4.27
OAB NZT G . -4.51 -14.10 3.75
OAC NZT G . -2.53 -15.58 3.41
NAX NZT G . -3.29 -15.05 5.84
CAZ NZT G . -4.09 -14.46 6.77
CAJ NZT G . -5.48 -14.31 6.60
CAL NZT G . -6.27 -13.74 7.62
CAK NZT G . -3.49 -14.06 7.97
CAM NZT G . -4.28 -13.49 8.98
CBA NZT G . -5.67 -13.30 8.81
CAY NZT G . -6.40 -12.73 9.87
OAA NZT G . -7.18 -13.47 10.49
NBF NZT G . -6.22 -11.43 10.27
CAQ NZT G . -5.29 -10.54 9.50
CAS NZT G . -5.89 -9.14 9.31
CAR NZT G . -6.98 -10.87 11.47
CAT NZT G . -7.31 -9.35 11.43
NBG NZT G . -6.26 -8.61 10.67
CBB NZT G . -5.49 -7.59 11.14
NAV NZT G . -5.34 -6.51 10.35
CAH NZT G . -4.50 -5.46 10.71
CAG NZT G . -3.81 -5.54 11.91
NAU NZT G . -3.93 -6.65 12.77
CAP NZT G . -4.78 -7.69 12.35
C1 OXL H . -21.26 -21.15 24.17
C2 OXL H . -21.75 -20.35 25.33
O1 OXL H . -20.09 -20.99 23.72
O2 OXL H . -20.92 -19.84 26.16
O3 OXL H . -22.04 -21.97 23.62
O4 OXL H . -22.99 -20.17 25.47
MG MG I . -24.04 -21.66 24.21
C1 OXL J . -4.93 20.92 -32.43
C2 OXL J . -5.02 21.89 -31.33
O1 OXL J . -3.95 20.13 -32.51
O2 OXL J . -5.99 22.68 -31.30
O3 OXL J . -5.88 20.90 -33.26
O4 OXL J . -4.15 21.91 -30.44
MG MG K . -7.39 22.44 -33.14
C1 OXL L . 18.31 30.56 -12.09
C2 OXL L . 18.39 31.55 -11.01
O1 OXL L . 19.34 30.22 -12.75
O2 OXL L . 19.50 32.10 -10.77
O3 OXL L . 17.20 30.03 -12.31
O4 OXL L . 17.37 31.83 -10.33
MG MG M . 21.35 31.58 -11.85
CAI NZT N . 0.09 12.07 -3.98
CAI NZT N . 2.52 5.80 -10.82
CAE NZT N . 0.74 10.93 -3.49
CAE NZT N . 1.37 5.34 -10.19
CAO NZT N . 2.10 10.97 -3.24
CAO NZT N . 0.11 5.58 -10.76
CBD NZT N . 2.83 12.14 -3.49
CBD NZT N . 0.02 6.28 -11.96
CAN NZT N . 4.20 12.19 -3.25
CAN NZT N . -1.23 6.52 -12.53
CAD NZT N . 4.92 13.36 -3.49
CAD NZT N . -1.32 7.20 -13.74
CAF NZT N . 4.26 14.49 -3.96
CAF NZT N . -0.15 7.64 -14.35
NAW NZT N . 2.85 14.42 -4.20
NAW NZT N . 1.09 7.39 -13.76
CBE NZT N . 2.17 13.29 -3.98
CBE NZT N . 1.18 6.73 -12.60
CBC NZT N . 0.81 13.25 -4.22
CBC NZT N . 2.43 6.49 -12.02
S1 NZT N . 0.04 14.67 -4.80
S1 NZT N . 3.83 7.06 -12.84
OAB NZT N . -1.43 14.42 -5.13
OAB NZT N . 5.10 6.96 -11.98
OAC NZT N . 0.12 15.67 -3.68
OAC NZT N . 3.97 6.23 -14.12
NAX NZT N . 0.80 15.23 -6.10
NAX NZT N . 3.63 8.56 -13.21
CAZ NZT N . 0.56 14.73 -7.32
CAZ NZT N . 4.10 9.49 -12.40
CAJ NZT N . -0.74 14.56 -7.86
CAJ NZT N . 5.37 9.47 -11.82
CAL NZT N . -0.90 14.07 -9.17
CAL NZT N . 5.77 10.53 -10.99
CAK NZT N . 1.66 14.42 -8.10
CAK NZT N . 3.27 10.57 -12.15
CAM NZT N . 1.52 13.93 -9.39
CAM NZT N . 3.65 11.61 -11.35
CBA NZT N . 0.23 13.75 -9.93
CBA NZT N . 4.90 11.60 -10.75
CAY NZT N . 0.13 13.26 -11.24
CAY NZT N . 5.21 12.71 -9.96
OAA NZT N . -0.34 14.00 -12.09
OAA NZT N . 6.10 13.47 -10.34
NBF NZT N . 0.61 12.02 -11.55
NBF NZT N . 4.44 13.00 -8.87
CAQ NZT N . 0.50 11.50 -12.93
CAQ NZT N . 4.72 14.19 -8.03
CAS NZT N . -0.39 10.25 -12.92
CAS NZT N . 4.92 13.83 -6.54
CAR NZT N . 1.16 11.10 -10.53
CAR NZT N . 3.39 12.09 -8.42
CAT NZT N . 0.21 9.93 -10.41
CAT NZT N . 3.78 11.55 -7.05
NBG NZT N . -0.11 9.37 -11.75
NBG NZT N . 4.14 12.63 -6.10
CBB NZT N . -0.15 8.04 -11.86
CBB NZT N . 3.80 12.46 -4.82
NAV NZT N . 0.94 7.33 -11.56
NAV NZT N . 2.50 12.25 -4.51
CAH NZT N . 0.95 5.92 -11.63
CAH NZT N . 2.10 12.05 -3.17
CAG NZT N . -0.22 5.28 -12.04
CAG NZT N . 3.07 12.07 -2.16
NAU NZT N . -1.37 6.03 -12.38
NAU NZT N . 4.42 12.30 -2.49
CAP NZT N . -1.33 7.42 -12.27
CAP NZT N . 4.78 12.49 -3.82
#